data_3RJ2
# 
_entry.id   3RJ2 
# 
_audit_conform.dict_name       mmcif_pdbx.dic 
_audit_conform.dict_version    5.388 
_audit_conform.dict_location   http://mmcif.pdb.org/dictionaries/ascii/mmcif_pdbx.dic 
# 
loop_
_database_2.database_id 
_database_2.database_code 
_database_2.pdbx_database_accession 
_database_2.pdbx_DOI 
PDB   3RJ2         pdb_00003rj2 10.2210/pdb3rj2/pdb 
RCSB  RCSB064992   ?            ?                   
WWPDB D_1000064992 ?            ?                   
# 
loop_
_pdbx_audit_revision_history.ordinal 
_pdbx_audit_revision_history.data_content_type 
_pdbx_audit_revision_history.major_revision 
_pdbx_audit_revision_history.minor_revision 
_pdbx_audit_revision_history.revision_date 
1 'Structure model' 1 0 2012-02-29 
2 'Structure model' 1 1 2024-03-20 
# 
_pdbx_audit_revision_details.ordinal             1 
_pdbx_audit_revision_details.revision_ordinal    1 
_pdbx_audit_revision_details.data_content_type   'Structure model' 
_pdbx_audit_revision_details.provider            repository 
_pdbx_audit_revision_details.type                'Initial release' 
_pdbx_audit_revision_details.description         ? 
_pdbx_audit_revision_details.details             ? 
# 
loop_
_pdbx_audit_revision_group.ordinal 
_pdbx_audit_revision_group.revision_ordinal 
_pdbx_audit_revision_group.data_content_type 
_pdbx_audit_revision_group.group 
1 2 'Structure model' 'Data collection'     
2 2 'Structure model' 'Database references' 
# 
loop_
_pdbx_audit_revision_category.ordinal 
_pdbx_audit_revision_category.revision_ordinal 
_pdbx_audit_revision_category.data_content_type 
_pdbx_audit_revision_category.category 
1 2 'Structure model' chem_comp_atom 
2 2 'Structure model' chem_comp_bond 
3 2 'Structure model' database_2     
# 
loop_
_pdbx_audit_revision_item.ordinal 
_pdbx_audit_revision_item.revision_ordinal 
_pdbx_audit_revision_item.data_content_type 
_pdbx_audit_revision_item.item 
1 2 'Structure model' '_database_2.pdbx_DOI'                
2 2 'Structure model' '_database_2.pdbx_database_accession' 
# 
_pdbx_database_status.status_code                     REL 
_pdbx_database_status.entry_id                        3RJ2 
_pdbx_database_status.recvd_initial_deposition_date   2011-04-15 
_pdbx_database_status.deposit_site                    RCSB 
_pdbx_database_status.process_site                    PDBJ 
_pdbx_database_status.status_code_sf                  REL 
_pdbx_database_status.status_code_mr                  ? 
_pdbx_database_status.SG_entry                        ? 
_pdbx_database_status.status_code_cs                  ? 
_pdbx_database_status.methods_development_category    ? 
_pdbx_database_status.pdb_format_compatible           Y 
_pdbx_database_status.status_code_nmr_data            ? 
# 
loop_
_audit_author.name 
_audit_author.pdbx_ordinal 
'Chen, L.'      1 
'Liu, Y.'       2 
'Sivaraman, J.' 3 
'Hew, C.L.'     4 
# 
_citation.id                        primary 
_citation.title                     'Novel histone H3 binding protein ORF158L from the Singapore grouper iridovirus' 
_citation.journal_abbrev            J.Virol. 
_citation.journal_volume            85 
_citation.page_first                9159 
_citation.page_last                 9166 
_citation.year                      2011 
_citation.journal_id_ASTM           JOVIAM 
_citation.country                   US 
_citation.journal_id_ISSN           0022-538X 
_citation.journal_id_CSD            0825 
_citation.book_publisher            ? 
_citation.pdbx_database_id_PubMed   21715494 
_citation.pdbx_database_id_DOI      10.1128/JVI.02219-10 
# 
loop_
_citation_author.citation_id 
_citation_author.name 
_citation_author.ordinal 
_citation_author.identifier_ORCID 
primary 'Tran, B.N.'           1 ? 
primary 'Chen, L.'             2 ? 
primary 'Liu, Y.'              3 ? 
primary 'Wu, J.'               4 ? 
primary 'Velazquez-Campoy, A.' 5 ? 
primary 'Sivaraman, J.'        6 ? 
primary 'Hew, C.L.'            7 ? 
# 
loop_
_entity.id 
_entity.type 
_entity.src_method 
_entity.pdbx_description 
_entity.formula_weight 
_entity.pdbx_number_of_molecules 
_entity.pdbx_ec 
_entity.pdbx_mutation 
_entity.pdbx_fragment 
_entity.details 
1 polymer man 'Putative uncharacterized protein' 15795.838 1  ? ? ? ? 
2 water   nat water                              18.015    69 ? ? ? ? 
# 
_entity_name_com.entity_id   1 
_entity_name_com.name        'ORF158L protein' 
# 
_entity_poly.entity_id                      1 
_entity_poly.type                           'polypeptide(L)' 
_entity_poly.nstd_linkage                   no 
_entity_poly.nstd_monomer                   no 
_entity_poly.pdbx_seq_one_letter_code       
;MGWAIVANCEFVNATGKKTTILVNENWAKYCWIWTYKFPEKYTLLRYSVDGEMFMRHRVTFFNATGRYITHTHLNHGLED
VLEGSLAVPKDAAYARIHAAINVSLTNPGDVHMHYDETEGEQIRSYDAAEFARTLAAV
;
_entity_poly.pdbx_seq_one_letter_code_can   
;MGWAIVANCEFVNATGKKTTILVNENWAKYCWIWTYKFPEKYTLLRYSVDGEMFMRHRVTFFNATGRYITHTHLNHGLED
VLEGSLAVPKDAAYARIHAAINVSLTNPGDVHMHYDETEGEQIRSYDAAEFARTLAAV
;
_entity_poly.pdbx_strand_id                 X 
_entity_poly.pdbx_target_identifier         ? 
# 
_pdbx_entity_nonpoly.entity_id   2 
_pdbx_entity_nonpoly.name        water 
_pdbx_entity_nonpoly.comp_id     HOH 
# 
loop_
_entity_poly_seq.entity_id 
_entity_poly_seq.num 
_entity_poly_seq.mon_id 
_entity_poly_seq.hetero 
1 1   MET n 
1 2   GLY n 
1 3   TRP n 
1 4   ALA n 
1 5   ILE n 
1 6   VAL n 
1 7   ALA n 
1 8   ASN n 
1 9   CYS n 
1 10  GLU n 
1 11  PHE n 
1 12  VAL n 
1 13  ASN n 
1 14  ALA n 
1 15  THR n 
1 16  GLY n 
1 17  LYS n 
1 18  LYS n 
1 19  THR n 
1 20  THR n 
1 21  ILE n 
1 22  LEU n 
1 23  VAL n 
1 24  ASN n 
1 25  GLU n 
1 26  ASN n 
1 27  TRP n 
1 28  ALA n 
1 29  LYS n 
1 30  TYR n 
1 31  CYS n 
1 32  TRP n 
1 33  ILE n 
1 34  TRP n 
1 35  THR n 
1 36  TYR n 
1 37  LYS n 
1 38  PHE n 
1 39  PRO n 
1 40  GLU n 
1 41  LYS n 
1 42  TYR n 
1 43  THR n 
1 44  LEU n 
1 45  LEU n 
1 46  ARG n 
1 47  TYR n 
1 48  SER n 
1 49  VAL n 
1 50  ASP n 
1 51  GLY n 
1 52  GLU n 
1 53  MET n 
1 54  PHE n 
1 55  MET n 
1 56  ARG n 
1 57  HIS n 
1 58  ARG n 
1 59  VAL n 
1 60  THR n 
1 61  PHE n 
1 62  PHE n 
1 63  ASN n 
1 64  ALA n 
1 65  THR n 
1 66  GLY n 
1 67  ARG n 
1 68  TYR n 
1 69  ILE n 
1 70  THR n 
1 71  HIS n 
1 72  THR n 
1 73  HIS n 
1 74  LEU n 
1 75  ASN n 
1 76  HIS n 
1 77  GLY n 
1 78  LEU n 
1 79  GLU n 
1 80  ASP n 
1 81  VAL n 
1 82  LEU n 
1 83  GLU n 
1 84  GLY n 
1 85  SER n 
1 86  LEU n 
1 87  ALA n 
1 88  VAL n 
1 89  PRO n 
1 90  LYS n 
1 91  ASP n 
1 92  ALA n 
1 93  ALA n 
1 94  TYR n 
1 95  ALA n 
1 96  ARG n 
1 97  ILE n 
1 98  HIS n 
1 99  ALA n 
1 100 ALA n 
1 101 ILE n 
1 102 ASN n 
1 103 VAL n 
1 104 SER n 
1 105 LEU n 
1 106 THR n 
1 107 ASN n 
1 108 PRO n 
1 109 GLY n 
1 110 ASP n 
1 111 VAL n 
1 112 HIS n 
1 113 MET n 
1 114 HIS n 
1 115 TYR n 
1 116 ASP n 
1 117 GLU n 
1 118 THR n 
1 119 GLU n 
1 120 GLY n 
1 121 GLU n 
1 122 GLN n 
1 123 ILE n 
1 124 ARG n 
1 125 SER n 
1 126 TYR n 
1 127 ASP n 
1 128 ALA n 
1 129 ALA n 
1 130 GLU n 
1 131 PHE n 
1 132 ALA n 
1 133 ARG n 
1 134 THR n 
1 135 LEU n 
1 136 ALA n 
1 137 ALA n 
1 138 VAL n 
# 
_entity_src_gen.entity_id                          1 
_entity_src_gen.pdbx_src_id                        1 
_entity_src_gen.pdbx_alt_source_flag               sample 
_entity_src_gen.pdbx_seq_type                      ? 
_entity_src_gen.pdbx_beg_seq_num                   ? 
_entity_src_gen.pdbx_end_seq_num                   ? 
_entity_src_gen.gene_src_common_name               ? 
_entity_src_gen.gene_src_genus                     ? 
_entity_src_gen.pdbx_gene_src_gene                 ORF158L 
_entity_src_gen.gene_src_species                   ? 
_entity_src_gen.gene_src_strain                    ? 
_entity_src_gen.gene_src_tissue                    ? 
_entity_src_gen.gene_src_tissue_fraction           ? 
_entity_src_gen.gene_src_details                   ? 
_entity_src_gen.pdbx_gene_src_fragment             ? 
_entity_src_gen.pdbx_gene_src_scientific_name      'Singapore grouper iridovirus' 
_entity_src_gen.pdbx_gene_src_ncbi_taxonomy_id     262968 
_entity_src_gen.pdbx_gene_src_variant              ? 
_entity_src_gen.pdbx_gene_src_cell_line            ? 
_entity_src_gen.pdbx_gene_src_atcc                 ? 
_entity_src_gen.pdbx_gene_src_organ                ? 
_entity_src_gen.pdbx_gene_src_organelle            ? 
_entity_src_gen.pdbx_gene_src_cell                 ? 
_entity_src_gen.pdbx_gene_src_cellular_location    ? 
_entity_src_gen.host_org_common_name               ? 
_entity_src_gen.pdbx_host_org_scientific_name      'Escherichia coli' 
_entity_src_gen.pdbx_host_org_ncbi_taxonomy_id     562 
_entity_src_gen.host_org_genus                     ? 
_entity_src_gen.pdbx_host_org_gene                 ? 
_entity_src_gen.pdbx_host_org_organ                ? 
_entity_src_gen.host_org_species                   ? 
_entity_src_gen.pdbx_host_org_tissue               ? 
_entity_src_gen.pdbx_host_org_tissue_fraction      ? 
_entity_src_gen.pdbx_host_org_strain               ? 
_entity_src_gen.pdbx_host_org_variant              ? 
_entity_src_gen.pdbx_host_org_cell_line            ? 
_entity_src_gen.pdbx_host_org_atcc                 ? 
_entity_src_gen.pdbx_host_org_culture_collection   ? 
_entity_src_gen.pdbx_host_org_cell                 ? 
_entity_src_gen.pdbx_host_org_organelle            ? 
_entity_src_gen.pdbx_host_org_cellular_location    ? 
_entity_src_gen.pdbx_host_org_vector_type          ? 
_entity_src_gen.pdbx_host_org_vector               ? 
_entity_src_gen.host_org_details                   ? 
_entity_src_gen.expression_system_id               ? 
_entity_src_gen.plasmid_name                       ? 
_entity_src_gen.plasmid_details                    ? 
_entity_src_gen.pdbx_description                   ? 
# 
loop_
_chem_comp.id 
_chem_comp.type 
_chem_comp.mon_nstd_flag 
_chem_comp.name 
_chem_comp.pdbx_synonyms 
_chem_comp.formula 
_chem_comp.formula_weight 
ALA 'L-peptide linking' y ALANINE         ? 'C3 H7 N O2'     89.093  
ARG 'L-peptide linking' y ARGININE        ? 'C6 H15 N4 O2 1' 175.209 
ASN 'L-peptide linking' y ASPARAGINE      ? 'C4 H8 N2 O3'    132.118 
ASP 'L-peptide linking' y 'ASPARTIC ACID' ? 'C4 H7 N O4'     133.103 
CYS 'L-peptide linking' y CYSTEINE        ? 'C3 H7 N O2 S'   121.158 
GLN 'L-peptide linking' y GLUTAMINE       ? 'C5 H10 N2 O3'   146.144 
GLU 'L-peptide linking' y 'GLUTAMIC ACID' ? 'C5 H9 N O4'     147.129 
GLY 'peptide linking'   y GLYCINE         ? 'C2 H5 N O2'     75.067  
HIS 'L-peptide linking' y HISTIDINE       ? 'C6 H10 N3 O2 1' 156.162 
HOH non-polymer         . WATER           ? 'H2 O'           18.015  
ILE 'L-peptide linking' y ISOLEUCINE      ? 'C6 H13 N O2'    131.173 
LEU 'L-peptide linking' y LEUCINE         ? 'C6 H13 N O2'    131.173 
LYS 'L-peptide linking' y LYSINE          ? 'C6 H15 N2 O2 1' 147.195 
MET 'L-peptide linking' y METHIONINE      ? 'C5 H11 N O2 S'  149.211 
PHE 'L-peptide linking' y PHENYLALANINE   ? 'C9 H11 N O2'    165.189 
PRO 'L-peptide linking' y PROLINE         ? 'C5 H9 N O2'     115.130 
SER 'L-peptide linking' y SERINE          ? 'C3 H7 N O3'     105.093 
THR 'L-peptide linking' y THREONINE       ? 'C4 H9 N O3'     119.119 
TRP 'L-peptide linking' y TRYPTOPHAN      ? 'C11 H12 N2 O2'  204.225 
TYR 'L-peptide linking' y TYROSINE        ? 'C9 H11 N O3'    181.189 
VAL 'L-peptide linking' y VALINE          ? 'C5 H11 N O2'    117.146 
# 
loop_
_pdbx_poly_seq_scheme.asym_id 
_pdbx_poly_seq_scheme.entity_id 
_pdbx_poly_seq_scheme.seq_id 
_pdbx_poly_seq_scheme.mon_id 
_pdbx_poly_seq_scheme.ndb_seq_num 
_pdbx_poly_seq_scheme.pdb_seq_num 
_pdbx_poly_seq_scheme.auth_seq_num 
_pdbx_poly_seq_scheme.pdb_mon_id 
_pdbx_poly_seq_scheme.auth_mon_id 
_pdbx_poly_seq_scheme.pdb_strand_id 
_pdbx_poly_seq_scheme.pdb_ins_code 
_pdbx_poly_seq_scheme.hetero 
A 1 1   MET 1   1   ?   ?   ?   X . n 
A 1 2   GLY 2   2   ?   ?   ?   X . n 
A 1 3   TRP 3   3   ?   ?   ?   X . n 
A 1 4   ALA 4   4   ?   ?   ?   X . n 
A 1 5   ILE 5   5   5   ILE ILE X . n 
A 1 6   VAL 6   6   6   VAL VAL X . n 
A 1 7   ALA 7   7   7   ALA ALA X . n 
A 1 8   ASN 8   8   8   ASN ASN X . n 
A 1 9   CYS 9   9   9   CYS CYS X . n 
A 1 10  GLU 10  10  10  GLU GLU X . n 
A 1 11  PHE 11  11  11  PHE PHE X . n 
A 1 12  VAL 12  12  12  VAL VAL X . n 
A 1 13  ASN 13  13  13  ASN ASN X . n 
A 1 14  ALA 14  14  14  ALA ALA X . n 
A 1 15  THR 15  15  15  THR THR X . n 
A 1 16  GLY 16  16  16  GLY GLY X . n 
A 1 17  LYS 17  17  17  LYS LYS X . n 
A 1 18  LYS 18  18  18  LYS LYS X . n 
A 1 19  THR 19  19  19  THR THR X . n 
A 1 20  THR 20  20  20  THR THR X . n 
A 1 21  ILE 21  21  21  ILE ILE X . n 
A 1 22  LEU 22  22  22  LEU LEU X . n 
A 1 23  VAL 23  23  23  VAL VAL X . n 
A 1 24  ASN 24  24  24  ASN ASN X . n 
A 1 25  GLU 25  25  25  GLU GLU X . n 
A 1 26  ASN 26  26  26  ASN ASN X . n 
A 1 27  TRP 27  27  27  TRP TRP X . n 
A 1 28  ALA 28  28  28  ALA ALA X . n 
A 1 29  LYS 29  29  29  LYS LYS X . n 
A 1 30  TYR 30  30  30  TYR TYR X . n 
A 1 31  CYS 31  31  31  CYS CYS X . n 
A 1 32  TRP 32  32  32  TRP TRP X . n 
A 1 33  ILE 33  33  33  ILE ILE X . n 
A 1 34  TRP 34  34  34  TRP TRP X . n 
A 1 35  THR 35  35  35  THR THR X . n 
A 1 36  TYR 36  36  36  TYR TYR X . n 
A 1 37  LYS 37  37  37  LYS LYS X . n 
A 1 38  PHE 38  38  38  PHE PHE X . n 
A 1 39  PRO 39  39  39  PRO PRO X . n 
A 1 40  GLU 40  40  40  GLU GLU X . n 
A 1 41  LYS 41  41  41  LYS LYS X . n 
A 1 42  TYR 42  42  42  TYR TYR X . n 
A 1 43  THR 43  43  43  THR THR X . n 
A 1 44  LEU 44  44  44  LEU LEU X . n 
A 1 45  LEU 45  45  45  LEU LEU X . n 
A 1 46  ARG 46  46  46  ARG ARG X . n 
A 1 47  TYR 47  47  47  TYR TYR X . n 
A 1 48  SER 48  48  48  SER SER X . n 
A 1 49  VAL 49  49  49  VAL VAL X . n 
A 1 50  ASP 50  50  50  ASP ASP X . n 
A 1 51  GLY 51  51  51  GLY GLY X . n 
A 1 52  GLU 52  52  52  GLU GLU X . n 
A 1 53  MET 53  53  53  MET MET X . n 
A 1 54  PHE 54  54  54  PHE PHE X . n 
A 1 55  MET 55  55  55  MET MET X . n 
A 1 56  ARG 56  56  56  ARG ARG X . n 
A 1 57  HIS 57  57  57  HIS HIS X . n 
A 1 58  ARG 58  58  58  ARG ARG X . n 
A 1 59  VAL 59  59  59  VAL VAL X . n 
A 1 60  THR 60  60  60  THR THR X . n 
A 1 61  PHE 61  61  61  PHE PHE X . n 
A 1 62  PHE 62  62  62  PHE PHE X . n 
A 1 63  ASN 63  63  63  ASN ASN X . n 
A 1 64  ALA 64  64  64  ALA ALA X . n 
A 1 65  THR 65  65  65  THR THR X . n 
A 1 66  GLY 66  66  66  GLY GLY X . n 
A 1 67  ARG 67  67  67  ARG ARG X . n 
A 1 68  TYR 68  68  68  TYR TYR X . n 
A 1 69  ILE 69  69  69  ILE ILE X . n 
A 1 70  THR 70  70  70  THR THR X . n 
A 1 71  HIS 71  71  71  HIS HIS X . n 
A 1 72  THR 72  72  72  THR THR X . n 
A 1 73  HIS 73  73  73  HIS HIS X . n 
A 1 74  LEU 74  74  74  LEU LEU X . n 
A 1 75  ASN 75  75  75  ASN ASN X . n 
A 1 76  HIS 76  76  76  HIS HIS X . n 
A 1 77  GLY 77  77  77  GLY GLY X . n 
A 1 78  LEU 78  78  78  LEU LEU X . n 
A 1 79  GLU 79  79  79  GLU GLU X . n 
A 1 80  ASP 80  80  80  ASP ASP X . n 
A 1 81  VAL 81  81  81  VAL VAL X . n 
A 1 82  LEU 82  82  82  LEU LEU X . n 
A 1 83  GLU 83  83  83  GLU GLU X . n 
A 1 84  GLY 84  84  84  GLY GLY X . n 
A 1 85  SER 85  85  85  SER SER X . n 
A 1 86  LEU 86  86  86  LEU LEU X . n 
A 1 87  ALA 87  87  87  ALA ALA X . n 
A 1 88  VAL 88  88  88  VAL VAL X . n 
A 1 89  PRO 89  89  89  PRO PRO X . n 
A 1 90  LYS 90  90  90  LYS LYS X . n 
A 1 91  ASP 91  91  91  ASP ASP X . n 
A 1 92  ALA 92  92  92  ALA ALA X . n 
A 1 93  ALA 93  93  93  ALA ALA X . n 
A 1 94  TYR 94  94  94  TYR TYR X . n 
A 1 95  ALA 95  95  95  ALA ALA X . n 
A 1 96  ARG 96  96  96  ARG ARG X . n 
A 1 97  ILE 97  97  97  ILE ILE X . n 
A 1 98  HIS 98  98  98  HIS HIS X . n 
A 1 99  ALA 99  99  99  ALA ALA X . n 
A 1 100 ALA 100 100 100 ALA ALA X . n 
A 1 101 ILE 101 101 101 ILE ILE X . n 
A 1 102 ASN 102 102 102 ASN ASN X . n 
A 1 103 VAL 103 103 103 VAL VAL X . n 
A 1 104 SER 104 104 104 SER SER X . n 
A 1 105 LEU 105 105 105 LEU LEU X . n 
A 1 106 THR 106 106 106 THR THR X . n 
A 1 107 ASN 107 107 107 ASN ASN X . n 
A 1 108 PRO 108 108 108 PRO PRO X . n 
A 1 109 GLY 109 109 109 GLY GLY X . n 
A 1 110 ASP 110 110 110 ASP ASP X . n 
A 1 111 VAL 111 111 111 VAL VAL X . n 
A 1 112 HIS 112 112 112 HIS HIS X . n 
A 1 113 MET 113 113 113 MET MET X . n 
A 1 114 HIS 114 114 114 HIS HIS X . n 
A 1 115 TYR 115 115 115 TYR TYR X . n 
A 1 116 ASP 116 116 116 ASP ASP X . n 
A 1 117 GLU 117 117 117 GLU GLU X . n 
A 1 118 THR 118 118 118 THR THR X . n 
A 1 119 GLU 119 119 119 GLU GLU X . n 
A 1 120 GLY 120 120 120 GLY GLY X . n 
A 1 121 GLU 121 121 121 GLU GLU X . n 
A 1 122 GLN 122 122 122 GLN GLN X . n 
A 1 123 ILE 123 123 123 ILE ILE X . n 
A 1 124 ARG 124 124 124 ARG ARG X . n 
A 1 125 SER 125 125 125 SER SER X . n 
A 1 126 TYR 126 126 126 TYR TYR X . n 
A 1 127 ASP 127 127 127 ASP ASP X . n 
A 1 128 ALA 128 128 128 ALA ALA X . n 
A 1 129 ALA 129 129 129 ALA ALA X . n 
A 1 130 GLU 130 130 130 GLU GLU X . n 
A 1 131 PHE 131 131 131 PHE PHE X . n 
A 1 132 ALA 132 132 132 ALA ALA X . n 
A 1 133 ARG 133 133 133 ARG ARG X . n 
A 1 134 THR 134 134 134 THR THR X . n 
A 1 135 LEU 135 135 135 LEU LEU X . n 
A 1 136 ALA 136 136 136 ALA ALA X . n 
A 1 137 ALA 137 137 137 ALA ALA X . n 
A 1 138 VAL 138 138 ?   ?   ?   X . n 
# 
loop_
_pdbx_nonpoly_scheme.asym_id 
_pdbx_nonpoly_scheme.entity_id 
_pdbx_nonpoly_scheme.mon_id 
_pdbx_nonpoly_scheme.ndb_seq_num 
_pdbx_nonpoly_scheme.pdb_seq_num 
_pdbx_nonpoly_scheme.auth_seq_num 
_pdbx_nonpoly_scheme.pdb_mon_id 
_pdbx_nonpoly_scheme.auth_mon_id 
_pdbx_nonpoly_scheme.pdb_strand_id 
_pdbx_nonpoly_scheme.pdb_ins_code 
B 2 HOH 1  139 1  HOH HOH X . 
B 2 HOH 2  140 2  HOH HOH X . 
B 2 HOH 3  141 3  HOH HOH X . 
B 2 HOH 4  142 4  HOH HOH X . 
B 2 HOH 5  143 5  HOH HOH X . 
B 2 HOH 6  144 6  HOH HOH X . 
B 2 HOH 7  145 7  HOH HOH X . 
B 2 HOH 8  146 8  HOH HOH X . 
B 2 HOH 9  147 9  HOH HOH X . 
B 2 HOH 10 148 10 HOH HOH X . 
B 2 HOH 11 149 11 HOH HOH X . 
B 2 HOH 12 150 12 HOH HOH X . 
B 2 HOH 13 151 13 HOH HOH X . 
B 2 HOH 14 152 14 HOH HOH X . 
B 2 HOH 15 153 15 HOH HOH X . 
B 2 HOH 16 154 16 HOH HOH X . 
B 2 HOH 17 155 17 HOH HOH X . 
B 2 HOH 18 156 18 HOH HOH X . 
B 2 HOH 19 157 19 HOH HOH X . 
B 2 HOH 20 158 20 HOH HOH X . 
B 2 HOH 21 159 21 HOH HOH X . 
B 2 HOH 22 160 22 HOH HOH X . 
B 2 HOH 23 161 23 HOH HOH X . 
B 2 HOH 24 162 24 HOH HOH X . 
B 2 HOH 25 163 25 HOH HOH X . 
B 2 HOH 26 164 26 HOH HOH X . 
B 2 HOH 27 165 27 HOH HOH X . 
B 2 HOH 28 166 28 HOH HOH X . 
B 2 HOH 29 167 29 HOH HOH X . 
B 2 HOH 30 168 30 HOH HOH X . 
B 2 HOH 31 169 31 HOH HOH X . 
B 2 HOH 32 170 32 HOH HOH X . 
B 2 HOH 33 171 33 HOH HOH X . 
B 2 HOH 34 172 34 HOH HOH X . 
B 2 HOH 35 173 35 HOH HOH X . 
B 2 HOH 36 174 36 HOH HOH X . 
B 2 HOH 37 175 37 HOH HOH X . 
B 2 HOH 38 176 38 HOH HOH X . 
B 2 HOH 39 177 39 HOH HOH X . 
B 2 HOH 40 178 40 HOH HOH X . 
B 2 HOH 41 179 41 HOH HOH X . 
B 2 HOH 42 180 42 HOH HOH X . 
B 2 HOH 43 181 43 HOH HOH X . 
B 2 HOH 44 182 44 HOH HOH X . 
B 2 HOH 45 183 45 HOH HOH X . 
B 2 HOH 46 184 46 HOH HOH X . 
B 2 HOH 47 185 47 HOH HOH X . 
B 2 HOH 48 186 48 HOH HOH X . 
B 2 HOH 49 187 49 HOH HOH X . 
B 2 HOH 50 188 50 HOH HOH X . 
B 2 HOH 51 189 51 HOH HOH X . 
B 2 HOH 52 190 52 HOH HOH X . 
B 2 HOH 53 191 53 HOH HOH X . 
B 2 HOH 54 192 54 HOH HOH X . 
B 2 HOH 55 193 55 HOH HOH X . 
B 2 HOH 56 194 56 HOH HOH X . 
B 2 HOH 57 195 57 HOH HOH X . 
B 2 HOH 58 196 58 HOH HOH X . 
B 2 HOH 59 197 60 HOH HOH X . 
B 2 HOH 60 198 61 HOH HOH X . 
B 2 HOH 61 199 62 HOH HOH X . 
B 2 HOH 62 200 63 HOH HOH X . 
B 2 HOH 63 201 64 HOH HOH X . 
B 2 HOH 64 202 65 HOH HOH X . 
B 2 HOH 65 203 66 HOH HOH X . 
B 2 HOH 66 204 67 HOH HOH X . 
B 2 HOH 67 205 68 HOH HOH X . 
B 2 HOH 68 206 69 HOH HOH X . 
B 2 HOH 69 207 70 HOH HOH X . 
# 
_software.name             REFMAC 
_software.classification   refinement 
_software.version          5.5.0109 
_software.citation_id      ? 
_software.pdbx_ordinal     1 
# 
_cell.entry_id           3RJ2 
_cell.length_a           60.066 
_cell.length_b           41.002 
_cell.length_c           52.386 
_cell.angle_alpha        90.00 
_cell.angle_beta         95.33 
_cell.angle_gamma        90.00 
_cell.Z_PDB              4 
_cell.pdbx_unique_axis   ? 
_cell.length_a_esd       ? 
_cell.length_b_esd       ? 
_cell.length_c_esd       ? 
_cell.angle_alpha_esd    ? 
_cell.angle_beta_esd     ? 
_cell.angle_gamma_esd    ? 
# 
_symmetry.entry_id                         3RJ2 
_symmetry.space_group_name_H-M             'C 1 2 1' 
_symmetry.pdbx_full_space_group_name_H-M   ? 
_symmetry.cell_setting                     ? 
_symmetry.Int_Tables_number                5 
_symmetry.space_group_name_Hall            ? 
# 
_exptl.entry_id          3RJ2 
_exptl.method            'X-RAY DIFFRACTION' 
_exptl.crystals_number   1 
# 
_exptl_crystal.id                    1 
_exptl_crystal.density_meas          ? 
_exptl_crystal.density_Matthews      2.03 
_exptl_crystal.density_percent_sol   39.50 
_exptl_crystal.description           ? 
_exptl_crystal.F_000                 ? 
_exptl_crystal.preparation           ? 
# 
_exptl_crystal_grow.crystal_id      1 
_exptl_crystal_grow.method          'VAPOR DIFFUSION, HANGING DROP' 
_exptl_crystal_grow.temp            298 
_exptl_crystal_grow.temp_details    ? 
_exptl_crystal_grow.pH              8.5 
_exptl_crystal_grow.pdbx_details    
'3% glycerol, 18% PEG3350, 0.1M Tris, 0.3M NaAc, pH 8.5, VAPOR DIFFUSION, HANGING DROP, temperature 298K' 
_exptl_crystal_grow.pdbx_pH_range   . 
# 
_diffrn.id                     1 
_diffrn.ambient_temp           298 
_diffrn.ambient_temp_details   ? 
_diffrn.crystal_id             1 
# 
_diffrn_detector.diffrn_id              1 
_diffrn_detector.detector               CCD 
_diffrn_detector.type                   'ADSC QUANTUM 315r' 
_diffrn_detector.pdbx_collection_date   2007-10-08 
_diffrn_detector.details                ? 
# 
_diffrn_radiation.diffrn_id                        1 
_diffrn_radiation.wavelength_id                    1 
_diffrn_radiation.pdbx_monochromatic_or_laue_m_l   M 
_diffrn_radiation.monochromator                    ? 
_diffrn_radiation.pdbx_diffrn_protocol             'SINGLE WAVELENGTH' 
_diffrn_radiation.pdbx_scattering_type             x-ray 
# 
_diffrn_radiation_wavelength.id           1 
_diffrn_radiation_wavelength.wavelength   0.979 
_diffrn_radiation_wavelength.wt           1.0 
# 
_diffrn_source.diffrn_id                   1 
_diffrn_source.source                      SYNCHROTRON 
_diffrn_source.type                        'NSLS BEAMLINE X29A' 
_diffrn_source.pdbx_synchrotron_site       NSLS 
_diffrn_source.pdbx_synchrotron_beamline   X29A 
_diffrn_source.pdbx_wavelength             ? 
_diffrn_source.pdbx_wavelength_list        0.979 
# 
_reflns.entry_id                     3RJ2 
_reflns.observed_criterion_sigma_I   ? 
_reflns.observed_criterion_sigma_F   ? 
_reflns.d_resolution_low             52 
_reflns.d_resolution_high            2.2 
_reflns.number_obs                   6586 
_reflns.number_all                   ? 
_reflns.percent_possible_obs         ? 
_reflns.pdbx_Rmerge_I_obs            ? 
_reflns.pdbx_Rsym_value              ? 
_reflns.pdbx_netI_over_sigmaI        ? 
_reflns.B_iso_Wilson_estimate        ? 
_reflns.pdbx_redundancy              ? 
_reflns.R_free_details               ? 
_reflns.limit_h_max                  ? 
_reflns.limit_h_min                  ? 
_reflns.limit_k_max                  ? 
_reflns.limit_k_min                  ? 
_reflns.limit_l_max                  ? 
_reflns.limit_l_min                  ? 
_reflns.observed_criterion_F_max     ? 
_reflns.observed_criterion_F_min     ? 
_reflns.pdbx_chi_squared             ? 
_reflns.pdbx_scaling_rejects         ? 
_reflns.pdbx_ordinal                 1 
_reflns.pdbx_diffrn_id               1 
# 
_reflns_shell.d_res_high                  2.2 
_reflns_shell.d_res_low                   ? 
_reflns_shell.percent_possible_all        ? 
_reflns_shell.Rmerge_I_obs                ? 
_reflns_shell.pdbx_Rsym_value             ? 
_reflns_shell.meanI_over_sigI_obs         ? 
_reflns_shell.pdbx_redundancy             ? 
_reflns_shell.percent_possible_obs        ? 
_reflns_shell.number_unique_all           ? 
_reflns_shell.number_measured_all         ? 
_reflns_shell.number_measured_obs         ? 
_reflns_shell.number_unique_obs           ? 
_reflns_shell.pdbx_chi_squared            ? 
_reflns_shell.pdbx_rejects                ? 
_reflns_shell.pdbx_netI_over_sigmaI_obs   ? 
_reflns_shell.number_possible             ? 
_reflns_shell.Rmerge_F_all                ? 
_reflns_shell.Rmerge_F_obs                ? 
_reflns_shell.Rmerge_I_all                ? 
_reflns_shell.meanI_over_sigI_all         ? 
_reflns_shell.pdbx_Rrim_I_all             ? 
_reflns_shell.pdbx_Rpim_I_all             ? 
_reflns_shell.pdbx_ordinal                1 
_reflns_shell.pdbx_diffrn_id              1 
# 
_refine.entry_id                                 3RJ2 
_refine.ls_number_reflns_obs                     6253 
_refine.ls_number_reflns_all                     ? 
_refine.pdbx_ls_sigma_I                          ? 
_refine.pdbx_ls_sigma_F                          5 
_refine.pdbx_data_cutoff_high_absF               ? 
_refine.pdbx_data_cutoff_low_absF                ? 
_refine.pdbx_data_cutoff_high_rms_absF           ? 
_refine.ls_d_res_low                             29.90 
_refine.ls_d_res_high                            2.20 
_refine.ls_percent_reflns_obs                    99.51 
_refine.ls_R_factor_obs                          0.20101 
_refine.ls_R_factor_all                          ? 
_refine.ls_R_factor_R_work                       0.19743 
_refine.ls_R_factor_R_free                       0.27503 
_refine.ls_R_factor_R_free_error                 ? 
_refine.ls_R_factor_R_free_error_details         ? 
_refine.ls_percent_reflns_R_free                 4.7 
_refine.ls_number_reflns_R_free                  307 
_refine.ls_number_parameters                     ? 
_refine.ls_number_restraints                     ? 
_refine.occupancy_min                            ? 
_refine.occupancy_max                            ? 
_refine.correlation_coeff_Fo_to_Fc               0.938 
_refine.correlation_coeff_Fo_to_Fc_free          0.881 
_refine.B_iso_mean                               21.685 
_refine.aniso_B[1][1]                            -1.66 
_refine.aniso_B[2][2]                            -0.59 
_refine.aniso_B[3][3]                            2.23 
_refine.aniso_B[1][2]                            -0.00 
_refine.aniso_B[1][3]                            -0.11 
_refine.aniso_B[2][3]                            0.00 
_refine.solvent_model_details                    MASK 
_refine.solvent_model_param_ksol                 ? 
_refine.solvent_model_param_bsol                 ? 
_refine.pdbx_solvent_vdw_probe_radii             1.40 
_refine.pdbx_solvent_ion_probe_radii             0.80 
_refine.pdbx_solvent_shrinkage_radii             0.80 
_refine.pdbx_ls_cross_valid_method               THROUGHOUT 
_refine.details                                  'HYDROGENS HAVE BEEN ADDED IN THE RIDING POSITIONS' 
_refine.pdbx_starting_model                      ? 
_refine.pdbx_method_to_determine_struct          SAD 
_refine.pdbx_isotropic_thermal_model             ? 
_refine.pdbx_stereochemistry_target_values       'MAXIMUM LIKELIHOOD' 
_refine.pdbx_stereochem_target_val_spec_case     ? 
_refine.pdbx_R_Free_selection_details            RANDOM 
_refine.pdbx_overall_ESU_R                       0.365 
_refine.pdbx_overall_ESU_R_Free                  0.263 
_refine.overall_SU_ML                            0.175 
_refine.pdbx_overall_phase_error                 ? 
_refine.overall_SU_B                             6.805 
_refine.pdbx_refine_id                           'X-RAY DIFFRACTION' 
_refine.pdbx_diffrn_id                           1 
_refine.ls_redundancy_reflns_obs                 ? 
_refine.B_iso_min                                ? 
_refine.B_iso_max                                ? 
_refine.overall_SU_R_Cruickshank_DPI             ? 
_refine.overall_SU_R_free                        ? 
_refine.ls_wR_factor_R_free                      ? 
_refine.ls_wR_factor_R_work                      ? 
_refine.overall_FOM_free_R_set                   ? 
_refine.overall_FOM_work_R_set                   ? 
_refine.pdbx_TLS_residual_ADP_flag               ? 
_refine.pdbx_overall_SU_R_free_Cruickshank_DPI   ? 
_refine.pdbx_overall_SU_R_Blow_DPI               ? 
_refine.pdbx_overall_SU_R_free_Blow_DPI          ? 
# 
_refine_hist.pdbx_refine_id                   'X-RAY DIFFRACTION' 
_refine_hist.cycle_id                         LAST 
_refine_hist.pdbx_number_atoms_protein        1075 
_refine_hist.pdbx_number_atoms_nucleic_acid   0 
_refine_hist.pdbx_number_atoms_ligand         0 
_refine_hist.number_atoms_solvent             69 
_refine_hist.number_atoms_total               1144 
_refine_hist.d_res_high                       2.20 
_refine_hist.d_res_low                        29.90 
# 
loop_
_refine_ls_restr.type 
_refine_ls_restr.dev_ideal 
_refine_ls_restr.dev_ideal_target 
_refine_ls_restr.weight 
_refine_ls_restr.number 
_refine_ls_restr.pdbx_refine_id 
_refine_ls_restr.pdbx_restraint_function 
r_bond_refined_d             0.011  0.021  ? 1105 'X-RAY DIFFRACTION' ? 
r_bond_other_d               ?      ?      ? ?    'X-RAY DIFFRACTION' ? 
r_angle_refined_deg          1.386  1.912  ? 1503 'X-RAY DIFFRACTION' ? 
r_angle_other_deg            ?      ?      ? ?    'X-RAY DIFFRACTION' ? 
r_dihedral_angle_1_deg       6.870  5.000  ? 132  'X-RAY DIFFRACTION' ? 
r_dihedral_angle_2_deg       36.747 23.214 ? 56   'X-RAY DIFFRACTION' ? 
r_dihedral_angle_3_deg       16.692 15.000 ? 173  'X-RAY DIFFRACTION' ? 
r_dihedral_angle_4_deg       18.682 15.000 ? 7    'X-RAY DIFFRACTION' ? 
r_chiral_restr               0.102  0.200  ? 163  'X-RAY DIFFRACTION' ? 
r_gen_planes_refined         0.004  0.020  ? 857  'X-RAY DIFFRACTION' ? 
r_gen_planes_other           ?      ?      ? ?    'X-RAY DIFFRACTION' ? 
r_nbd_refined                ?      ?      ? ?    'X-RAY DIFFRACTION' ? 
r_nbd_other                  ?      ?      ? ?    'X-RAY DIFFRACTION' ? 
r_nbtor_refined              ?      ?      ? ?    'X-RAY DIFFRACTION' ? 
r_nbtor_other                ?      ?      ? ?    'X-RAY DIFFRACTION' ? 
r_xyhbond_nbd_refined        ?      ?      ? ?    'X-RAY DIFFRACTION' ? 
r_xyhbond_nbd_other          ?      ?      ? ?    'X-RAY DIFFRACTION' ? 
r_metal_ion_refined          ?      ?      ? ?    'X-RAY DIFFRACTION' ? 
r_metal_ion_other            ?      ?      ? ?    'X-RAY DIFFRACTION' ? 
r_symmetry_vdw_refined       ?      ?      ? ?    'X-RAY DIFFRACTION' ? 
r_symmetry_vdw_other         ?      ?      ? ?    'X-RAY DIFFRACTION' ? 
r_symmetry_hbond_refined     ?      ?      ? ?    'X-RAY DIFFRACTION' ? 
r_symmetry_hbond_other       ?      ?      ? ?    'X-RAY DIFFRACTION' ? 
r_symmetry_metal_ion_refined ?      ?      ? ?    'X-RAY DIFFRACTION' ? 
r_symmetry_metal_ion_other   ?      ?      ? ?    'X-RAY DIFFRACTION' ? 
r_mcbond_it                  0.718  1.500  ? 661  'X-RAY DIFFRACTION' ? 
r_mcbond_other               ?      ?      ? ?    'X-RAY DIFFRACTION' ? 
r_mcangle_it                 1.397  2.000  ? 1064 'X-RAY DIFFRACTION' ? 
r_scbond_it                  1.998  3.000  ? 444  'X-RAY DIFFRACTION' ? 
r_scangle_it                 3.475  4.500  ? 439  'X-RAY DIFFRACTION' ? 
r_rigid_bond_restr           ?      ?      ? ?    'X-RAY DIFFRACTION' ? 
r_sphericity_free            ?      ?      ? ?    'X-RAY DIFFRACTION' ? 
r_sphericity_bonded          ?      ?      ? ?    'X-RAY DIFFRACTION' ? 
# 
_refine_ls_shell.pdbx_refine_id                   'X-RAY DIFFRACTION' 
_refine_ls_shell.pdbx_total_number_of_bins_used   20 
_refine_ls_shell.d_res_high                       2.199 
_refine_ls_shell.d_res_low                        2.255 
_refine_ls_shell.number_reflns_R_work             454 
_refine_ls_shell.R_factor_R_work                  0.207 
_refine_ls_shell.percent_reflns_obs               97.55 
_refine_ls_shell.R_factor_R_free                  0.365 
_refine_ls_shell.R_factor_R_free_error            ? 
_refine_ls_shell.percent_reflns_R_free            ? 
_refine_ls_shell.number_reflns_R_free             23 
_refine_ls_shell.number_reflns_all                ? 
_refine_ls_shell.R_factor_all                     ? 
_refine_ls_shell.number_reflns_obs                ? 
_refine_ls_shell.redundancy_reflns_obs            ? 
# 
_struct.entry_id                  3RJ2 
_struct.title                     
;Structural and functional characterization of a novel histone H3 binding protein ORF158L from the Singapore grouper iridovirus (SGIV)
;
_struct.pdbx_model_details        ? 
_struct.pdbx_CASP_flag            ? 
_struct.pdbx_model_type_details   ? 
# 
_struct_keywords.entry_id        3RJ2 
_struct_keywords.pdbx_keywords   'PROTEIN BINDING' 
_struct_keywords.text            'histone 3, PROTEIN BINDING' 
# 
loop_
_struct_asym.id 
_struct_asym.pdbx_blank_PDB_chainid_flag 
_struct_asym.pdbx_modified 
_struct_asym.entity_id 
_struct_asym.details 
A N N 1 ? 
B N N 2 ? 
# 
_struct_ref.id                         1 
_struct_ref.db_name                    UNP 
_struct_ref.db_code                    Q5YFA7_9VIRU 
_struct_ref.pdbx_db_accession          Q5YFA7 
_struct_ref.entity_id                  1 
_struct_ref.pdbx_seq_one_letter_code   
;MGWAIVANCEFVNATGKKTTILVNENWAKYCWIWTYKFPEKYTLLRYSVDGEMFMRHRVTFFNATGRYITHTHLNHGLED
VLEGSLAVPKDAAYARIHAAINVSLTNPGDVHMHYDETEGEQIRSYDAAEFARTLAAV
;
_struct_ref.pdbx_align_begin           1 
_struct_ref.pdbx_db_isoform            ? 
# 
_struct_ref_seq.align_id                      1 
_struct_ref_seq.ref_id                        1 
_struct_ref_seq.pdbx_PDB_id_code              3RJ2 
_struct_ref_seq.pdbx_strand_id                X 
_struct_ref_seq.seq_align_beg                 1 
_struct_ref_seq.pdbx_seq_align_beg_ins_code   ? 
_struct_ref_seq.seq_align_end                 138 
_struct_ref_seq.pdbx_seq_align_end_ins_code   ? 
_struct_ref_seq.pdbx_db_accession             Q5YFA7 
_struct_ref_seq.db_align_beg                  1 
_struct_ref_seq.pdbx_db_align_beg_ins_code    ? 
_struct_ref_seq.db_align_end                  138 
_struct_ref_seq.pdbx_db_align_end_ins_code    ? 
_struct_ref_seq.pdbx_auth_seq_align_beg       1 
_struct_ref_seq.pdbx_auth_seq_align_end       138 
# 
_pdbx_struct_assembly.id                   1 
_pdbx_struct_assembly.details              author_and_software_defined_assembly 
_pdbx_struct_assembly.method_details       PISA 
_pdbx_struct_assembly.oligomeric_details   monomeric 
_pdbx_struct_assembly.oligomeric_count     1 
# 
_pdbx_struct_assembly_gen.assembly_id       1 
_pdbx_struct_assembly_gen.oper_expression   1 
_pdbx_struct_assembly_gen.asym_id_list      A,B 
# 
_pdbx_struct_oper_list.id                   1 
_pdbx_struct_oper_list.type                 'identity operation' 
_pdbx_struct_oper_list.name                 1_555 
_pdbx_struct_oper_list.symmetry_operation   x,y,z 
_pdbx_struct_oper_list.matrix[1][1]         1.0000000000 
_pdbx_struct_oper_list.matrix[1][2]         0.0000000000 
_pdbx_struct_oper_list.matrix[1][3]         0.0000000000 
_pdbx_struct_oper_list.vector[1]            0.0000000000 
_pdbx_struct_oper_list.matrix[2][1]         0.0000000000 
_pdbx_struct_oper_list.matrix[2][2]         1.0000000000 
_pdbx_struct_oper_list.matrix[2][3]         0.0000000000 
_pdbx_struct_oper_list.vector[2]            0.0000000000 
_pdbx_struct_oper_list.matrix[3][1]         0.0000000000 
_pdbx_struct_oper_list.matrix[3][2]         0.0000000000 
_pdbx_struct_oper_list.matrix[3][3]         1.0000000000 
_pdbx_struct_oper_list.vector[3]            0.0000000000 
# 
_struct_biol.id        1 
_struct_biol.details   ? 
# 
loop_
_struct_conf.conf_type_id 
_struct_conf.id 
_struct_conf.pdbx_PDB_helix_id 
_struct_conf.beg_label_comp_id 
_struct_conf.beg_label_asym_id 
_struct_conf.beg_label_seq_id 
_struct_conf.pdbx_beg_PDB_ins_code 
_struct_conf.end_label_comp_id 
_struct_conf.end_label_asym_id 
_struct_conf.end_label_seq_id 
_struct_conf.pdbx_end_PDB_ins_code 
_struct_conf.beg_auth_comp_id 
_struct_conf.beg_auth_asym_id 
_struct_conf.beg_auth_seq_id 
_struct_conf.end_auth_comp_id 
_struct_conf.end_auth_asym_id 
_struct_conf.end_auth_seq_id 
_struct_conf.pdbx_PDB_helix_class 
_struct_conf.details 
_struct_conf.pdbx_PDB_helix_length 
HELX_P HELX_P1 1 ALA A 100 ? LEU A 105 ? ALA X 100 LEU X 105 1 ? 6  
HELX_P HELX_P2 2 ASN A 107 ? GLY A 109 ? ASN X 107 GLY X 109 5 ? 3  
HELX_P HELX_P3 3 ASP A 127 ? ALA A 137 ? ASP X 127 ALA X 137 1 ? 11 
# 
_struct_conf_type.id          HELX_P 
_struct_conf_type.criteria    ? 
_struct_conf_type.reference   ? 
# 
_struct_mon_prot_cis.pdbx_id                1 
_struct_mon_prot_cis.label_comp_id          GLU 
_struct_mon_prot_cis.label_seq_id           25 
_struct_mon_prot_cis.label_asym_id          A 
_struct_mon_prot_cis.label_alt_id           . 
_struct_mon_prot_cis.pdbx_PDB_ins_code      ? 
_struct_mon_prot_cis.auth_comp_id           GLU 
_struct_mon_prot_cis.auth_seq_id            25 
_struct_mon_prot_cis.auth_asym_id           X 
_struct_mon_prot_cis.pdbx_label_comp_id_2   ASN 
_struct_mon_prot_cis.pdbx_label_seq_id_2    26 
_struct_mon_prot_cis.pdbx_label_asym_id_2   A 
_struct_mon_prot_cis.pdbx_PDB_ins_code_2    ? 
_struct_mon_prot_cis.pdbx_auth_comp_id_2    ASN 
_struct_mon_prot_cis.pdbx_auth_seq_id_2     26 
_struct_mon_prot_cis.pdbx_auth_asym_id_2    X 
_struct_mon_prot_cis.pdbx_PDB_model_num     1 
_struct_mon_prot_cis.pdbx_omega_angle       -17.13 
# 
loop_
_struct_sheet.id 
_struct_sheet.type 
_struct_sheet.number_strands 
_struct_sheet.details 
A ? 4 ? 
B ? 6 ? 
# 
loop_
_struct_sheet_order.sheet_id 
_struct_sheet_order.range_id_1 
_struct_sheet_order.range_id_2 
_struct_sheet_order.offset 
_struct_sheet_order.sense 
A 1 2 ? anti-parallel 
A 2 3 ? anti-parallel 
A 3 4 ? anti-parallel 
B 1 2 ? anti-parallel 
B 2 3 ? anti-parallel 
B 3 4 ? anti-parallel 
B 4 5 ? parallel      
B 5 6 ? anti-parallel 
# 
loop_
_struct_sheet_range.sheet_id 
_struct_sheet_range.id 
_struct_sheet_range.beg_label_comp_id 
_struct_sheet_range.beg_label_asym_id 
_struct_sheet_range.beg_label_seq_id 
_struct_sheet_range.pdbx_beg_PDB_ins_code 
_struct_sheet_range.end_label_comp_id 
_struct_sheet_range.end_label_asym_id 
_struct_sheet_range.end_label_seq_id 
_struct_sheet_range.pdbx_end_PDB_ins_code 
_struct_sheet_range.beg_auth_comp_id 
_struct_sheet_range.beg_auth_asym_id 
_struct_sheet_range.beg_auth_seq_id 
_struct_sheet_range.end_auth_comp_id 
_struct_sheet_range.end_auth_asym_id 
_struct_sheet_range.end_auth_seq_id 
A 1 LYS A 18  ? LEU A 22  ? LYS X 18  LEU X 22  
A 2 VAL A 6   ? VAL A 12  ? VAL X 6   VAL X 12  
A 3 LEU A 44  ? ASP A 50  ? LEU X 44  ASP X 50  
A 4 VAL A 81  ? ALA A 87  ? VAL X 81  ALA X 87  
B 1 TYR A 68  ? ASN A 75  ? TYR X 68  ASN X 75  
B 2 ARG A 56  ? PHE A 62  ? ARG X 56  PHE X 62  
B 3 TYR A 94  ? HIS A 98  ? TYR X 94  HIS X 98  
B 4 CYS A 31  ? LYS A 37  ? CYS X 31  LYS X 37  
B 5 VAL A 111 ? ASP A 116 ? VAL X 111 ASP X 116 
B 6 GLY A 120 ? ILE A 123 ? GLY X 120 ILE X 123 
# 
loop_
_pdbx_struct_sheet_hbond.sheet_id 
_pdbx_struct_sheet_hbond.range_id_1 
_pdbx_struct_sheet_hbond.range_id_2 
_pdbx_struct_sheet_hbond.range_1_label_atom_id 
_pdbx_struct_sheet_hbond.range_1_label_comp_id 
_pdbx_struct_sheet_hbond.range_1_label_asym_id 
_pdbx_struct_sheet_hbond.range_1_label_seq_id 
_pdbx_struct_sheet_hbond.range_1_PDB_ins_code 
_pdbx_struct_sheet_hbond.range_1_auth_atom_id 
_pdbx_struct_sheet_hbond.range_1_auth_comp_id 
_pdbx_struct_sheet_hbond.range_1_auth_asym_id 
_pdbx_struct_sheet_hbond.range_1_auth_seq_id 
_pdbx_struct_sheet_hbond.range_2_label_atom_id 
_pdbx_struct_sheet_hbond.range_2_label_comp_id 
_pdbx_struct_sheet_hbond.range_2_label_asym_id 
_pdbx_struct_sheet_hbond.range_2_label_seq_id 
_pdbx_struct_sheet_hbond.range_2_PDB_ins_code 
_pdbx_struct_sheet_hbond.range_2_auth_atom_id 
_pdbx_struct_sheet_hbond.range_2_auth_comp_id 
_pdbx_struct_sheet_hbond.range_2_auth_asym_id 
_pdbx_struct_sheet_hbond.range_2_auth_seq_id 
A 1 2 O THR A 19  ? O THR X 19  N PHE A 11  ? N PHE X 11  
A 2 3 N VAL A 6   ? N VAL X 6   O ASP A 50  ? O ASP X 50  
A 3 4 N LEU A 45  ? N LEU X 45  O LEU A 86  ? O LEU X 86  
B 1 2 O LEU A 74  ? O LEU X 74  N HIS A 57  ? N HIS X 57  
B 2 3 N ARG A 58  ? N ARG X 58  O HIS A 98  ? O HIS X 98  
B 3 4 O ALA A 95  ? O ALA X 95  N TYR A 36  ? N TYR X 36  
B 4 5 N ILE A 33  ? N ILE X 33  O TYR A 115 ? O TYR X 115 
B 5 6 N HIS A 114 ? N HIS X 114 O GLN A 122 ? O GLN X 122 
# 
_pdbx_validate_close_contact.id               1 
_pdbx_validate_close_contact.PDB_model_num    1 
_pdbx_validate_close_contact.auth_atom_id_1   OG1 
_pdbx_validate_close_contact.auth_asym_id_1   X 
_pdbx_validate_close_contact.auth_comp_id_1   THR 
_pdbx_validate_close_contact.auth_seq_id_1    118 
_pdbx_validate_close_contact.PDB_ins_code_1   ? 
_pdbx_validate_close_contact.label_alt_id_1   ? 
_pdbx_validate_close_contact.auth_atom_id_2   O 
_pdbx_validate_close_contact.auth_asym_id_2   X 
_pdbx_validate_close_contact.auth_comp_id_2   HOH 
_pdbx_validate_close_contact.auth_seq_id_2    161 
_pdbx_validate_close_contact.PDB_ins_code_2   ? 
_pdbx_validate_close_contact.label_alt_id_2   ? 
_pdbx_validate_close_contact.dist             1.98 
# 
loop_
_pdbx_validate_torsion.id 
_pdbx_validate_torsion.PDB_model_num 
_pdbx_validate_torsion.auth_comp_id 
_pdbx_validate_torsion.auth_asym_id 
_pdbx_validate_torsion.auth_seq_id 
_pdbx_validate_torsion.PDB_ins_code 
_pdbx_validate_torsion.label_alt_id 
_pdbx_validate_torsion.phi 
_pdbx_validate_torsion.psi 
1 1 TRP X 27 ? ? -50.54 81.82   
2 1 ALA X 28 ? ? -52.08 8.57    
3 1 TYR X 30 ? ? -98.34 -116.59 
# 
loop_
_pdbx_unobs_or_zero_occ_residues.id 
_pdbx_unobs_or_zero_occ_residues.PDB_model_num 
_pdbx_unobs_or_zero_occ_residues.polymer_flag 
_pdbx_unobs_or_zero_occ_residues.occupancy_flag 
_pdbx_unobs_or_zero_occ_residues.auth_asym_id 
_pdbx_unobs_or_zero_occ_residues.auth_comp_id 
_pdbx_unobs_or_zero_occ_residues.auth_seq_id 
_pdbx_unobs_or_zero_occ_residues.PDB_ins_code 
_pdbx_unobs_or_zero_occ_residues.label_asym_id 
_pdbx_unobs_or_zero_occ_residues.label_comp_id 
_pdbx_unobs_or_zero_occ_residues.label_seq_id 
1 1 Y 1 X MET 1   ? A MET 1   
2 1 Y 1 X GLY 2   ? A GLY 2   
3 1 Y 1 X TRP 3   ? A TRP 3   
4 1 Y 1 X ALA 4   ? A ALA 4   
5 1 Y 1 X VAL 138 ? A VAL 138 
# 
loop_
_chem_comp_atom.comp_id 
_chem_comp_atom.atom_id 
_chem_comp_atom.type_symbol 
_chem_comp_atom.pdbx_aromatic_flag 
_chem_comp_atom.pdbx_stereo_config 
_chem_comp_atom.pdbx_ordinal 
ALA N    N N N 1   
ALA CA   C N S 2   
ALA C    C N N 3   
ALA O    O N N 4   
ALA CB   C N N 5   
ALA OXT  O N N 6   
ALA H    H N N 7   
ALA H2   H N N 8   
ALA HA   H N N 9   
ALA HB1  H N N 10  
ALA HB2  H N N 11  
ALA HB3  H N N 12  
ALA HXT  H N N 13  
ARG N    N N N 14  
ARG CA   C N S 15  
ARG C    C N N 16  
ARG O    O N N 17  
ARG CB   C N N 18  
ARG CG   C N N 19  
ARG CD   C N N 20  
ARG NE   N N N 21  
ARG CZ   C N N 22  
ARG NH1  N N N 23  
ARG NH2  N N N 24  
ARG OXT  O N N 25  
ARG H    H N N 26  
ARG H2   H N N 27  
ARG HA   H N N 28  
ARG HB2  H N N 29  
ARG HB3  H N N 30  
ARG HG2  H N N 31  
ARG HG3  H N N 32  
ARG HD2  H N N 33  
ARG HD3  H N N 34  
ARG HE   H N N 35  
ARG HH11 H N N 36  
ARG HH12 H N N 37  
ARG HH21 H N N 38  
ARG HH22 H N N 39  
ARG HXT  H N N 40  
ASN N    N N N 41  
ASN CA   C N S 42  
ASN C    C N N 43  
ASN O    O N N 44  
ASN CB   C N N 45  
ASN CG   C N N 46  
ASN OD1  O N N 47  
ASN ND2  N N N 48  
ASN OXT  O N N 49  
ASN H    H N N 50  
ASN H2   H N N 51  
ASN HA   H N N 52  
ASN HB2  H N N 53  
ASN HB3  H N N 54  
ASN HD21 H N N 55  
ASN HD22 H N N 56  
ASN HXT  H N N 57  
ASP N    N N N 58  
ASP CA   C N S 59  
ASP C    C N N 60  
ASP O    O N N 61  
ASP CB   C N N 62  
ASP CG   C N N 63  
ASP OD1  O N N 64  
ASP OD2  O N N 65  
ASP OXT  O N N 66  
ASP H    H N N 67  
ASP H2   H N N 68  
ASP HA   H N N 69  
ASP HB2  H N N 70  
ASP HB3  H N N 71  
ASP HD2  H N N 72  
ASP HXT  H N N 73  
CYS N    N N N 74  
CYS CA   C N R 75  
CYS C    C N N 76  
CYS O    O N N 77  
CYS CB   C N N 78  
CYS SG   S N N 79  
CYS OXT  O N N 80  
CYS H    H N N 81  
CYS H2   H N N 82  
CYS HA   H N N 83  
CYS HB2  H N N 84  
CYS HB3  H N N 85  
CYS HG   H N N 86  
CYS HXT  H N N 87  
GLN N    N N N 88  
GLN CA   C N S 89  
GLN C    C N N 90  
GLN O    O N N 91  
GLN CB   C N N 92  
GLN CG   C N N 93  
GLN CD   C N N 94  
GLN OE1  O N N 95  
GLN NE2  N N N 96  
GLN OXT  O N N 97  
GLN H    H N N 98  
GLN H2   H N N 99  
GLN HA   H N N 100 
GLN HB2  H N N 101 
GLN HB3  H N N 102 
GLN HG2  H N N 103 
GLN HG3  H N N 104 
GLN HE21 H N N 105 
GLN HE22 H N N 106 
GLN HXT  H N N 107 
GLU N    N N N 108 
GLU CA   C N S 109 
GLU C    C N N 110 
GLU O    O N N 111 
GLU CB   C N N 112 
GLU CG   C N N 113 
GLU CD   C N N 114 
GLU OE1  O N N 115 
GLU OE2  O N N 116 
GLU OXT  O N N 117 
GLU H    H N N 118 
GLU H2   H N N 119 
GLU HA   H N N 120 
GLU HB2  H N N 121 
GLU HB3  H N N 122 
GLU HG2  H N N 123 
GLU HG3  H N N 124 
GLU HE2  H N N 125 
GLU HXT  H N N 126 
GLY N    N N N 127 
GLY CA   C N N 128 
GLY C    C N N 129 
GLY O    O N N 130 
GLY OXT  O N N 131 
GLY H    H N N 132 
GLY H2   H N N 133 
GLY HA2  H N N 134 
GLY HA3  H N N 135 
GLY HXT  H N N 136 
HIS N    N N N 137 
HIS CA   C N S 138 
HIS C    C N N 139 
HIS O    O N N 140 
HIS CB   C N N 141 
HIS CG   C Y N 142 
HIS ND1  N Y N 143 
HIS CD2  C Y N 144 
HIS CE1  C Y N 145 
HIS NE2  N Y N 146 
HIS OXT  O N N 147 
HIS H    H N N 148 
HIS H2   H N N 149 
HIS HA   H N N 150 
HIS HB2  H N N 151 
HIS HB3  H N N 152 
HIS HD1  H N N 153 
HIS HD2  H N N 154 
HIS HE1  H N N 155 
HIS HE2  H N N 156 
HIS HXT  H N N 157 
HOH O    O N N 158 
HOH H1   H N N 159 
HOH H2   H N N 160 
ILE N    N N N 161 
ILE CA   C N S 162 
ILE C    C N N 163 
ILE O    O N N 164 
ILE CB   C N S 165 
ILE CG1  C N N 166 
ILE CG2  C N N 167 
ILE CD1  C N N 168 
ILE OXT  O N N 169 
ILE H    H N N 170 
ILE H2   H N N 171 
ILE HA   H N N 172 
ILE HB   H N N 173 
ILE HG12 H N N 174 
ILE HG13 H N N 175 
ILE HG21 H N N 176 
ILE HG22 H N N 177 
ILE HG23 H N N 178 
ILE HD11 H N N 179 
ILE HD12 H N N 180 
ILE HD13 H N N 181 
ILE HXT  H N N 182 
LEU N    N N N 183 
LEU CA   C N S 184 
LEU C    C N N 185 
LEU O    O N N 186 
LEU CB   C N N 187 
LEU CG   C N N 188 
LEU CD1  C N N 189 
LEU CD2  C N N 190 
LEU OXT  O N N 191 
LEU H    H N N 192 
LEU H2   H N N 193 
LEU HA   H N N 194 
LEU HB2  H N N 195 
LEU HB3  H N N 196 
LEU HG   H N N 197 
LEU HD11 H N N 198 
LEU HD12 H N N 199 
LEU HD13 H N N 200 
LEU HD21 H N N 201 
LEU HD22 H N N 202 
LEU HD23 H N N 203 
LEU HXT  H N N 204 
LYS N    N N N 205 
LYS CA   C N S 206 
LYS C    C N N 207 
LYS O    O N N 208 
LYS CB   C N N 209 
LYS CG   C N N 210 
LYS CD   C N N 211 
LYS CE   C N N 212 
LYS NZ   N N N 213 
LYS OXT  O N N 214 
LYS H    H N N 215 
LYS H2   H N N 216 
LYS HA   H N N 217 
LYS HB2  H N N 218 
LYS HB3  H N N 219 
LYS HG2  H N N 220 
LYS HG3  H N N 221 
LYS HD2  H N N 222 
LYS HD3  H N N 223 
LYS HE2  H N N 224 
LYS HE3  H N N 225 
LYS HZ1  H N N 226 
LYS HZ2  H N N 227 
LYS HZ3  H N N 228 
LYS HXT  H N N 229 
MET N    N N N 230 
MET CA   C N S 231 
MET C    C N N 232 
MET O    O N N 233 
MET CB   C N N 234 
MET CG   C N N 235 
MET SD   S N N 236 
MET CE   C N N 237 
MET OXT  O N N 238 
MET H    H N N 239 
MET H2   H N N 240 
MET HA   H N N 241 
MET HB2  H N N 242 
MET HB3  H N N 243 
MET HG2  H N N 244 
MET HG3  H N N 245 
MET HE1  H N N 246 
MET HE2  H N N 247 
MET HE3  H N N 248 
MET HXT  H N N 249 
PHE N    N N N 250 
PHE CA   C N S 251 
PHE C    C N N 252 
PHE O    O N N 253 
PHE CB   C N N 254 
PHE CG   C Y N 255 
PHE CD1  C Y N 256 
PHE CD2  C Y N 257 
PHE CE1  C Y N 258 
PHE CE2  C Y N 259 
PHE CZ   C Y N 260 
PHE OXT  O N N 261 
PHE H    H N N 262 
PHE H2   H N N 263 
PHE HA   H N N 264 
PHE HB2  H N N 265 
PHE HB3  H N N 266 
PHE HD1  H N N 267 
PHE HD2  H N N 268 
PHE HE1  H N N 269 
PHE HE2  H N N 270 
PHE HZ   H N N 271 
PHE HXT  H N N 272 
PRO N    N N N 273 
PRO CA   C N S 274 
PRO C    C N N 275 
PRO O    O N N 276 
PRO CB   C N N 277 
PRO CG   C N N 278 
PRO CD   C N N 279 
PRO OXT  O N N 280 
PRO H    H N N 281 
PRO HA   H N N 282 
PRO HB2  H N N 283 
PRO HB3  H N N 284 
PRO HG2  H N N 285 
PRO HG3  H N N 286 
PRO HD2  H N N 287 
PRO HD3  H N N 288 
PRO HXT  H N N 289 
SER N    N N N 290 
SER CA   C N S 291 
SER C    C N N 292 
SER O    O N N 293 
SER CB   C N N 294 
SER OG   O N N 295 
SER OXT  O N N 296 
SER H    H N N 297 
SER H2   H N N 298 
SER HA   H N N 299 
SER HB2  H N N 300 
SER HB3  H N N 301 
SER HG   H N N 302 
SER HXT  H N N 303 
THR N    N N N 304 
THR CA   C N S 305 
THR C    C N N 306 
THR O    O N N 307 
THR CB   C N R 308 
THR OG1  O N N 309 
THR CG2  C N N 310 
THR OXT  O N N 311 
THR H    H N N 312 
THR H2   H N N 313 
THR HA   H N N 314 
THR HB   H N N 315 
THR HG1  H N N 316 
THR HG21 H N N 317 
THR HG22 H N N 318 
THR HG23 H N N 319 
THR HXT  H N N 320 
TRP N    N N N 321 
TRP CA   C N S 322 
TRP C    C N N 323 
TRP O    O N N 324 
TRP CB   C N N 325 
TRP CG   C Y N 326 
TRP CD1  C Y N 327 
TRP CD2  C Y N 328 
TRP NE1  N Y N 329 
TRP CE2  C Y N 330 
TRP CE3  C Y N 331 
TRP CZ2  C Y N 332 
TRP CZ3  C Y N 333 
TRP CH2  C Y N 334 
TRP OXT  O N N 335 
TRP H    H N N 336 
TRP H2   H N N 337 
TRP HA   H N N 338 
TRP HB2  H N N 339 
TRP HB3  H N N 340 
TRP HD1  H N N 341 
TRP HE1  H N N 342 
TRP HE3  H N N 343 
TRP HZ2  H N N 344 
TRP HZ3  H N N 345 
TRP HH2  H N N 346 
TRP HXT  H N N 347 
TYR N    N N N 348 
TYR CA   C N S 349 
TYR C    C N N 350 
TYR O    O N N 351 
TYR CB   C N N 352 
TYR CG   C Y N 353 
TYR CD1  C Y N 354 
TYR CD2  C Y N 355 
TYR CE1  C Y N 356 
TYR CE2  C Y N 357 
TYR CZ   C Y N 358 
TYR OH   O N N 359 
TYR OXT  O N N 360 
TYR H    H N N 361 
TYR H2   H N N 362 
TYR HA   H N N 363 
TYR HB2  H N N 364 
TYR HB3  H N N 365 
TYR HD1  H N N 366 
TYR HD2  H N N 367 
TYR HE1  H N N 368 
TYR HE2  H N N 369 
TYR HH   H N N 370 
TYR HXT  H N N 371 
VAL N    N N N 372 
VAL CA   C N S 373 
VAL C    C N N 374 
VAL O    O N N 375 
VAL CB   C N N 376 
VAL CG1  C N N 377 
VAL CG2  C N N 378 
VAL OXT  O N N 379 
VAL H    H N N 380 
VAL H2   H N N 381 
VAL HA   H N N 382 
VAL HB   H N N 383 
VAL HG11 H N N 384 
VAL HG12 H N N 385 
VAL HG13 H N N 386 
VAL HG21 H N N 387 
VAL HG22 H N N 388 
VAL HG23 H N N 389 
VAL HXT  H N N 390 
# 
loop_
_chem_comp_bond.comp_id 
_chem_comp_bond.atom_id_1 
_chem_comp_bond.atom_id_2 
_chem_comp_bond.value_order 
_chem_comp_bond.pdbx_aromatic_flag 
_chem_comp_bond.pdbx_stereo_config 
_chem_comp_bond.pdbx_ordinal 
ALA N   CA   sing N N 1   
ALA N   H    sing N N 2   
ALA N   H2   sing N N 3   
ALA CA  C    sing N N 4   
ALA CA  CB   sing N N 5   
ALA CA  HA   sing N N 6   
ALA C   O    doub N N 7   
ALA C   OXT  sing N N 8   
ALA CB  HB1  sing N N 9   
ALA CB  HB2  sing N N 10  
ALA CB  HB3  sing N N 11  
ALA OXT HXT  sing N N 12  
ARG N   CA   sing N N 13  
ARG N   H    sing N N 14  
ARG N   H2   sing N N 15  
ARG CA  C    sing N N 16  
ARG CA  CB   sing N N 17  
ARG CA  HA   sing N N 18  
ARG C   O    doub N N 19  
ARG C   OXT  sing N N 20  
ARG CB  CG   sing N N 21  
ARG CB  HB2  sing N N 22  
ARG CB  HB3  sing N N 23  
ARG CG  CD   sing N N 24  
ARG CG  HG2  sing N N 25  
ARG CG  HG3  sing N N 26  
ARG CD  NE   sing N N 27  
ARG CD  HD2  sing N N 28  
ARG CD  HD3  sing N N 29  
ARG NE  CZ   sing N N 30  
ARG NE  HE   sing N N 31  
ARG CZ  NH1  sing N N 32  
ARG CZ  NH2  doub N N 33  
ARG NH1 HH11 sing N N 34  
ARG NH1 HH12 sing N N 35  
ARG NH2 HH21 sing N N 36  
ARG NH2 HH22 sing N N 37  
ARG OXT HXT  sing N N 38  
ASN N   CA   sing N N 39  
ASN N   H    sing N N 40  
ASN N   H2   sing N N 41  
ASN CA  C    sing N N 42  
ASN CA  CB   sing N N 43  
ASN CA  HA   sing N N 44  
ASN C   O    doub N N 45  
ASN C   OXT  sing N N 46  
ASN CB  CG   sing N N 47  
ASN CB  HB2  sing N N 48  
ASN CB  HB3  sing N N 49  
ASN CG  OD1  doub N N 50  
ASN CG  ND2  sing N N 51  
ASN ND2 HD21 sing N N 52  
ASN ND2 HD22 sing N N 53  
ASN OXT HXT  sing N N 54  
ASP N   CA   sing N N 55  
ASP N   H    sing N N 56  
ASP N   H2   sing N N 57  
ASP CA  C    sing N N 58  
ASP CA  CB   sing N N 59  
ASP CA  HA   sing N N 60  
ASP C   O    doub N N 61  
ASP C   OXT  sing N N 62  
ASP CB  CG   sing N N 63  
ASP CB  HB2  sing N N 64  
ASP CB  HB3  sing N N 65  
ASP CG  OD1  doub N N 66  
ASP CG  OD2  sing N N 67  
ASP OD2 HD2  sing N N 68  
ASP OXT HXT  sing N N 69  
CYS N   CA   sing N N 70  
CYS N   H    sing N N 71  
CYS N   H2   sing N N 72  
CYS CA  C    sing N N 73  
CYS CA  CB   sing N N 74  
CYS CA  HA   sing N N 75  
CYS C   O    doub N N 76  
CYS C   OXT  sing N N 77  
CYS CB  SG   sing N N 78  
CYS CB  HB2  sing N N 79  
CYS CB  HB3  sing N N 80  
CYS SG  HG   sing N N 81  
CYS OXT HXT  sing N N 82  
GLN N   CA   sing N N 83  
GLN N   H    sing N N 84  
GLN N   H2   sing N N 85  
GLN CA  C    sing N N 86  
GLN CA  CB   sing N N 87  
GLN CA  HA   sing N N 88  
GLN C   O    doub N N 89  
GLN C   OXT  sing N N 90  
GLN CB  CG   sing N N 91  
GLN CB  HB2  sing N N 92  
GLN CB  HB3  sing N N 93  
GLN CG  CD   sing N N 94  
GLN CG  HG2  sing N N 95  
GLN CG  HG3  sing N N 96  
GLN CD  OE1  doub N N 97  
GLN CD  NE2  sing N N 98  
GLN NE2 HE21 sing N N 99  
GLN NE2 HE22 sing N N 100 
GLN OXT HXT  sing N N 101 
GLU N   CA   sing N N 102 
GLU N   H    sing N N 103 
GLU N   H2   sing N N 104 
GLU CA  C    sing N N 105 
GLU CA  CB   sing N N 106 
GLU CA  HA   sing N N 107 
GLU C   O    doub N N 108 
GLU C   OXT  sing N N 109 
GLU CB  CG   sing N N 110 
GLU CB  HB2  sing N N 111 
GLU CB  HB3  sing N N 112 
GLU CG  CD   sing N N 113 
GLU CG  HG2  sing N N 114 
GLU CG  HG3  sing N N 115 
GLU CD  OE1  doub N N 116 
GLU CD  OE2  sing N N 117 
GLU OE2 HE2  sing N N 118 
GLU OXT HXT  sing N N 119 
GLY N   CA   sing N N 120 
GLY N   H    sing N N 121 
GLY N   H2   sing N N 122 
GLY CA  C    sing N N 123 
GLY CA  HA2  sing N N 124 
GLY CA  HA3  sing N N 125 
GLY C   O    doub N N 126 
GLY C   OXT  sing N N 127 
GLY OXT HXT  sing N N 128 
HIS N   CA   sing N N 129 
HIS N   H    sing N N 130 
HIS N   H2   sing N N 131 
HIS CA  C    sing N N 132 
HIS CA  CB   sing N N 133 
HIS CA  HA   sing N N 134 
HIS C   O    doub N N 135 
HIS C   OXT  sing N N 136 
HIS CB  CG   sing N N 137 
HIS CB  HB2  sing N N 138 
HIS CB  HB3  sing N N 139 
HIS CG  ND1  sing Y N 140 
HIS CG  CD2  doub Y N 141 
HIS ND1 CE1  doub Y N 142 
HIS ND1 HD1  sing N N 143 
HIS CD2 NE2  sing Y N 144 
HIS CD2 HD2  sing N N 145 
HIS CE1 NE2  sing Y N 146 
HIS CE1 HE1  sing N N 147 
HIS NE2 HE2  sing N N 148 
HIS OXT HXT  sing N N 149 
HOH O   H1   sing N N 150 
HOH O   H2   sing N N 151 
ILE N   CA   sing N N 152 
ILE N   H    sing N N 153 
ILE N   H2   sing N N 154 
ILE CA  C    sing N N 155 
ILE CA  CB   sing N N 156 
ILE CA  HA   sing N N 157 
ILE C   O    doub N N 158 
ILE C   OXT  sing N N 159 
ILE CB  CG1  sing N N 160 
ILE CB  CG2  sing N N 161 
ILE CB  HB   sing N N 162 
ILE CG1 CD1  sing N N 163 
ILE CG1 HG12 sing N N 164 
ILE CG1 HG13 sing N N 165 
ILE CG2 HG21 sing N N 166 
ILE CG2 HG22 sing N N 167 
ILE CG2 HG23 sing N N 168 
ILE CD1 HD11 sing N N 169 
ILE CD1 HD12 sing N N 170 
ILE CD1 HD13 sing N N 171 
ILE OXT HXT  sing N N 172 
LEU N   CA   sing N N 173 
LEU N   H    sing N N 174 
LEU N   H2   sing N N 175 
LEU CA  C    sing N N 176 
LEU CA  CB   sing N N 177 
LEU CA  HA   sing N N 178 
LEU C   O    doub N N 179 
LEU C   OXT  sing N N 180 
LEU CB  CG   sing N N 181 
LEU CB  HB2  sing N N 182 
LEU CB  HB3  sing N N 183 
LEU CG  CD1  sing N N 184 
LEU CG  CD2  sing N N 185 
LEU CG  HG   sing N N 186 
LEU CD1 HD11 sing N N 187 
LEU CD1 HD12 sing N N 188 
LEU CD1 HD13 sing N N 189 
LEU CD2 HD21 sing N N 190 
LEU CD2 HD22 sing N N 191 
LEU CD2 HD23 sing N N 192 
LEU OXT HXT  sing N N 193 
LYS N   CA   sing N N 194 
LYS N   H    sing N N 195 
LYS N   H2   sing N N 196 
LYS CA  C    sing N N 197 
LYS CA  CB   sing N N 198 
LYS CA  HA   sing N N 199 
LYS C   O    doub N N 200 
LYS C   OXT  sing N N 201 
LYS CB  CG   sing N N 202 
LYS CB  HB2  sing N N 203 
LYS CB  HB3  sing N N 204 
LYS CG  CD   sing N N 205 
LYS CG  HG2  sing N N 206 
LYS CG  HG3  sing N N 207 
LYS CD  CE   sing N N 208 
LYS CD  HD2  sing N N 209 
LYS CD  HD3  sing N N 210 
LYS CE  NZ   sing N N 211 
LYS CE  HE2  sing N N 212 
LYS CE  HE3  sing N N 213 
LYS NZ  HZ1  sing N N 214 
LYS NZ  HZ2  sing N N 215 
LYS NZ  HZ3  sing N N 216 
LYS OXT HXT  sing N N 217 
MET N   CA   sing N N 218 
MET N   H    sing N N 219 
MET N   H2   sing N N 220 
MET CA  C    sing N N 221 
MET CA  CB   sing N N 222 
MET CA  HA   sing N N 223 
MET C   O    doub N N 224 
MET C   OXT  sing N N 225 
MET CB  CG   sing N N 226 
MET CB  HB2  sing N N 227 
MET CB  HB3  sing N N 228 
MET CG  SD   sing N N 229 
MET CG  HG2  sing N N 230 
MET CG  HG3  sing N N 231 
MET SD  CE   sing N N 232 
MET CE  HE1  sing N N 233 
MET CE  HE2  sing N N 234 
MET CE  HE3  sing N N 235 
MET OXT HXT  sing N N 236 
PHE N   CA   sing N N 237 
PHE N   H    sing N N 238 
PHE N   H2   sing N N 239 
PHE CA  C    sing N N 240 
PHE CA  CB   sing N N 241 
PHE CA  HA   sing N N 242 
PHE C   O    doub N N 243 
PHE C   OXT  sing N N 244 
PHE CB  CG   sing N N 245 
PHE CB  HB2  sing N N 246 
PHE CB  HB3  sing N N 247 
PHE CG  CD1  doub Y N 248 
PHE CG  CD2  sing Y N 249 
PHE CD1 CE1  sing Y N 250 
PHE CD1 HD1  sing N N 251 
PHE CD2 CE2  doub Y N 252 
PHE CD2 HD2  sing N N 253 
PHE CE1 CZ   doub Y N 254 
PHE CE1 HE1  sing N N 255 
PHE CE2 CZ   sing Y N 256 
PHE CE2 HE2  sing N N 257 
PHE CZ  HZ   sing N N 258 
PHE OXT HXT  sing N N 259 
PRO N   CA   sing N N 260 
PRO N   CD   sing N N 261 
PRO N   H    sing N N 262 
PRO CA  C    sing N N 263 
PRO CA  CB   sing N N 264 
PRO CA  HA   sing N N 265 
PRO C   O    doub N N 266 
PRO C   OXT  sing N N 267 
PRO CB  CG   sing N N 268 
PRO CB  HB2  sing N N 269 
PRO CB  HB3  sing N N 270 
PRO CG  CD   sing N N 271 
PRO CG  HG2  sing N N 272 
PRO CG  HG3  sing N N 273 
PRO CD  HD2  sing N N 274 
PRO CD  HD3  sing N N 275 
PRO OXT HXT  sing N N 276 
SER N   CA   sing N N 277 
SER N   H    sing N N 278 
SER N   H2   sing N N 279 
SER CA  C    sing N N 280 
SER CA  CB   sing N N 281 
SER CA  HA   sing N N 282 
SER C   O    doub N N 283 
SER C   OXT  sing N N 284 
SER CB  OG   sing N N 285 
SER CB  HB2  sing N N 286 
SER CB  HB3  sing N N 287 
SER OG  HG   sing N N 288 
SER OXT HXT  sing N N 289 
THR N   CA   sing N N 290 
THR N   H    sing N N 291 
THR N   H2   sing N N 292 
THR CA  C    sing N N 293 
THR CA  CB   sing N N 294 
THR CA  HA   sing N N 295 
THR C   O    doub N N 296 
THR C   OXT  sing N N 297 
THR CB  OG1  sing N N 298 
THR CB  CG2  sing N N 299 
THR CB  HB   sing N N 300 
THR OG1 HG1  sing N N 301 
THR CG2 HG21 sing N N 302 
THR CG2 HG22 sing N N 303 
THR CG2 HG23 sing N N 304 
THR OXT HXT  sing N N 305 
TRP N   CA   sing N N 306 
TRP N   H    sing N N 307 
TRP N   H2   sing N N 308 
TRP CA  C    sing N N 309 
TRP CA  CB   sing N N 310 
TRP CA  HA   sing N N 311 
TRP C   O    doub N N 312 
TRP C   OXT  sing N N 313 
TRP CB  CG   sing N N 314 
TRP CB  HB2  sing N N 315 
TRP CB  HB3  sing N N 316 
TRP CG  CD1  doub Y N 317 
TRP CG  CD2  sing Y N 318 
TRP CD1 NE1  sing Y N 319 
TRP CD1 HD1  sing N N 320 
TRP CD2 CE2  doub Y N 321 
TRP CD2 CE3  sing Y N 322 
TRP NE1 CE2  sing Y N 323 
TRP NE1 HE1  sing N N 324 
TRP CE2 CZ2  sing Y N 325 
TRP CE3 CZ3  doub Y N 326 
TRP CE3 HE3  sing N N 327 
TRP CZ2 CH2  doub Y N 328 
TRP CZ2 HZ2  sing N N 329 
TRP CZ3 CH2  sing Y N 330 
TRP CZ3 HZ3  sing N N 331 
TRP CH2 HH2  sing N N 332 
TRP OXT HXT  sing N N 333 
TYR N   CA   sing N N 334 
TYR N   H    sing N N 335 
TYR N   H2   sing N N 336 
TYR CA  C    sing N N 337 
TYR CA  CB   sing N N 338 
TYR CA  HA   sing N N 339 
TYR C   O    doub N N 340 
TYR C   OXT  sing N N 341 
TYR CB  CG   sing N N 342 
TYR CB  HB2  sing N N 343 
TYR CB  HB3  sing N N 344 
TYR CG  CD1  doub Y N 345 
TYR CG  CD2  sing Y N 346 
TYR CD1 CE1  sing Y N 347 
TYR CD1 HD1  sing N N 348 
TYR CD2 CE2  doub Y N 349 
TYR CD2 HD2  sing N N 350 
TYR CE1 CZ   doub Y N 351 
TYR CE1 HE1  sing N N 352 
TYR CE2 CZ   sing Y N 353 
TYR CE2 HE2  sing N N 354 
TYR CZ  OH   sing N N 355 
TYR OH  HH   sing N N 356 
TYR OXT HXT  sing N N 357 
VAL N   CA   sing N N 358 
VAL N   H    sing N N 359 
VAL N   H2   sing N N 360 
VAL CA  C    sing N N 361 
VAL CA  CB   sing N N 362 
VAL CA  HA   sing N N 363 
VAL C   O    doub N N 364 
VAL C   OXT  sing N N 365 
VAL CB  CG1  sing N N 366 
VAL CB  CG2  sing N N 367 
VAL CB  HB   sing N N 368 
VAL CG1 HG11 sing N N 369 
VAL CG1 HG12 sing N N 370 
VAL CG1 HG13 sing N N 371 
VAL CG2 HG21 sing N N 372 
VAL CG2 HG22 sing N N 373 
VAL CG2 HG23 sing N N 374 
VAL OXT HXT  sing N N 375 
# 
_atom_sites.entry_id                    3RJ2 
_atom_sites.fract_transf_matrix[1][1]   0.00602775 
_atom_sites.fract_transf_matrix[1][2]   -0.01348145 
_atom_sites.fract_transf_matrix[1][3]   0.00784120 
_atom_sites.fract_transf_matrix[2][1]   -0.00305785 
_atom_sites.fract_transf_matrix[2][2]   0.01112921 
_atom_sites.fract_transf_matrix[2][3]   0.02148519 
_atom_sites.fract_transf_matrix[3][1]   -0.01700197 
_atom_sites.fract_transf_matrix[3][2]   -0.00862056 
_atom_sites.fract_transf_matrix[3][3]   0.00204562 
_atom_sites.fract_transf_vector[1]      0.264717 
_atom_sites.fract_transf_vector[2]      0.600595 
_atom_sites.fract_transf_vector[3]      0.766003 
# 
loop_
_atom_type.symbol 
C 
N 
O 
S 
# 
loop_
_atom_site.group_PDB 
_atom_site.id 
_atom_site.type_symbol 
_atom_site.label_atom_id 
_atom_site.label_alt_id 
_atom_site.label_comp_id 
_atom_site.label_asym_id 
_atom_site.label_entity_id 
_atom_site.label_seq_id 
_atom_site.pdbx_PDB_ins_code 
_atom_site.Cartn_x 
_atom_site.Cartn_y 
_atom_site.Cartn_z 
_atom_site.occupancy 
_atom_site.B_iso_or_equiv 
_atom_site.pdbx_formal_charge 
_atom_site.auth_seq_id 
_atom_site.auth_comp_id 
_atom_site.auth_asym_id 
_atom_site.auth_atom_id 
_atom_site.pdbx_PDB_model_num 
ATOM   1    N N   . ILE A 1 5   ? 2.308   -4.004  -11.095 1.00 17.83  ? 5   ILE X N   1 
ATOM   2    C CA  . ILE A 1 5   ? 1.727   -2.881  -10.268 1.00 17.20  ? 5   ILE X CA  1 
ATOM   3    C C   . ILE A 1 5   ? 2.804   -1.890  -9.817  1.00 17.11  ? 5   ILE X C   1 
ATOM   4    O O   . ILE A 1 5   ? 3.745   -2.235  -9.096  1.00 16.48  ? 5   ILE X O   1 
ATOM   5    C CB  . ILE A 1 5   ? 0.937   -3.407  -9.040  1.00 17.44  ? 5   ILE X CB  1 
ATOM   6    C CG1 . ILE A 1 5   ? 0.004   -4.539  -9.454  1.00 17.59  ? 5   ILE X CG1 1 
ATOM   7    C CG2 . ILE A 1 5   ? 0.140   -2.289  -8.353  1.00 16.27  ? 5   ILE X CG2 1 
ATOM   8    C CD1 . ILE A 1 5   ? 0.112   -5.735  -8.544  1.00 20.52  ? 5   ILE X CD1 1 
ATOM   9    N N   . VAL A 1 6   ? 2.654   -0.649  -10.258 1.00 17.71  ? 6   VAL X N   1 
ATOM   10   C CA  . VAL A 1 6   ? 3.598   0.405   -9.934  1.00 18.19  ? 6   VAL X CA  1 
ATOM   11   C C   . VAL A 1 6   ? 2.786   1.546   -9.386  1.00 18.85  ? 6   VAL X C   1 
ATOM   12   O O   . VAL A 1 6   ? 1.906   2.067   -10.061 1.00 19.61  ? 6   VAL X O   1 
ATOM   13   C CB  . VAL A 1 6   ? 4.422   0.828   -11.169 1.00 18.13  ? 6   VAL X CB  1 
ATOM   14   C CG1 . VAL A 1 6   ? 5.329   2.015   -10.836 1.00 18.00  ? 6   VAL X CG1 1 
ATOM   15   C CG2 . VAL A 1 6   ? 5.242   -0.361  -11.669 1.00 17.82  ? 6   VAL X CG2 1 
ATOM   16   N N   . ALA A 1 7   ? 3.048   1.900   -8.142  1.00 19.47  ? 7   ALA X N   1 
ATOM   17   C CA  . ALA A 1 7   ? 2.279   2.936   -7.472  1.00 20.56  ? 7   ALA X CA  1 
ATOM   18   C C   . ALA A 1 7   ? 3.131   4.173   -7.248  1.00 21.34  ? 7   ALA X C   1 
ATOM   19   O O   . ALA A 1 7   ? 4.254   4.088   -6.746  1.00 21.82  ? 7   ALA X O   1 
ATOM   20   C CB  . ALA A 1 7   ? 1.709   2.411   -6.143  1.00 20.14  ? 7   ALA X CB  1 
ATOM   21   N N   . ASN A 1 8   ? 2.602   5.317   -7.666  1.00 22.14  ? 8   ASN X N   1 
ATOM   22   C CA  . ASN A 1 8   ? 3.217   6.600   -7.400  1.00 23.24  ? 8   ASN X CA  1 
ATOM   23   C C   . ASN A 1 8   ? 2.401   7.254   -6.285  1.00 23.15  ? 8   ASN X C   1 
ATOM   24   O O   . ASN A 1 8   ? 1.248   7.636   -6.503  1.00 22.88  ? 8   ASN X O   1 
ATOM   25   C CB  . ASN A 1 8   ? 3.244   7.459   -8.678  1.00 23.81  ? 8   ASN X CB  1 
ATOM   26   C CG  . ASN A 1 8   ? 4.035   8.770   -8.501  1.00 27.19  ? 8   ASN X CG  1 
ATOM   27   O OD1 . ASN A 1 8   ? 3.535   9.748   -7.937  1.00 29.34  ? 8   ASN X OD1 1 
ATOM   28   N ND2 . ASN A 1 8   ? 5.273   8.790   -9.001  1.00 29.97  ? 8   ASN X ND2 1 
ATOM   29   N N   . CYS A 1 9   ? 2.986   7.335   -5.087  1.00 22.76  ? 9   CYS X N   1 
ATOM   30   C CA  . CYS A 1 9   ? 2.313   7.917   -3.927  1.00 22.60  ? 9   CYS X CA  1 
ATOM   31   C C   . CYS A 1 9   ? 2.901   9.267   -3.543  1.00 21.85  ? 9   CYS X C   1 
ATOM   32   O O   . CYS A 1 9   ? 4.097   9.362   -3.229  1.00 20.74  ? 9   CYS X O   1 
ATOM   33   C CB  . CYS A 1 9   ? 2.405   6.992   -2.711  1.00 22.98  ? 9   CYS X CB  1 
ATOM   34   S SG  . CYS A 1 9   ? 1.913   5.284   -3.005  1.00 27.11  ? 9   CYS X SG  1 
ATOM   35   N N   . GLU A 1 10  ? 2.047   10.296  -3.583  1.00 20.89  ? 10  GLU X N   1 
ATOM   36   C CA  . GLU A 1 10  ? 2.351   11.612  -3.016  1.00 20.68  ? 10  GLU X CA  1 
ATOM   37   C C   . GLU A 1 10  ? 1.672   11.769  -1.654  1.00 19.03  ? 10  GLU X C   1 
ATOM   38   O O   . GLU A 1 10  ? 0.458   11.912  -1.570  1.00 18.45  ? 10  GLU X O   1 
ATOM   39   C CB  . GLU A 1 10  ? 1.903   12.754  -3.934  1.00 21.00  ? 10  GLU X CB  1 
ATOM   40   C CG  . GLU A 1 10  ? 2.683   12.881  -5.223  1.00 25.43  ? 10  GLU X CG  1 
ATOM   41   C CD  . GLU A 1 10  ? 2.276   14.107  -6.071  1.00 30.71  ? 10  GLU X CD  1 
ATOM   42   O OE1 . GLU A 1 10  ? 1.148   14.631  -5.900  1.00 32.46  ? 10  GLU X OE1 1 
ATOM   43   O OE2 . GLU A 1 10  ? 3.099   14.539  -6.917  1.00 32.24  ? 10  GLU X OE2 1 
ATOM   44   N N   . PHE A 1 11  ? 2.479   11.727  -0.604  1.00 17.76  ? 11  PHE X N   1 
ATOM   45   C CA  . PHE A 1 11  ? 2.039   11.998  0.750   1.00 16.88  ? 11  PHE X CA  1 
ATOM   46   C C   . PHE A 1 11  ? 2.202   13.475  0.997   1.00 16.14  ? 11  PHE X C   1 
ATOM   47   O O   . PHE A 1 11  ? 3.270   14.026  0.758   1.00 16.73  ? 11  PHE X O   1 
ATOM   48   C CB  . PHE A 1 11  ? 2.849   11.188  1.752   1.00 16.22  ? 11  PHE X CB  1 
ATOM   49   C CG  . PHE A 1 11  ? 2.472   9.742   1.785   1.00 15.95  ? 11  PHE X CG  1 
ATOM   50   C CD1 . PHE A 1 11  ? 3.194   8.808   1.062   1.00 15.37  ? 11  PHE X CD1 1 
ATOM   51   C CD2 . PHE A 1 11  ? 1.374   9.318   2.522   1.00 15.42  ? 11  PHE X CD2 1 
ATOM   52   C CE1 . PHE A 1 11  ? 2.842   7.475   1.079   1.00 15.75  ? 11  PHE X CE1 1 
ATOM   53   C CE2 . PHE A 1 11  ? 1.017   7.978   2.550   1.00 15.24  ? 11  PHE X CE2 1 
ATOM   54   C CZ  . PHE A 1 11  ? 1.748   7.055   1.824   1.00 14.07  ? 11  PHE X CZ  1 
ATOM   55   N N   . VAL A 1 12  ? 1.121   14.113  1.434   1.00 15.63  ? 12  VAL X N   1 
ATOM   56   C CA  . VAL A 1 12  ? 1.071   15.568  1.618   1.00 15.12  ? 12  VAL X CA  1 
ATOM   57   C C   . VAL A 1 12  ? 0.940   15.863  3.102   1.00 15.01  ? 12  VAL X C   1 
ATOM   58   O O   . VAL A 1 12  ? 0.086   15.281  3.756   1.00 14.69  ? 12  VAL X O   1 
ATOM   59   C CB  . VAL A 1 12  ? -0.137  16.190  0.850   1.00 15.02  ? 12  VAL X CB  1 
ATOM   60   C CG1 . VAL A 1 12  ? -0.049  17.713  0.811   1.00 15.26  ? 12  VAL X CG1 1 
ATOM   61   C CG2 . VAL A 1 12  ? -0.225  15.636  -0.558  1.00 14.85  ? 12  VAL X CG2 1 
ATOM   62   N N   . ASN A 1 13  ? 1.795   16.736  3.644   1.00 15.73  ? 13  ASN X N   1 
ATOM   63   C CA  . ASN A 1 13  ? 1.660   17.138  5.048   1.00 16.48  ? 13  ASN X CA  1 
ATOM   64   C C   . ASN A 1 13  ? 0.634   18.264  5.231   1.00 17.67  ? 13  ASN X C   1 
ATOM   65   O O   . ASN A 1 13  ? -0.036  18.634  4.270   1.00 17.77  ? 13  ASN X O   1 
ATOM   66   C CB  . ASN A 1 13  ? 3.026   17.437  5.697   1.00 16.44  ? 13  ASN X CB  1 
ATOM   67   C CG  . ASN A 1 13  ? 3.668   18.742  5.198   1.00 16.93  ? 13  ASN X CG  1 
ATOM   68   O OD1 . ASN A 1 13  ? 3.064   19.519  4.456   1.00 17.29  ? 13  ASN X OD1 1 
ATOM   69   N ND2 . ASN A 1 13  ? 4.908   18.979  5.622   1.00 15.04  ? 13  ASN X ND2 1 
ATOM   70   N N   . ALA A 1 14  ? 0.520   18.815  6.448   1.00 18.74  ? 14  ALA X N   1 
ATOM   71   C CA  . ALA A 1 14  ? -0.507  19.812  6.763   1.00 19.90  ? 14  ALA X CA  1 
ATOM   72   C C   . ALA A 1 14  ? -0.369  21.126  5.987   1.00 20.92  ? 14  ALA X C   1 
ATOM   73   O O   . ALA A 1 14  ? -1.348  21.831  5.761   1.00 21.53  ? 14  ALA X O   1 
ATOM   74   C CB  . ALA A 1 14  ? -0.537  20.086  8.267   1.00 19.79  ? 14  ALA X CB  1 
ATOM   75   N N   . THR A 1 15  ? 0.845   21.466  5.584   1.00 21.41  ? 15  THR X N   1 
ATOM   76   C CA  . THR A 1 15  ? 1.045   22.711  4.881   1.00 22.20  ? 15  THR X CA  1 
ATOM   77   C C   . THR A 1 15  ? 1.197   22.512  3.368   1.00 21.91  ? 15  THR X C   1 
ATOM   78   O O   . THR A 1 15  ? 1.592   23.441  2.674   1.00 22.81  ? 15  THR X O   1 
ATOM   79   C CB  . THR A 1 15  ? 2.250   23.486  5.440   1.00 22.53  ? 15  THR X CB  1 
ATOM   80   O OG1 . THR A 1 15  ? 3.443   22.724  5.227   1.00 25.43  ? 15  THR X OG1 1 
ATOM   81   C CG2 . THR A 1 15  ? 2.087   23.751  6.937   1.00 23.11  ? 15  THR X CG2 1 
ATOM   82   N N   . GLY A 1 16  ? 0.899   21.314  2.863   1.00 21.16  ? 16  GLY X N   1 
ATOM   83   C CA  . GLY A 1 16  ? 0.985   21.038  1.421   1.00 20.62  ? 16  GLY X CA  1 
ATOM   84   C C   . GLY A 1 16  ? 2.321   20.652  0.787   1.00 20.40  ? 16  GLY X C   1 
ATOM   85   O O   . GLY A 1 16  ? 2.426   20.575  -0.434  1.00 19.79  ? 16  GLY X O   1 
ATOM   86   N N   . LYS A 1 17  ? 3.352   20.422  1.595   1.00 20.72  ? 17  LYS X N   1 
ATOM   87   C CA  . LYS A 1 17  ? 4.605   19.922  1.063   1.00 21.45  ? 17  LYS X CA  1 
ATOM   88   C C   . LYS A 1 17  ? 4.393   18.448  0.736   1.00 22.21  ? 17  LYS X C   1 
ATOM   89   O O   . LYS A 1 17  ? 3.844   17.703  1.554   1.00 22.40  ? 17  LYS X O   1 
ATOM   90   C CB  . LYS A 1 17  ? 5.729   20.093  2.077   1.00 21.41  ? 17  LYS X CB  1 
ATOM   91   C CG  . LYS A 1 17  ? 7.103   19.744  1.549   1.00 21.26  ? 17  LYS X CG  1 
ATOM   92   C CD  . LYS A 1 17  ? 8.036   19.327  2.679   1.00 24.67  ? 17  LYS X CD  1 
ATOM   93   C CE  . LYS A 1 17  ? 7.633   17.961  3.224   1.00 25.44  ? 17  LYS X CE  1 
ATOM   94   N NZ  . LYS A 1 17  ? 8.418   17.520  4.410   1.00 27.49  ? 17  LYS X NZ  1 
ATOM   95   N N   . LYS A 1 18  ? 4.794   18.036  -0.462  1.00 22.88  ? 18  LYS X N   1 
ATOM   96   C CA  . LYS A 1 18  ? 4.570   16.657  -0.916  1.00 24.32  ? 18  LYS X CA  1 
ATOM   97   C C   . LYS A 1 18  ? 5.824   15.803  -0.849  1.00 24.27  ? 18  LYS X C   1 
ATOM   98   O O   . LYS A 1 18  ? 6.916   16.252  -1.179  1.00 24.95  ? 18  LYS X O   1 
ATOM   99   C CB  . LYS A 1 18  ? 3.964   16.622  -2.327  1.00 24.33  ? 18  LYS X CB  1 
ATOM   100  C CG  . LYS A 1 18  ? 2.618   17.331  -2.397  1.00 26.91  ? 18  LYS X CG  1 
ATOM   101  C CD  . LYS A 1 18  ? 1.967   17.264  -3.779  1.00 29.99  ? 18  LYS X CD  1 
ATOM   102  C CE  . LYS A 1 18  ? 2.498   18.341  -4.711  1.00 31.83  ? 18  LYS X CE  1 
ATOM   103  N NZ  . LYS A 1 18  ? 1.565   18.566  -5.848  1.00 32.99  ? 18  LYS X NZ  1 
ATOM   104  N N   . THR A 1 19  ? 5.653   14.571  -0.398  1.00 24.07  ? 19  THR X N   1 
ATOM   105  C CA  . THR A 1 19  ? 6.724   13.588  -0.401  1.00 23.72  ? 19  THR X CA  1 
ATOM   106  C C   . THR A 1 19  ? 6.291   12.496  -1.376  1.00 23.44  ? 19  THR X C   1 
ATOM   107  O O   . THR A 1 19  ? 5.265   11.838  -1.193  1.00 22.06  ? 19  THR X O   1 
ATOM   108  C CB  . THR A 1 19  ? 6.964   13.025  1.021   1.00 24.20  ? 19  THR X CB  1 
ATOM   109  O OG1 . THR A 1 19  ? 7.374   14.087  1.896   1.00 25.00  ? 19  THR X OG1 1 
ATOM   110  C CG2 . THR A 1 19  ? 8.027   11.909  1.035   1.00 24.55  ? 19  THR X CG2 1 
ATOM   111  N N   . THR A 1 20  ? 7.059   12.344  -2.443  1.00 23.74  ? 20  THR X N   1 
ATOM   112  C CA  . THR A 1 20  ? 6.740   11.360  -3.455  1.00 24.46  ? 20  THR X CA  1 
ATOM   113  C C   . THR A 1 20  ? 7.501   10.069  -3.193  1.00 24.38  ? 20  THR X C   1 
ATOM   114  O O   . THR A 1 20  ? 8.699   10.088  -2.898  1.00 24.44  ? 20  THR X O   1 
ATOM   115  C CB  . THR A 1 20  ? 7.022   11.894  -4.867  1.00 24.79  ? 20  THR X CB  1 
ATOM   116  O OG1 . THR A 1 20  ? 6.330   13.139  -5.037  1.00 25.28  ? 20  THR X OG1 1 
ATOM   117  C CG2 . THR A 1 20  ? 6.536   10.898  -5.929  1.00 24.93  ? 20  THR X CG2 1 
ATOM   118  N N   . ILE A 1 21  ? 6.781   8.957   -3.271  1.00 24.39  ? 21  ILE X N   1 
ATOM   119  C CA  . ILE A 1 21  ? 7.384   7.647   -3.167  1.00 24.72  ? 21  ILE X CA  1 
ATOM   120  C C   . ILE A 1 21  ? 6.915   6.816   -4.346  1.00 25.33  ? 21  ILE X C   1 
ATOM   121  O O   . ILE A 1 21  ? 5.727   6.777   -4.649  1.00 25.14  ? 21  ILE X O   1 
ATOM   122  C CB  . ILE A 1 21  ? 7.022   6.977   -1.832  1.00 24.92  ? 21  ILE X CB  1 
ATOM   123  C CG1 . ILE A 1 21  ? 7.623   7.788   -0.675  1.00 25.08  ? 21  ILE X CG1 1 
ATOM   124  C CG2 . ILE A 1 21  ? 7.509   5.525   -1.802  1.00 24.89  ? 21  ILE X CG2 1 
ATOM   125  C CD1 . ILE A 1 21  ? 7.152   7.396   0.654   1.00 25.81  ? 21  ILE X CD1 1 
ATOM   126  N N   . LEU A 1 22  ? 7.857   6.176   -5.031  1.00 26.20  ? 22  LEU X N   1 
ATOM   127  C CA  . LEU A 1 22  ? 7.519   5.320   -6.153  1.00 27.70  ? 22  LEU X CA  1 
ATOM   128  C C   . LEU A 1 22  ? 7.702   3.883   -5.693  1.00 28.48  ? 22  LEU X C   1 
ATOM   129  O O   . LEU A 1 22  ? 8.823   3.441   -5.479  1.00 28.47  ? 22  LEU X O   1 
ATOM   130  C CB  . LEU A 1 22  ? 8.428   5.626   -7.352  1.00 27.73  ? 22  LEU X CB  1 
ATOM   131  C CG  . LEU A 1 22  ? 7.870   5.592   -8.779  1.00 29.03  ? 22  LEU X CG  1 
ATOM   132  C CD1 . LEU A 1 22  ? 9.019   5.564   -9.795  1.00 30.53  ? 22  LEU X CD1 1 
ATOM   133  C CD2 . LEU A 1 22  ? 6.940   4.433   -9.019  1.00 28.57  ? 22  LEU X CD2 1 
ATOM   134  N N   . VAL A 1 23  ? 6.610   3.146   -5.540  1.00 29.65  ? 23  VAL X N   1 
ATOM   135  C CA  . VAL A 1 23  ? 6.714   1.798   -4.970  1.00 31.16  ? 23  VAL X CA  1 
ATOM   136  C C   . VAL A 1 23  ? 7.523   0.748   -5.765  1.00 32.37  ? 23  VAL X C   1 
ATOM   137  O O   . VAL A 1 23  ? 8.580   0.313   -5.295  1.00 33.59  ? 23  VAL X O   1 
ATOM   138  C CB  . VAL A 1 23  ? 5.371   1.264   -4.453  1.00 30.90  ? 23  VAL X CB  1 
ATOM   139  C CG1 . VAL A 1 23  ? 5.552   -0.132  -3.928  1.00 30.68  ? 23  VAL X CG1 1 
ATOM   140  C CG2 . VAL A 1 23  ? 4.869   2.176   -3.331  1.00 30.94  ? 23  VAL X CG2 1 
ATOM   141  N N   . ASN A 1 24  ? 7.086   0.340   -6.946  1.00 33.34  ? 24  ASN X N   1 
ATOM   142  C CA  . ASN A 1 24  ? 7.800   -0.756  -7.621  1.00 34.25  ? 24  ASN X CA  1 
ATOM   143  C C   . ASN A 1 24  ? 8.465   -0.412  -8.976  1.00 35.36  ? 24  ASN X C   1 
ATOM   144  O O   . ASN A 1 24  ? 7.793   -0.006  -9.897  1.00 35.74  ? 24  ASN X O   1 
ATOM   145  C CB  . ASN A 1 24  ? 6.825   -1.933  -7.764  1.00 33.69  ? 24  ASN X CB  1 
ATOM   146  C CG  . ASN A 1 24  ? 7.341   -3.028  -8.664  1.00 33.01  ? 24  ASN X CG  1 
ATOM   147  O OD1 . ASN A 1 24  ? 8.517   -3.380  -8.625  1.00 33.59  ? 24  ASN X OD1 1 
ATOM   148  N ND2 . ASN A 1 24  ? 6.453   -3.588  -9.473  1.00 30.46  ? 24  ASN X ND2 1 
ATOM   149  N N   . GLU A 1 25  ? 9.775   -0.589  -9.116  1.00 37.55  ? 25  GLU X N   1 
ATOM   150  C CA  . GLU A 1 25  ? 10.404  -0.447  -10.460 1.00 39.49  ? 25  GLU X CA  1 
ATOM   151  C C   . GLU A 1 25  ? 11.273  -1.620  -10.933 1.00 40.28  ? 25  GLU X C   1 
ATOM   152  O O   . GLU A 1 25  ? 12.301  -1.927  -10.326 1.00 40.93  ? 25  GLU X O   1 
ATOM   153  C CB  . GLU A 1 25  ? 11.217  0.840   -10.610 1.00 39.47  ? 25  GLU X CB  1 
ATOM   154  C CG  . GLU A 1 25  ? 10.505  2.109   -10.225 1.00 41.49  ? 25  GLU X CG  1 
ATOM   155  C CD  . GLU A 1 25  ? 10.769  2.474   -8.785  1.00 43.60  ? 25  GLU X CD  1 
ATOM   156  O OE1 . GLU A 1 25  ? 10.172  1.834   -7.891  1.00 44.68  ? 25  GLU X OE1 1 
ATOM   157  O OE2 . GLU A 1 25  ? 11.586  3.392   -8.552  1.00 45.64  ? 25  GLU X OE2 1 
ATOM   158  N N   . ASN A 1 26  ? 10.860  -2.285  -12.006 1.00 41.32  ? 26  ASN X N   1 
ATOM   159  C CA  . ASN A 1 26  ? 9.498   -2.214  -12.527 1.00 42.45  ? 26  ASN X CA  1 
ATOM   160  C C   . ASN A 1 26  ? 9.055   -3.655  -12.425 1.00 43.36  ? 26  ASN X C   1 
ATOM   161  O O   . ASN A 1 26  ? 8.473   -4.220  -13.358 1.00 43.74  ? 26  ASN X O   1 
ATOM   162  C CB  . ASN A 1 26  ? 9.488   -1.723  -13.983 1.00 42.52  ? 26  ASN X CB  1 
ATOM   163  C CG  . ASN A 1 26  ? 8.133   -1.155  -14.420 1.00 42.42  ? 26  ASN X CG  1 
ATOM   164  O OD1 . ASN A 1 26  ? 7.150   -1.890  -14.582 1.00 42.56  ? 26  ASN X OD1 1 
ATOM   165  N ND2 . ASN A 1 26  ? 8.089   0.155   -14.640 1.00 41.23  ? 26  ASN X ND2 1 
ATOM   166  N N   . TRP A 1 27  ? 9.361   -4.241  -11.263 1.00 44.05  ? 27  TRP X N   1 
ATOM   167  C CA  . TRP A 1 27  ? 9.360   -5.686  -11.057 1.00 44.95  ? 27  TRP X CA  1 
ATOM   168  C C   . TRP A 1 27  ? 8.058   -6.318  -11.538 1.00 44.33  ? 27  TRP X C   1 
ATOM   169  O O   . TRP A 1 27  ? 7.127   -6.550  -10.760 1.00 43.60  ? 27  TRP X O   1 
ATOM   170  C CB  . TRP A 1 27  ? 9.738   -6.057  -9.598  1.00 45.63  ? 27  TRP X CB  1 
ATOM   171  C CG  . TRP A 1 27  ? 11.136  -5.519  -9.168  1.00 49.91  ? 27  TRP X CG  1 
ATOM   172  C CD1 . TRP A 1 27  ? 11.436  -4.242  -8.745  1.00 52.34  ? 27  TRP X CD1 1 
ATOM   173  C CD2 . TRP A 1 27  ? 12.392  -6.243  -9.148  1.00 53.11  ? 27  TRP X CD2 1 
ATOM   174  N NE1 . TRP A 1 27  ? 12.787  -4.131  -8.471  1.00 53.77  ? 27  TRP X NE1 1 
ATOM   175  C CE2 . TRP A 1 27  ? 13.393  -5.341  -8.706  1.00 53.94  ? 27  TRP X CE2 1 
ATOM   176  C CE3 . TRP A 1 27  ? 12.764  -7.562  -9.459  1.00 54.54  ? 27  TRP X CE3 1 
ATOM   177  C CZ2 . TRP A 1 27  ? 14.738  -5.721  -8.561  1.00 54.97  ? 27  TRP X CZ2 1 
ATOM   178  C CZ3 . TRP A 1 27  ? 14.108  -7.938  -9.314  1.00 55.45  ? 27  TRP X CZ3 1 
ATOM   179  C CH2 . TRP A 1 27  ? 15.075  -7.017  -8.872  1.00 55.34  ? 27  TRP X CH2 1 
ATOM   180  N N   . ALA A 1 28  ? 8.020   -6.543  -12.860 1.00 44.20  ? 28  ALA X N   1 
ATOM   181  C CA  . ALA A 1 28  ? 6.922   -7.232  -13.567 1.00 43.68  ? 28  ALA X CA  1 
ATOM   182  C C   . ALA A 1 28  ? 6.602   -8.589  -12.920 1.00 43.00  ? 28  ALA X C   1 
ATOM   183  O O   . ALA A 1 28  ? 5.826   -9.403  -13.448 1.00 43.15  ? 28  ALA X O   1 
ATOM   184  C CB  . ALA A 1 28  ? 7.252   -7.385  -15.063 1.00 43.77  ? 28  ALA X CB  1 
ATOM   185  N N   . LYS A 1 29  ? 7.229   -8.806  -11.766 1.00 42.05  ? 29  LYS X N   1 
ATOM   186  C CA  . LYS A 1 29  ? 6.845   -9.847  -10.831 1.00 41.21  ? 29  LYS X CA  1 
ATOM   187  C C   . LYS A 1 29  ? 5.497   -9.408  -10.270 1.00 39.44  ? 29  LYS X C   1 
ATOM   188  O O   . LYS A 1 29  ? 5.009   -8.336  -10.602 1.00 39.75  ? 29  LYS X O   1 
ATOM   189  C CB  . LYS A 1 29  ? 7.935   -10.040 -9.763  1.00 41.76  ? 29  LYS X CB  1 
ATOM   190  C CG  . LYS A 1 29  ? 9.278   -10.520 -10.369 1.00 43.17  ? 29  LYS X CG  1 
ATOM   191  C CD  . LYS A 1 29  ? 10.501  -9.951  -9.651  1.00 45.15  ? 29  LYS X CD  1 
ATOM   192  C CE  . LYS A 1 29  ? 11.007  -10.881 -8.547  1.00 45.99  ? 29  LYS X CE  1 
ATOM   193  N NZ  . LYS A 1 29  ? 12.064  -10.227 -7.720  1.00 47.23  ? 29  LYS X NZ  1 
ATOM   194  N N   . TYR A 1 30  ? 4.863   -10.242 -9.470  1.00 37.51  ? 30  TYR X N   1 
ATOM   195  C CA  . TYR A 1 30  ? 3.420   -10.117 -9.325  1.00 35.12  ? 30  TYR X CA  1 
ATOM   196  C C   . TYR A 1 30  ? 2.974   -9.335  -8.064  1.00 32.14  ? 30  TYR X C   1 
ATOM   197  O O   . TYR A 1 30  ? 3.291   -8.136  -7.958  1.00 31.58  ? 30  TYR X O   1 
ATOM   198  C CB  . TYR A 1 30  ? 2.782   -11.503 -9.532  1.00 36.38  ? 30  TYR X CB  1 
ATOM   199  C CG  . TYR A 1 30  ? 2.805   -11.949 -11.005 1.00 39.94  ? 30  TYR X CG  1 
ATOM   200  C CD1 . TYR A 1 30  ? 1.608   -12.169 -11.705 1.00 43.17  ? 30  TYR X CD1 1 
ATOM   201  C CD2 . TYR A 1 30  ? 4.018   -12.123 -11.705 1.00 41.72  ? 30  TYR X CD2 1 
ATOM   202  C CE1 . TYR A 1 30  ? 1.610   -12.565 -13.055 1.00 45.28  ? 30  TYR X CE1 1 
ATOM   203  C CE2 . TYR A 1 30  ? 4.032   -12.513 -13.055 1.00 43.79  ? 30  TYR X CE2 1 
ATOM   204  C CZ  . TYR A 1 30  ? 2.821   -12.732 -13.724 1.00 45.54  ? 30  TYR X CZ  1 
ATOM   205  O OH  . TYR A 1 30  ? 2.803   -13.120 -15.056 1.00 45.95  ? 30  TYR X OH  1 
ATOM   206  N N   . CYS A 1 31  ? 2.263   -9.981  -7.132  1.00 28.35  ? 31  CYS X N   1 
ATOM   207  C CA  . CYS A 1 31  ? 1.781   -9.319  -5.906  1.00 24.86  ? 31  CYS X CA  1 
ATOM   208  C C   . CYS A 1 31  ? 2.901   -8.866  -4.971  1.00 22.77  ? 31  CYS X C   1 
ATOM   209  O O   . CYS A 1 31  ? 3.908   -9.556  -4.808  1.00 22.49  ? 31  CYS X O   1 
ATOM   210  C CB  . CYS A 1 31  ? 0.854   -10.229 -5.119  1.00 24.60  ? 31  CYS X CB  1 
ATOM   211  S SG  . CYS A 1 31  ? -0.681  -10.533 -5.909  1.00 24.60  ? 31  CYS X SG  1 
ATOM   212  N N   . TRP A 1 32  ? 2.717   -7.697  -4.373  1.00 19.96  ? 32  TRP X N   1 
ATOM   213  C CA  . TRP A 1 32  ? 3.606   -7.224  -3.319  1.00 17.35  ? 32  TRP X CA  1 
ATOM   214  C C   . TRP A 1 32  ? 2.839   -6.538  -2.196  1.00 16.16  ? 32  TRP X C   1 
ATOM   215  O O   . TRP A 1 32  ? 1.647   -6.258  -2.322  1.00 15.05  ? 32  TRP X O   1 
ATOM   216  C CB  . TRP A 1 32  ? 4.736   -6.337  -3.870  1.00 16.52  ? 32  TRP X CB  1 
ATOM   217  C CG  . TRP A 1 32  ? 4.300   -5.225  -4.790  1.00 16.28  ? 32  TRP X CG  1 
ATOM   218  C CD1 . TRP A 1 32  ? 4.446   -5.185  -6.157  1.00 15.71  ? 32  TRP X CD1 1 
ATOM   219  C CD2 . TRP A 1 32  ? 3.681   -3.987  -4.420  1.00 13.45  ? 32  TRP X CD2 1 
ATOM   220  N NE1 . TRP A 1 32  ? 3.941   -4.014  -6.652  1.00 14.25  ? 32  TRP X NE1 1 
ATOM   221  C CE2 . TRP A 1 32  ? 3.465   -3.257  -5.613  1.00 12.91  ? 32  TRP X CE2 1 
ATOM   222  C CE3 . TRP A 1 32  ? 3.280   -3.422  -3.196  1.00 12.63  ? 32  TRP X CE3 1 
ATOM   223  C CZ2 . TRP A 1 32  ? 2.851   -1.992  -5.625  1.00 11.75  ? 32  TRP X CZ2 1 
ATOM   224  C CZ3 . TRP A 1 32  ? 2.670   -2.162  -3.208  1.00 10.91  ? 32  TRP X CZ3 1 
ATOM   225  C CH2 . TRP A 1 32  ? 2.468   -1.463  -4.415  1.00 11.10  ? 32  TRP X CH2 1 
ATOM   226  N N   . ILE A 1 33  ? 3.535   -6.318  -1.083  1.00 15.16  ? 33  ILE X N   1 
ATOM   227  C CA  . ILE A 1 33  ? 3.019   -5.560  0.051   1.00 14.49  ? 33  ILE X CA  1 
ATOM   228  C C   . ILE A 1 33  ? 4.065   -4.498  0.328   1.00 13.90  ? 33  ILE X C   1 
ATOM   229  O O   . ILE A 1 33  ? 5.270   -4.746  0.209   1.00 13.82  ? 33  ILE X O   1 
ATOM   230  C CB  . ILE A 1 33  ? 2.796   -6.450  1.295   1.00 14.39  ? 33  ILE X CB  1 
ATOM   231  C CG1 . ILE A 1 33  ? 1.783   -7.557  0.987   1.00 14.70  ? 33  ILE X CG1 1 
ATOM   232  C CG2 . ILE A 1 33  ? 2.323   -5.625  2.485   1.00 15.07  ? 33  ILE X CG2 1 
ATOM   233  C CD1 . ILE A 1 33  ? 1.690   -8.620  2.078   1.00 16.37  ? 33  ILE X CD1 1 
ATOM   234  N N   . TRP A 1 34  ? 3.593   -3.304  0.653   1.00 12.94  ? 34  TRP X N   1 
ATOM   235  C CA  . TRP A 1 34  ? 4.458   -2.182  0.930   1.00 12.56  ? 34  TRP X CA  1 
ATOM   236  C C   . TRP A 1 34  ? 4.071   -1.554  2.263   1.00 12.29  ? 34  TRP X C   1 
ATOM   237  O O   . TRP A 1 34  ? 2.895   -1.301  2.518   1.00 11.19  ? 34  TRP X O   1 
ATOM   238  C CB  . TRP A 1 34  ? 4.342   -1.181  -0.212  1.00 12.62  ? 34  TRP X CB  1 
ATOM   239  C CG  . TRP A 1 34  ? 5.080   0.099   -0.054  1.00 11.58  ? 34  TRP X CG  1 
ATOM   240  C CD1 . TRP A 1 34  ? 6.408   0.320   -0.299  1.00 12.08  ? 34  TRP X CD1 1 
ATOM   241  C CD2 . TRP A 1 34  ? 4.525   1.361   0.340   1.00 12.13  ? 34  TRP X CD2 1 
ATOM   242  N NE1 . TRP A 1 34  ? 6.718   1.647   -0.058  1.00 12.17  ? 34  TRP X NE1 1 
ATOM   243  C CE2 . TRP A 1 34  ? 5.576   2.306   0.327   1.00 12.57  ? 34  TRP X CE2 1 
ATOM   244  C CE3 . TRP A 1 34  ? 3.239   1.784   0.729   1.00 13.11  ? 34  TRP X CE3 1 
ATOM   245  C CZ2 . TRP A 1 34  ? 5.376   3.666   0.665   1.00 12.72  ? 34  TRP X CZ2 1 
ATOM   246  C CZ3 . TRP A 1 34  ? 3.043   3.145   1.069   1.00 12.01  ? 34  TRP X CZ3 1 
ATOM   247  C CH2 . TRP A 1 34  ? 4.107   4.059   1.024   1.00 11.68  ? 34  TRP X CH2 1 
ATOM   248  N N   . THR A 1 35  ? 5.077   -1.331  3.104   1.00 12.12  ? 35  THR X N   1 
ATOM   249  C CA  . THR A 1 35  ? 4.920   -0.687  4.408   1.00 13.03  ? 35  THR X CA  1 
ATOM   250  C C   . THR A 1 35  ? 5.766   0.589   4.519   1.00 12.55  ? 35  THR X C   1 
ATOM   251  O O   . THR A 1 35  ? 6.943   0.592   4.177   1.00 12.65  ? 35  THR X O   1 
ATOM   252  C CB  . THR A 1 35  ? 5.327   -1.644  5.555   1.00 13.17  ? 35  THR X CB  1 
ATOM   253  O OG1 . THR A 1 35  ? 4.570   -2.852  5.442   1.00 14.43  ? 35  THR X OG1 1 
ATOM   254  C CG2 . THR A 1 35  ? 5.041   -1.011  6.922   1.00 13.32  ? 35  THR X CG2 1 
ATOM   255  N N   . TYR A 1 36  ? 5.162   1.663   5.010   1.00 12.40  ? 36  TYR X N   1 
ATOM   256  C CA  . TYR A 1 36  ? 5.852   2.944   5.128   1.00 12.82  ? 36  TYR X CA  1 
ATOM   257  C C   . TYR A 1 36  ? 5.594   3.542   6.495   1.00 13.13  ? 36  TYR X C   1 
ATOM   258  O O   . TYR A 1 36  ? 4.448   3.828   6.843   1.00 13.28  ? 36  TYR X O   1 
ATOM   259  C CB  . TYR A 1 36  ? 5.367   3.896   4.031   1.00 12.42  ? 36  TYR X CB  1 
ATOM   260  C CG  . TYR A 1 36  ? 5.915   5.310   4.033   1.00 13.36  ? 36  TYR X CG  1 
ATOM   261  C CD1 . TYR A 1 36  ? 7.255   5.583   4.332   1.00 15.48  ? 36  TYR X CD1 1 
ATOM   262  C CD2 . TYR A 1 36  ? 5.102   6.374   3.673   1.00 14.03  ? 36  TYR X CD2 1 
ATOM   263  C CE1 . TYR A 1 36  ? 7.758   6.895   4.290   1.00 16.04  ? 36  TYR X CE1 1 
ATOM   264  C CE2 . TYR A 1 36  ? 5.585   7.682   3.641   1.00 15.34  ? 36  TYR X CE2 1 
ATOM   265  C CZ  . TYR A 1 36  ? 6.908   7.934   3.939   1.00 16.32  ? 36  TYR X CZ  1 
ATOM   266  O OH  . TYR A 1 36  ? 7.365   9.229   3.895   1.00 17.21  ? 36  TYR X OH  1 
ATOM   267  N N   . LYS A 1 37  ? 6.661   3.716   7.264   1.00 13.56  ? 37  LYS X N   1 
ATOM   268  C CA  . LYS A 1 37  ? 6.600   4.420   8.538   1.00 14.67  ? 37  LYS X CA  1 
ATOM   269  C C   . LYS A 1 37  ? 6.736   5.906   8.246   1.00 14.51  ? 37  LYS X C   1 
ATOM   270  O O   . LYS A 1 37  ? 7.698   6.316   7.615   1.00 14.52  ? 37  LYS X O   1 
ATOM   271  C CB  . LYS A 1 37  ? 7.742   3.972   9.458   1.00 15.27  ? 37  LYS X CB  1 
ATOM   272  C CG  . LYS A 1 37  ? 7.611   4.494   10.881  1.00 16.98  ? 37  LYS X CG  1 
ATOM   273  C CD  . LYS A 1 37  ? 8.823   4.138   11.726  1.00 20.06  ? 37  LYS X CD  1 
ATOM   274  C CE  . LYS A 1 37  ? 8.795   4.914   13.036  1.00 22.95  ? 37  LYS X CE  1 
ATOM   275  N NZ  . LYS A 1 37  ? 9.731   4.309   14.049  1.00 27.56  ? 37  LYS X NZ  1 
ATOM   276  N N   . PHE A 1 38  ? 5.764   6.700   8.680   1.00 14.75  ? 38  PHE X N   1 
ATOM   277  C CA  . PHE A 1 38  ? 5.783   8.149   8.444   1.00 15.07  ? 38  PHE X CA  1 
ATOM   278  C C   . PHE A 1 38  ? 6.922   8.828   9.208   1.00 15.91  ? 38  PHE X C   1 
ATOM   279  O O   . PHE A 1 38  ? 7.082   8.593   10.410  1.00 15.82  ? 38  PHE X O   1 
ATOM   280  C CB  . PHE A 1 38  ? 4.457   8.796   8.856   1.00 14.29  ? 38  PHE X CB  1 
ATOM   281  C CG  . PHE A 1 38  ? 3.242   8.309   8.070   1.00 13.83  ? 38  PHE X CG  1 
ATOM   282  C CD1 . PHE A 1 38  ? 3.378   7.497   6.944   1.00 12.93  ? 38  PHE X CD1 1 
ATOM   283  C CD2 . PHE A 1 38  ? 1.962   8.694   8.459   1.00 11.57  ? 38  PHE X CD2 1 
ATOM   284  C CE1 . PHE A 1 38  ? 2.255   7.077   6.227   1.00 13.53  ? 38  PHE X CE1 1 
ATOM   285  C CE2 . PHE A 1 38  ? 0.839   8.277   7.747   1.00 11.75  ? 38  PHE X CE2 1 
ATOM   286  C CZ  . PHE A 1 38  ? 0.985   7.471   6.638   1.00 11.15  ? 38  PHE X CZ  1 
ATOM   287  N N   . PRO A 1 39  ? 7.728   9.652   8.511   1.00 16.81  ? 39  PRO X N   1 
ATOM   288  C CA  . PRO A 1 39  ? 8.719   10.474  9.213   1.00 17.32  ? 39  PRO X CA  1 
ATOM   289  C C   . PRO A 1 39  ? 8.080   11.755  9.779   1.00 18.01  ? 39  PRO X C   1 
ATOM   290  O O   . PRO A 1 39  ? 8.705   12.449  10.581  1.00 17.91  ? 39  PRO X O   1 
ATOM   291  C CB  . PRO A 1 39  ? 9.736   10.798  8.117   1.00 17.27  ? 39  PRO X CB  1 
ATOM   292  C CG  . PRO A 1 39  ? 8.923   10.836  6.851   1.00 17.04  ? 39  PRO X CG  1 
ATOM   293  C CD  . PRO A 1 39  ? 7.857   9.769   7.044   1.00 16.63  ? 39  PRO X CD  1 
ATOM   294  N N   . GLU A 1 40  ? 6.835   12.029  9.369   1.00 18.20  ? 40  GLU X N   1 
ATOM   295  C CA  . GLU A 1 40  ? 6.056   13.196  9.804   1.00 18.71  ? 40  GLU X CA  1 
ATOM   296  C C   . GLU A 1 40  ? 4.574   12.916  9.539   1.00 18.50  ? 40  GLU X C   1 
ATOM   297  O O   . GLU A 1 40  ? 4.246   11.994  8.794   1.00 18.35  ? 40  GLU X O   1 
ATOM   298  C CB  . GLU A 1 40  ? 6.497   14.455  9.045   1.00 19.22  ? 40  GLU X CB  1 
ATOM   299  C CG  . GLU A 1 40  ? 6.225   14.401  7.536   1.00 20.04  ? 40  GLU X CG  1 
ATOM   300  C CD  . GLU A 1 40  ? 6.736   15.625  6.796   1.00 23.47  ? 40  GLU X CD  1 
ATOM   301  O OE1 . GLU A 1 40  ? 6.302   16.750  7.126   1.00 24.77  ? 40  GLU X OE1 1 
ATOM   302  O OE2 . GLU A 1 40  ? 7.563   15.461  5.872   1.00 23.90  ? 40  GLU X OE2 1 
ATOM   303  N N   . LYS A 1 41  ? 3.682   13.704  10.130  1.00 18.34  ? 41  LYS X N   1 
ATOM   304  C CA  . LYS A 1 41  ? 2.242   13.487  9.935   1.00 18.55  ? 41  LYS X CA  1 
ATOM   305  C C   . LYS A 1 41  ? 1.807   13.909  8.527   1.00 17.29  ? 41  LYS X C   1 
ATOM   306  O O   . LYS A 1 41  ? 2.202   14.956  8.009   1.00 17.01  ? 41  LYS X O   1 
ATOM   307  C CB  . LYS A 1 41  ? 1.400   14.212  11.004  1.00 19.79  ? 41  LYS X CB  1 
ATOM   308  C CG  . LYS A 1 41  ? 1.858   13.934  12.453  1.00 23.68  ? 41  LYS X CG  1 
ATOM   309  C CD  . LYS A 1 41  ? 0.844   14.414  13.498  1.00 28.57  ? 41  LYS X CD  1 
ATOM   310  C CE  . LYS A 1 41  ? 1.400   14.239  14.940  1.00 30.43  ? 41  LYS X CE  1 
ATOM   311  N NZ  . LYS A 1 41  ? 0.337   14.149  16.008  1.00 31.90  ? 41  LYS X NZ  1 
ATOM   312  N N   . TYR A 1 42  ? 1.016   13.068  7.888   1.00 15.42  ? 42  TYR X N   1 
ATOM   313  C CA  . TYR A 1 42  ? 0.515   13.411  6.576   1.00 14.01  ? 42  TYR X CA  1 
ATOM   314  C C   . TYR A 1 42  ? -0.964  13.574  6.732   1.00 13.33  ? 42  TYR X C   1 
ATOM   315  O O   . TYR A 1 42  ? -1.524  13.036  7.675   1.00 13.36  ? 42  TYR X O   1 
ATOM   316  C CB  . TYR A 1 42  ? 0.823   12.300  5.582   1.00 13.89  ? 42  TYR X CB  1 
ATOM   317  C CG  . TYR A 1 42  ? 2.290   12.094  5.286   1.00 12.79  ? 42  TYR X CG  1 
ATOM   318  C CD1 . TYR A 1 42  ? 3.092   13.138  4.838   1.00 11.06  ? 42  TYR X CD1 1 
ATOM   319  C CD2 . TYR A 1 42  ? 2.863   10.835  5.420   1.00 12.84  ? 42  TYR X CD2 1 
ATOM   320  C CE1 . TYR A 1 42  ? 4.429   12.940  4.542   1.00 10.96  ? 42  TYR X CE1 1 
ATOM   321  C CE2 . TYR A 1 42  ? 4.198   10.624  5.129   1.00 12.78  ? 42  TYR X CE2 1 
ATOM   322  C CZ  . TYR A 1 42  ? 4.972   11.674  4.693   1.00 12.97  ? 42  TYR X CZ  1 
ATOM   323  O OH  . TYR A 1 42  ? 6.298   11.444  4.432   1.00 14.02  ? 42  TYR X OH  1 
ATOM   324  N N   . THR A 1 43  ? -1.601  14.298  5.819   1.00 12.90  ? 43  THR X N   1 
ATOM   325  C CA  . THR A 1 43  ? -3.043  14.487  5.876   1.00 12.58  ? 43  THR X CA  1 
ATOM   326  C C   . THR A 1 43  ? -3.736  13.986  4.620   1.00 12.93  ? 43  THR X C   1 
ATOM   327  O O   . THR A 1 43  ? -4.954  13.804  4.602   1.00 12.99  ? 43  THR X O   1 
ATOM   328  C CB  . THR A 1 43  ? -3.397  15.946  6.022   1.00 12.70  ? 43  THR X CB  1 
ATOM   329  O OG1 . THR A 1 43  ? -2.867  16.655  4.898   1.00 12.25  ? 43  THR X OG1 1 
ATOM   330  C CG2 . THR A 1 43  ? -2.817  16.517  7.338   1.00 13.03  ? 43  THR X CG2 1 
ATOM   331  N N   . LEU A 1 44  ? -2.965  13.756  3.566   1.00 12.92  ? 44  LEU X N   1 
ATOM   332  C CA  . LEU A 1 44  ? -3.546  13.390  2.288   1.00 13.25  ? 44  LEU X CA  1 
ATOM   333  C C   . LEU A 1 44  ? -2.586  12.487  1.533   1.00 13.58  ? 44  LEU X C   1 
ATOM   334  O O   . LEU A 1 44  ? -1.370  12.713  1.535   1.00 13.93  ? 44  LEU X O   1 
ATOM   335  C CB  . LEU A 1 44  ? -3.881  14.656  1.471   1.00 13.32  ? 44  LEU X CB  1 
ATOM   336  C CG  . LEU A 1 44  ? -4.811  14.475  0.262   1.00 15.16  ? 44  LEU X CG  1 
ATOM   337  C CD1 . LEU A 1 44  ? -6.225  14.104  0.701   1.00 13.95  ? 44  LEU X CD1 1 
ATOM   338  C CD2 . LEU A 1 44  ? -4.840  15.703  -0.635  1.00 15.46  ? 44  LEU X CD2 1 
ATOM   339  N N   . LEU A 1 45  ? -3.132  11.447  0.912   1.00 14.14  ? 45  LEU X N   1 
ATOM   340  C CA  . LEU A 1 45  ? -2.377  10.604  -0.002  1.00 14.49  ? 45  LEU X CA  1 
ATOM   341  C C   . LEU A 1 45  ? -2.937  10.760  -1.420  1.00 14.82  ? 45  LEU X C   1 
ATOM   342  O O   . LEU A 1 45  ? -4.088  10.435  -1.655  1.00 14.86  ? 45  LEU X O   1 
ATOM   343  C CB  . LEU A 1 45  ? -2.420  9.136   0.447   1.00 14.49  ? 45  LEU X CB  1 
ATOM   344  C CG  . LEU A 1 45  ? -1.907  8.067   -0.552  1.00 15.59  ? 45  LEU X CG  1 
ATOM   345  C CD1 . LEU A 1 45  ? -0.442  8.291   -0.876  1.00 15.35  ? 45  LEU X CD1 1 
ATOM   346  C CD2 . LEU A 1 45  ? -2.110  6.656   -0.040  1.00 14.56  ? 45  LEU X CD2 1 
ATOM   347  N N   . ARG A 1 46  ? -2.128  11.269  -2.345  1.00 14.96  ? 46  ARG X N   1 
ATOM   348  C CA  . ARG A 1 46  ? -2.505  11.306  -3.756  1.00 16.04  ? 46  ARG X CA  1 
ATOM   349  C C   . ARG A 1 46  ? -1.765  10.183  -4.487  1.00 15.99  ? 46  ARG X C   1 
ATOM   350  O O   . ARG A 1 46  ? -0.548  10.128  -4.479  1.00 15.74  ? 46  ARG X O   1 
ATOM   351  C CB  . ARG A 1 46  ? -2.181  12.664  -4.385  1.00 16.45  ? 46  ARG X CB  1 
ATOM   352  C CG  . ARG A 1 46  ? -2.753  13.864  -3.619  1.00 20.43  ? 46  ARG X CG  1 
ATOM   353  C CD  . ARG A 1 46  ? -2.226  15.199  -4.136  1.00 27.96  ? 46  ARG X CD  1 
ATOM   354  N NE  . ARG A 1 46  ? -2.591  15.432  -5.531  1.00 33.76  ? 46  ARG X NE  1 
ATOM   355  C CZ  . ARG A 1 46  ? -3.777  15.886  -5.942  1.00 37.41  ? 46  ARG X CZ  1 
ATOM   356  N NH1 . ARG A 1 46  ? -4.743  16.163  -5.061  1.00 38.45  ? 46  ARG X NH1 1 
ATOM   357  N NH2 . ARG A 1 46  ? -4.003  16.052  -7.247  1.00 38.27  ? 46  ARG X NH2 1 
ATOM   358  N N   . TYR A 1 47  ? -2.507  9.282   -5.111  1.00 15.93  ? 47  TYR X N   1 
ATOM   359  C CA  . TYR A 1 47  ? -1.885  8.128   -5.734  1.00 16.19  ? 47  TYR X CA  1 
ATOM   360  C C   . TYR A 1 47  ? -2.123  8.088   -7.237  1.00 16.39  ? 47  TYR X C   1 
ATOM   361  O O   . TYR A 1 47  ? -3.086  8.655   -7.740  1.00 16.17  ? 47  TYR X O   1 
ATOM   362  C CB  . TYR A 1 47  ? -2.400  6.840   -5.081  1.00 16.12  ? 47  TYR X CB  1 
ATOM   363  C CG  . TYR A 1 47  ? -3.900  6.717   -5.124  1.00 14.97  ? 47  TYR X CG  1 
ATOM   364  C CD1 . TYR A 1 47  ? -4.542  6.178   -6.238  1.00 14.35  ? 47  TYR X CD1 1 
ATOM   365  C CD2 . TYR A 1 47  ? -4.689  7.141   -4.040  1.00 15.67  ? 47  TYR X CD2 1 
ATOM   366  C CE1 . TYR A 1 47  ? -5.937  6.075   -6.289  1.00 14.75  ? 47  TYR X CE1 1 
ATOM   367  C CE2 . TYR A 1 47  ? -6.080  7.038   -4.078  1.00 13.48  ? 47  TYR X CE2 1 
ATOM   368  C CZ  . TYR A 1 47  ? -6.700  6.509   -5.202  1.00 14.39  ? 47  TYR X CZ  1 
ATOM   369  O OH  . TYR A 1 47  ? -8.083  6.401   -5.241  1.00 15.99  ? 47  TYR X OH  1 
ATOM   370  N N   . SER A 1 48  ? -1.230  7.396   -7.937  1.00 16.70  ? 48  SER X N   1 
ATOM   371  C CA  . SER A 1 48  ? -1.438  7.009   -9.318  1.00 17.32  ? 48  SER X CA  1 
ATOM   372  C C   . SER A 1 48  ? -0.949  5.571   -9.454  1.00 17.51  ? 48  SER X C   1 
ATOM   373  O O   . SER A 1 48  ? 0.243   5.311   -9.283  1.00 17.17  ? 48  SER X O   1 
ATOM   374  C CB  . SER A 1 48  ? -0.648  7.933   -10.243 1.00 17.45  ? 48  SER X CB  1 
ATOM   375  O OG  . SER A 1 48  ? -0.948  7.650   -11.600 1.00 19.81  ? 48  SER X OG  1 
ATOM   376  N N   . VAL A 1 49  ? -1.855  4.635   -9.725  1.00 17.44  ? 49  VAL X N   1 
ATOM   377  C CA  . VAL A 1 49  ? -1.480  3.222   -9.729  1.00 18.31  ? 49  VAL X CA  1 
ATOM   378  C C   . VAL A 1 49  ? -1.533  2.629   -11.130 1.00 19.01  ? 49  VAL X C   1 
ATOM   379  O O   . VAL A 1 49  ? -2.585  2.598   -11.757 1.00 18.97  ? 49  VAL X O   1 
ATOM   380  C CB  . VAL A 1 49  ? -2.348  2.359   -8.780  1.00 18.04  ? 49  VAL X CB  1 
ATOM   381  C CG1 . VAL A 1 49  ? -1.898  0.918   -8.840  1.00 17.44  ? 49  VAL X CG1 1 
ATOM   382  C CG2 . VAL A 1 49  ? -2.265  2.869   -7.343  1.00 18.28  ? 49  VAL X CG2 1 
ATOM   383  N N   . ASP A 1 50  ? -0.382  2.164   -11.598 1.00 20.02  ? 50  ASP X N   1 
ATOM   384  C CA  . ASP A 1 50  ? -0.256  1.511   -12.897 1.00 21.26  ? 50  ASP X CA  1 
ATOM   385  C C   . ASP A 1 50  ? -0.443  0.011   -12.696 1.00 20.83  ? 50  ASP X C   1 
ATOM   386  O O   . ASP A 1 50  ? 0.394   -0.645  -12.072 1.00 20.60  ? 50  ASP X O   1 
ATOM   387  C CB  . ASP A 1 50  ? 1.135   1.798   -13.461 1.00 21.90  ? 50  ASP X CB  1 
ATOM   388  C CG  . ASP A 1 50  ? 1.176   1.768   -14.971 1.00 26.12  ? 50  ASP X CG  1 
ATOM   389  O OD1 . ASP A 1 50  ? 0.348   1.061   -15.598 1.00 29.25  ? 50  ASP X OD1 1 
ATOM   390  O OD2 . ASP A 1 50  ? 2.051   2.465   -15.539 1.00 31.31  ? 50  ASP X OD2 1 
ATOM   391  N N   . GLY A 1 51  ? -1.559  -0.520  -13.185 1.00 20.74  ? 51  GLY X N   1 
ATOM   392  C CA  . GLY A 1 51  ? -1.865  -1.936  -13.050 1.00 20.76  ? 51  GLY X CA  1 
ATOM   393  C C   . GLY A 1 51  ? -2.619  -2.474  -14.256 1.00 21.57  ? 51  GLY X C   1 
ATOM   394  O O   . GLY A 1 51  ? -2.200  -2.283  -15.409 1.00 21.67  ? 51  GLY X O   1 
ATOM   395  N N   . GLU A 1 52  ? -3.733  -3.150  -13.979 1.00 21.24  ? 52  GLU X N   1 
ATOM   396  C CA  . GLU A 1 52  ? -4.582  -3.764  -14.991 1.00 21.31  ? 52  GLU X CA  1 
ATOM   397  C C   . GLU A 1 52  ? -6.033  -3.561  -14.566 1.00 20.50  ? 52  GLU X C   1 
ATOM   398  O O   . GLU A 1 52  ? -6.307  -3.335  -13.384 1.00 19.46  ? 52  GLU X O   1 
ATOM   399  C CB  . GLU A 1 52  ? -4.291  -5.268  -15.111 1.00 22.15  ? 52  GLU X CB  1 
ATOM   400  C CG  . GLU A 1 52  ? -2.855  -5.637  -15.534 1.00 25.72  ? 52  GLU X CG  1 
ATOM   401  C CD  . GLU A 1 52  ? -2.453  -5.054  -16.880 1.00 29.95  ? 52  GLU X CD  1 
ATOM   402  O OE1 . GLU A 1 52  ? -3.344  -4.848  -17.731 1.00 32.48  ? 52  GLU X OE1 1 
ATOM   403  O OE2 . GLU A 1 52  ? -1.242  -4.798  -17.091 1.00 32.16  ? 52  GLU X OE2 1 
ATOM   404  N N   . MET A 1 53  ? -6.949  -3.645  -15.529 1.00 19.41  ? 53  MET X N   1 
ATOM   405  C CA  . MET A 1 53  ? -8.364  -3.439  -15.266 1.00 18.78  ? 53  MET X CA  1 
ATOM   406  C C   . MET A 1 53  ? -8.832  -4.449  -14.245 1.00 18.24  ? 53  MET X C   1 
ATOM   407  O O   . MET A 1 53  ? -8.355  -5.587  -14.232 1.00 17.52  ? 53  MET X O   1 
ATOM   408  C CB  . MET A 1 53  ? -9.192  -3.613  -16.542 1.00 18.88  ? 53  MET X CB  1 
ATOM   409  C CG  . MET A 1 53  ? -8.932  -2.568  -17.637 1.00 19.57  ? 53  MET X CG  1 
ATOM   410  S SD  . MET A 1 53  ? -9.921  -2.807  -19.163 1.00 19.52  ? 53  MET X SD  1 
ATOM   411  C CE  . MET A 1 53  ? -9.676  -4.543  -19.463 1.00 19.98  ? 53  MET X CE  1 
ATOM   412  N N   . PHE A 1 54  ? -9.773  -4.014  -13.408 1.00 17.40  ? 54  PHE X N   1 
ATOM   413  C CA  . PHE A 1 54  ? -10.431 -4.835  -12.389 1.00 17.63  ? 54  PHE X CA  1 
ATOM   414  C C   . PHE A 1 54  ? -9.506  -5.299  -11.256 1.00 17.83  ? 54  PHE X C   1 
ATOM   415  O O   . PHE A 1 54  ? -9.910  -6.126  -10.444 1.00 18.71  ? 54  PHE X O   1 
ATOM   416  C CB  . PHE A 1 54  ? -11.219 -6.013  -13.015 1.00 17.44  ? 54  PHE X CB  1 
ATOM   417  C CG  . PHE A 1 54  ? -12.202 -5.588  -14.089 1.00 16.82  ? 54  PHE X CG  1 
ATOM   418  C CD1 . PHE A 1 54  ? -13.413 -4.989  -13.754 1.00 17.43  ? 54  PHE X CD1 1 
ATOM   419  C CD2 . PHE A 1 54  ? -11.896 -5.753  -15.434 1.00 15.67  ? 54  PHE X CD2 1 
ATOM   420  C CE1 . PHE A 1 54  ? -14.313 -4.577  -14.752 1.00 17.03  ? 54  PHE X CE1 1 
ATOM   421  C CE2 . PHE A 1 54  ? -12.789 -5.338  -16.433 1.00 16.03  ? 54  PHE X CE2 1 
ATOM   422  C CZ  . PHE A 1 54  ? -13.992 -4.754  -16.084 1.00 15.38  ? 54  PHE X CZ  1 
ATOM   423  N N   . MET A 1 55  ? -8.288  -4.754  -11.174 1.00 17.11  ? 55  MET X N   1 
ATOM   424  C CA  . MET A 1 55  ? -7.426  -5.013  -9.994  1.00 16.68  ? 55  MET X CA  1 
ATOM   425  C C   . MET A 1 55  ? -7.979  -4.306  -8.755  1.00 15.53  ? 55  MET X C   1 
ATOM   426  O O   . MET A 1 55  ? -8.622  -3.273  -8.859  1.00 15.49  ? 55  MET X O   1 
ATOM   427  C CB  . MET A 1 55  ? -5.989  -4.525  -10.222 1.00 16.68  ? 55  MET X CB  1 
ATOM   428  C CG  . MET A 1 55  ? -5.012  -5.550  -10.767 1.00 17.99  ? 55  MET X CG  1 
ATOM   429  S SD  . MET A 1 55  ? -3.380  -4.782  -10.823 1.00 19.88  ? 55  MET X SD  1 
ATOM   430  C CE  . MET A 1 55  ? -2.512  -6.012  -11.798 1.00 20.25  ? 55  MET X CE  1 
ATOM   431  N N   . ARG A 1 56  ? -7.709  -4.860  -7.583  1.00 14.70  ? 56  ARG X N   1 
ATOM   432  C CA  . ARG A 1 56  ? -8.070  -4.194  -6.351  1.00 14.08  ? 56  ARG X CA  1 
ATOM   433  C C   . ARG A 1 56  ? -6.826  -4.120  -5.496  1.00 13.07  ? 56  ARG X C   1 
ATOM   434  O O   . ARG A 1 56  ? -6.081  -5.085  -5.430  1.00 12.79  ? 56  ARG X O   1 
ATOM   435  C CB  . ARG A 1 56  ? -9.170  -4.969  -5.637  1.00 14.14  ? 56  ARG X CB  1 
ATOM   436  C CG  . ARG A 1 56  ? -9.464  -4.513  -4.229  1.00 17.07  ? 56  ARG X CG  1 
ATOM   437  C CD  . ARG A 1 56  ? -10.933 -4.700  -3.923  1.00 22.34  ? 56  ARG X CD  1 
ATOM   438  N NE  . ARG A 1 56  ? -11.162 -5.856  -3.079  1.00 29.62  ? 56  ARG X NE  1 
ATOM   439  C CZ  . ARG A 1 56  ? -12.353 -6.427  -2.894  1.00 33.38  ? 56  ARG X CZ  1 
ATOM   440  N NH1 . ARG A 1 56  ? -13.440 -5.965  -3.515  1.00 34.32  ? 56  ARG X NH1 1 
ATOM   441  N NH2 . ARG A 1 56  ? -12.450 -7.478  -2.096  1.00 34.72  ? 56  ARG X NH2 1 
ATOM   442  N N   . HIS A 1 57  ? -6.612  -2.977  -4.856  1.00 11.83  ? 57  HIS X N   1 
ATOM   443  C CA  . HIS A 1 57  ? -5.542  -2.822  -3.869  1.00 11.50  ? 57  HIS X CA  1 
ATOM   444  C C   . HIS A 1 57  ? -6.125  -2.389  -2.531  1.00 11.08  ? 57  HIS X C   1 
ATOM   445  O O   . HIS A 1 57  ? -7.176  -1.745  -2.482  1.00 11.22  ? 57  HIS X O   1 
ATOM   446  C CB  . HIS A 1 57  ? -4.504  -1.802  -4.348  1.00 10.95  ? 57  HIS X CB  1 
ATOM   447  C CG  . HIS A 1 57  ? -4.127  -1.976  -5.783  1.00 12.80  ? 57  HIS X CG  1 
ATOM   448  N ND1 . HIS A 1 57  ? -4.444  -1.050  -6.757  1.00 15.41  ? 57  HIS X ND1 1 
ATOM   449  C CD2 . HIS A 1 57  ? -3.515  -2.999  -6.422  1.00 11.33  ? 57  HIS X CD2 1 
ATOM   450  C CE1 . HIS A 1 57  ? -4.024  -1.488  -7.933  1.00 13.40  ? 57  HIS X CE1 1 
ATOM   451  N NE2 . HIS A 1 57  ? -3.454  -2.668  -7.756  1.00 14.05  ? 57  HIS X NE2 1 
ATOM   452  N N   . ARG A 1 58  ? -5.441  -2.738  -1.451  1.00 10.24  ? 58  ARG X N   1 
ATOM   453  C CA  . ARG A 1 58  ? -5.824  -2.263  -0.143  1.00 10.36  ? 58  ARG X CA  1 
ATOM   454  C C   . ARG A 1 58  ? -4.779  -1.280  0.392   1.00 10.02  ? 58  ARG X C   1 
ATOM   455  O O   . ARG A 1 58  ? -3.572  -1.556  0.388   1.00 9.01   ? 58  ARG X O   1 
ATOM   456  C CB  . ARG A 1 58  ? -5.998  -3.450  0.792   1.00 10.76  ? 58  ARG X CB  1 
ATOM   457  C CG  . ARG A 1 58  ? -6.655  -3.140  2.076   1.00 12.34  ? 58  ARG X CG  1 
ATOM   458  C CD  . ARG A 1 58  ? -6.750  -4.414  2.909   1.00 18.09  ? 58  ARG X CD  1 
ATOM   459  N NE  . ARG A 1 58  ? -6.371  -4.142  4.278   1.00 23.24  ? 58  ARG X NE  1 
ATOM   460  C CZ  . ARG A 1 58  ? -7.134  -4.322  5.346   1.00 23.22  ? 58  ARG X CZ  1 
ATOM   461  N NH1 . ARG A 1 58  ? -8.356  -4.825  5.237   1.00 25.90  ? 58  ARG X NH1 1 
ATOM   462  N NH2 . ARG A 1 58  ? -6.644  -4.007  6.528   1.00 21.40  ? 58  ARG X NH2 1 
ATOM   463  N N   . VAL A 1 59  ? -5.266  -0.118  0.823   1.00 9.71   ? 59  VAL X N   1 
ATOM   464  C CA  . VAL A 1 59  ? -4.464  0.863   1.548   1.00 9.68   ? 59  VAL X CA  1 
ATOM   465  C C   . VAL A 1 59  ? -4.949  0.893   2.998   1.00 9.77   ? 59  VAL X C   1 
ATOM   466  O O   . VAL A 1 59  ? -6.119  1.174   3.264   1.00 9.10   ? 59  VAL X O   1 
ATOM   467  C CB  . VAL A 1 59  ? -4.612  2.290   0.952   1.00 10.04  ? 59  VAL X CB  1 
ATOM   468  C CG1 . VAL A 1 59  ? -3.655  3.245   1.648   1.00 9.28   ? 59  VAL X CG1 1 
ATOM   469  C CG2 . VAL A 1 59  ? -4.360  2.270   -0.538  1.00 9.56   ? 59  VAL X CG2 1 
ATOM   470  N N   . THR A 1 60  ? -4.039  0.609   3.920   1.00 9.55   ? 60  THR X N   1 
ATOM   471  C CA  . THR A 1 60  ? -4.367  0.479   5.330   1.00 10.00  ? 60  THR X CA  1 
ATOM   472  C C   . THR A 1 60  ? -3.483  1.472   6.074   1.00 10.78  ? 60  THR X C   1 
ATOM   473  O O   . THR A 1 60  ? -2.324  1.720   5.676   1.00 10.75  ? 60  THR X O   1 
ATOM   474  C CB  . THR A 1 60  ? -4.106  -0.971  5.840   1.00 9.56   ? 60  THR X CB  1 
ATOM   475  O OG1 . THR A 1 60  ? -4.710  -1.911  4.939   1.00 9.00   ? 60  THR X OG1 1 
ATOM   476  C CG2 . THR A 1 60  ? -4.680  -1.194  7.230   1.00 8.45   ? 60  THR X CG2 1 
ATOM   477  N N   . PHE A 1 61  ? -4.057  2.071   7.114   1.00 11.06  ? 61  PHE X N   1 
ATOM   478  C CA  . PHE A 1 61  ? -3.316  2.909   8.040   1.00 11.58  ? 61  PHE X CA  1 
ATOM   479  C C   . PHE A 1 61  ? -3.326  2.293   9.436   1.00 12.13  ? 61  PHE X C   1 
ATOM   480  O O   . PHE A 1 61  ? -4.334  1.701   9.869   1.00 11.91  ? 61  PHE X O   1 
ATOM   481  C CB  . PHE A 1 61  ? -3.912  4.314   8.092   1.00 12.22  ? 61  PHE X CB  1 
ATOM   482  C CG  . PHE A 1 61  ? -3.878  5.032   6.776   1.00 12.49  ? 61  PHE X CG  1 
ATOM   483  C CD1 . PHE A 1 61  ? -5.026  5.142   6.007   1.00 12.50  ? 61  PHE X CD1 1 
ATOM   484  C CD2 . PHE A 1 61  ? -2.688  5.562   6.291   1.00 12.85  ? 61  PHE X CD2 1 
ATOM   485  C CE1 . PHE A 1 61  ? -4.989  5.801   4.772   1.00 13.80  ? 61  PHE X CE1 1 
ATOM   486  C CE2 . PHE A 1 61  ? -2.638  6.207   5.057   1.00 12.82  ? 61  PHE X CE2 1 
ATOM   487  C CZ  . PHE A 1 61  ? -3.793  6.335   4.301   1.00 12.54  ? 61  PHE X CZ  1 
ATOM   488  N N   . PHE A 1 62  ? -2.198  2.447   10.120  1.00 12.06  ? 62  PHE X N   1 
ATOM   489  C CA  . PHE A 1 62  ? -2.000  1.957   11.475  1.00 12.40  ? 62  PHE X CA  1 
ATOM   490  C C   . PHE A 1 62  ? -1.496  3.115   12.339  1.00 12.97  ? 62  PHE X C   1 
ATOM   491  O O   . PHE A 1 62  ? -0.824  4.033   11.833  1.00 12.56  ? 62  PHE X O   1 
ATOM   492  C CB  . PHE A 1 62  ? -0.967  0.822   11.498  1.00 12.31  ? 62  PHE X CB  1 
ATOM   493  C CG  . PHE A 1 62  ? -1.241  -0.269  10.510  1.00 12.42  ? 62  PHE X CG  1 
ATOM   494  C CD1 . PHE A 1 62  ? -2.144  -1.293  10.812  1.00 11.61  ? 62  PHE X CD1 1 
ATOM   495  C CD2 . PHE A 1 62  ? -0.597  -0.284  9.267   1.00 12.22  ? 62  PHE X CD2 1 
ATOM   496  C CE1 . PHE A 1 62  ? -2.402  -2.303  9.898   1.00 12.31  ? 62  PHE X CE1 1 
ATOM   497  C CE2 . PHE A 1 62  ? -0.866  -1.294  8.348   1.00 12.64  ? 62  PHE X CE2 1 
ATOM   498  C CZ  . PHE A 1 62  ? -1.762  -2.304  8.670   1.00 10.95  ? 62  PHE X CZ  1 
ATOM   499  N N   . ASN A 1 63  ? -1.821  3.077   13.631  1.00 13.86  ? 63  ASN X N   1 
ATOM   500  C CA  . ASN A 1 63  ? -1.355  4.111   14.572  1.00 15.28  ? 63  ASN X CA  1 
ATOM   501  C C   . ASN A 1 63  ? 0.087   3.892   15.038  1.00 16.29  ? 63  ASN X C   1 
ATOM   502  O O   . ASN A 1 63  ? 0.770   2.985   14.550  1.00 17.12  ? 63  ASN X O   1 
ATOM   503  C CB  . ASN A 1 63  ? -2.344  4.301   15.735  1.00 15.12  ? 63  ASN X CB  1 
ATOM   504  C CG  . ASN A 1 63  ? -2.393  3.112   16.691  1.00 16.25  ? 63  ASN X CG  1 
ATOM   505  O OD1 . ASN A 1 63  ? -1.463  2.311   16.778  1.00 16.26  ? 63  ASN X OD1 1 
ATOM   506  N ND2 . ASN A 1 63  ? -3.483  3.014   17.427  1.00 17.70  ? 63  ASN X ND2 1 
ATOM   507  N N   . ALA A 1 64  ? 0.558   4.718   15.974  1.00 17.69  ? 64  ALA X N   1 
ATOM   508  C CA  . ALA A 1 64  ? 1.960   4.702   16.382  1.00 18.35  ? 64  ALA X CA  1 
ATOM   509  C C   . ALA A 1 64  ? 2.355   3.423   17.116  1.00 19.13  ? 64  ALA X C   1 
ATOM   510  O O   . ALA A 1 64  ? 3.539   3.089   17.193  1.00 19.53  ? 64  ALA X O   1 
ATOM   511  C CB  . ALA A 1 64  ? 2.282   5.938   17.245  1.00 19.50  ? 64  ALA X CB  1 
ATOM   512  N N   . THR A 1 65  ? 1.371   2.711   17.654  1.00 19.31  ? 65  THR X N   1 
ATOM   513  C CA  . THR A 1 65  ? 1.626   1.409   18.273  1.00 20.37  ? 65  THR X CA  1 
ATOM   514  C C   . THR A 1 65  ? 1.465   0.266   17.253  1.00 20.41  ? 65  THR X C   1 
ATOM   515  O O   . THR A 1 65  ? 1.599   -0.909  17.592  1.00 20.90  ? 65  THR X O   1 
ATOM   516  C CB  . THR A 1 65  ? 0.735   1.177   19.515  1.00 20.32  ? 65  THR X CB  1 
ATOM   517  O OG1 . THR A 1 65  ? -0.641  1.323   19.157  1.00 21.62  ? 65  THR X OG1 1 
ATOM   518  C CG2 . THR A 1 65  ? 1.059   2.201   20.593  1.00 21.66  ? 65  THR X CG2 1 
ATOM   519  N N   . GLY A 1 66  ? 1.206   0.626   15.996  1.00 19.82  ? 66  GLY X N   1 
ATOM   520  C CA  . GLY A 1 66  ? 1.126   -0.351  14.918  1.00 19.78  ? 66  GLY X CA  1 
ATOM   521  C C   . GLY A 1 66  ? -0.235  -0.972  14.745  1.00 19.14  ? 66  GLY X C   1 
ATOM   522  O O   . GLY A 1 66  ? -0.381  -1.925  13.992  1.00 19.70  ? 66  GLY X O   1 
ATOM   523  N N   . ARG A 1 67  ? -1.230  -0.427  15.436  1.00 18.93  ? 67  ARG X N   1 
ATOM   524  C CA  . ARG A 1 67  ? -2.582  -0.973  15.413  1.00 19.19  ? 67  ARG X CA  1 
ATOM   525  C C   . ARG A 1 67  ? -3.437  -0.412  14.261  1.00 17.93  ? 67  ARG X C   1 
ATOM   526  O O   . ARG A 1 67  ? -3.347  0.763   13.913  1.00 16.76  ? 67  ARG X O   1 
ATOM   527  C CB  . ARG A 1 67  ? -3.291  -0.736  16.759  1.00 20.20  ? 67  ARG X CB  1 
ATOM   528  C CG  . ARG A 1 67  ? -2.735  -1.530  17.959  1.00 25.65  ? 67  ARG X CG  1 
ATOM   529  C CD  . ARG A 1 67  ? -3.724  -1.514  19.157  1.00 34.19  ? 67  ARG X CD  1 
ATOM   530  N NE  . ARG A 1 67  ? -3.039  -1.440  20.456  1.00 39.61  ? 67  ARG X NE  1 
ATOM   531  C CZ  . ARG A 1 67  ? -3.655  -1.407  21.644  1.00 43.10  ? 67  ARG X CZ  1 
ATOM   532  N NH1 . ARG A 1 67  ? -4.985  -1.443  21.722  1.00 44.48  ? 67  ARG X NH1 1 
ATOM   533  N NH2 . ARG A 1 67  ? -2.938  -1.338  22.764  1.00 43.56  ? 67  ARG X NH2 1 
ATOM   534  N N   . TYR A 1 68  ? -4.278  -1.272  13.704  1.00 16.59  ? 68  TYR X N   1 
ATOM   535  C CA  . TYR A 1 68  ? -5.207  -0.911  12.640  1.00 16.53  ? 68  TYR X CA  1 
ATOM   536  C C   . TYR A 1 68  ? -6.083  0.302   12.978  1.00 16.30  ? 68  TYR X C   1 
ATOM   537  O O   . TYR A 1 68  ? -6.701  0.354   14.052  1.00 16.35  ? 68  TYR X O   1 
ATOM   538  C CB  . TYR A 1 68  ? -6.102  -2.112  12.335  1.00 16.27  ? 68  TYR X CB  1 
ATOM   539  C CG  . TYR A 1 68  ? -7.197  -1.845  11.335  1.00 16.02  ? 68  TYR X CG  1 
ATOM   540  C CD1 . TYR A 1 68  ? -8.488  -1.512  11.750  1.00 14.76  ? 68  TYR X CD1 1 
ATOM   541  C CD2 . TYR A 1 68  ? -6.946  -1.948  9.971   1.00 14.35  ? 68  TYR X CD2 1 
ATOM   542  C CE1 . TYR A 1 68  ? -9.501  -1.262  10.819  1.00 14.62  ? 68  TYR X CE1 1 
ATOM   543  C CE2 . TYR A 1 68  ? -7.930  -1.724  9.047   1.00 15.17  ? 68  TYR X CE2 1 
ATOM   544  C CZ  . TYR A 1 68  ? -9.205  -1.381  9.464   1.00 15.82  ? 68  TYR X CZ  1 
ATOM   545  O OH  . TYR A 1 68  ? -10.169 -1.165  8.507   1.00 16.61  ? 68  TYR X OH  1 
ATOM   546  N N   . ILE A 1 69  ? -6.145  1.264   12.056  1.00 15.43  ? 69  ILE X N   1 
ATOM   547  C CA  . ILE A 1 69  ? -7.089  2.387   12.179  1.00 14.46  ? 69  ILE X CA  1 
ATOM   548  C C   . ILE A 1 69  ? -8.211  2.212   11.175  1.00 14.48  ? 69  ILE X C   1 
ATOM   549  O O   . ILE A 1 69  ? -9.396  2.287   11.520  1.00 14.64  ? 69  ILE X O   1 
ATOM   550  C CB  . ILE A 1 69  ? -6.445  3.762   11.876  1.00 14.13  ? 69  ILE X CB  1 
ATOM   551  C CG1 . ILE A 1 69  ? -5.258  4.035   12.797  1.00 13.28  ? 69  ILE X CG1 1 
ATOM   552  C CG2 . ILE A 1 69  ? -7.504  4.865   11.992  1.00 14.01  ? 69  ILE X CG2 1 
ATOM   553  C CD1 . ILE A 1 69  ? -4.349  5.144   12.299  1.00 11.81  ? 69  ILE X CD1 1 
ATOM   554  N N   . THR A 1 70  ? -7.831  2.020   9.918   1.00 14.01  ? 70  THR X N   1 
ATOM   555  C CA  . THR A 1 70  ? -8.794  1.977   8.828   1.00 14.32  ? 70  THR X CA  1 
ATOM   556  C C   . THR A 1 70  ? -8.117  1.545   7.522   1.00 13.99  ? 70  THR X C   1 
ATOM   557  O O   . THR A 1 70  ? -6.891  1.598   7.408   1.00 13.53  ? 70  THR X O   1 
ATOM   558  C CB  . THR A 1 70  ? -9.482  3.351   8.645   1.00 14.65  ? 70  THR X CB  1 
ATOM   559  O OG1 . THR A 1 70  ? -10.685 3.195   7.890   1.00 16.32  ? 70  THR X OG1 1 
ATOM   560  C CG2 . THR A 1 70  ? -8.560  4.358   7.959   1.00 15.65  ? 70  THR X CG2 1 
ATOM   561  N N   . HIS A 1 71  ? -8.925  1.112   6.559   1.00 13.80  ? 71  HIS X N   1 
ATOM   562  C CA  . HIS A 1 71  ? -8.442  0.782   5.221   1.00 13.74  ? 71  HIS X CA  1 
ATOM   563  C C   . HIS A 1 71  ? -9.418  1.265   4.156   1.00 14.34  ? 71  HIS X C   1 
ATOM   564  O O   . HIS A 1 71  ? -10.590 1.553   4.453   1.00 13.79  ? 71  HIS X O   1 
ATOM   565  C CB  . HIS A 1 71  ? -8.199  -0.728  5.076   1.00 13.55  ? 71  HIS X CB  1 
ATOM   566  C CG  . HIS A 1 71  ? -9.451  -1.543  4.966   1.00 12.39  ? 71  HIS X CG  1 
ATOM   567  N ND1 . HIS A 1 71  ? -10.215 -1.883  6.060   1.00 13.31  ? 71  HIS X ND1 1 
ATOM   568  C CD2 . HIS A 1 71  ? -10.068 -2.089  3.890   1.00 12.14  ? 71  HIS X CD2 1 
ATOM   569  C CE1 . HIS A 1 71  ? -11.258 -2.596  5.659   1.00 15.38  ? 71  HIS X CE1 1 
ATOM   570  N NE2 . HIS A 1 71  ? -11.191 -2.734  4.346   1.00 11.96  ? 71  HIS X NE2 1 
ATOM   571  N N   . THR A 1 72  ? -8.912  1.377   2.930   1.00 14.61  ? 72  THR X N   1 
ATOM   572  C CA  . THR A 1 72  ? -9.725  1.648   1.753   1.00 15.38  ? 72  THR X CA  1 
ATOM   573  C C   . THR A 1 72  ? -9.291  0.633   0.690   1.00 15.21  ? 72  THR X C   1 
ATOM   574  O O   . THR A 1 72  ? -8.129  0.221   0.663   1.00 14.97  ? 72  THR X O   1 
ATOM   575  C CB  . THR A 1 72  ? -9.518  3.109   1.216   1.00 15.44  ? 72  THR X CB  1 
ATOM   576  O OG1 . THR A 1 72  ? -9.732  4.062   2.266   1.00 17.23  ? 72  THR X OG1 1 
ATOM   577  C CG2 . THR A 1 72  ? -10.489 3.432   0.093   1.00 15.45  ? 72  THR X CG2 1 
ATOM   578  N N   . HIS A 1 73  ? -10.217 0.220   -0.166  1.00 15.18  ? 73  HIS X N   1 
ATOM   579  C CA  . HIS A 1 73  ? -9.852  -0.530  -1.376  1.00 15.46  ? 73  HIS X CA  1 
ATOM   580  C C   . HIS A 1 73  ? -9.815  0.401   -2.551  1.00 15.35  ? 73  HIS X C   1 
ATOM   581  O O   . HIS A 1 73  ? -10.704 1.241   -2.712  1.00 15.76  ? 73  HIS X O   1 
ATOM   582  C CB  . HIS A 1 73  ? -10.846 -1.645  -1.692  1.00 15.64  ? 73  HIS X CB  1 
ATOM   583  C CG  . HIS A 1 73  ? -10.875 -2.727  -0.672  1.00 16.36  ? 73  HIS X CG  1 
ATOM   584  N ND1 . HIS A 1 73  ? -12.050 -3.258  -0.187  1.00 20.39  ? 73  HIS X ND1 1 
ATOM   585  C CD2 . HIS A 1 73  ? -9.877  -3.359  -0.018  1.00 17.20  ? 73  HIS X CD2 1 
ATOM   586  C CE1 . HIS A 1 73  ? -11.773 -4.178  0.719   1.00 19.82  ? 73  HIS X CE1 1 
ATOM   587  N NE2 . HIS A 1 73  ? -10.460 -4.259  0.841   1.00 20.08  ? 73  HIS X NE2 1 
ATOM   588  N N   . LEU A 1 74  ? -8.785  0.249   -3.369  1.00 15.48  ? 74  LEU X N   1 
ATOM   589  C CA  . LEU A 1 74  ? -8.707  0.903   -4.671  1.00 15.22  ? 74  LEU X CA  1 
ATOM   590  C C   . LEU A 1 74  ? -9.155  -0.092  -5.752  1.00 15.55  ? 74  LEU X C   1 
ATOM   591  O O   . LEU A 1 74  ? -8.540  -1.141  -5.924  1.00 15.37  ? 74  LEU X O   1 
ATOM   592  C CB  . LEU A 1 74  ? -7.282  1.402   -4.924  1.00 14.74  ? 74  LEU X CB  1 
ATOM   593  C CG  . LEU A 1 74  ? -6.627  2.194   -3.775  1.00 15.03  ? 74  LEU X CG  1 
ATOM   594  C CD1 . LEU A 1 74  ? -5.278  2.721   -4.194  1.00 13.42  ? 74  LEU X CD1 1 
ATOM   595  C CD2 . LEU A 1 74  ? -7.518  3.335   -3.264  1.00 13.77  ? 74  LEU X CD2 1 
ATOM   596  N N   . ASN A 1 75  ? -10.246 0.232   -6.449  1.00 15.61  ? 75  ASN X N   1 
ATOM   597  C CA  . ASN A 1 75  ? -10.791 -0.625  -7.494  1.00 15.93  ? 75  ASN X CA  1 
ATOM   598  C C   . ASN A 1 75  ? -10.540 -0.047  -8.896  1.00 16.43  ? 75  ASN X C   1 
ATOM   599  O O   . ASN A 1 75  ? -10.957 1.078   -9.193  1.00 16.11  ? 75  ASN X O   1 
ATOM   600  C CB  . ASN A 1 75  ? -12.280 -0.837  -7.241  1.00 15.97  ? 75  ASN X CB  1 
ATOM   601  C CG  . ASN A 1 75  ? -12.537 -1.661  -5.990  1.00 17.16  ? 75  ASN X CG  1 
ATOM   602  O OD1 . ASN A 1 75  ? -12.109 -2.802  -5.898  1.00 16.95  ? 75  ASN X OD1 1 
ATOM   603  N ND2 . ASN A 1 75  ? -13.231 -1.084  -5.025  1.00 17.40  ? 75  ASN X ND2 1 
ATOM   604  N N   . HIS A 1 76  ? -9.844  -0.799  -9.747  1.00 16.35  ? 76  HIS X N   1 
ATOM   605  C CA  . HIS A 1 76  ? -9.478  -0.289  -11.080 1.00 17.10  ? 76  HIS X CA  1 
ATOM   606  C C   . HIS A 1 76  ? -10.663 -0.103  -12.027 1.00 17.79  ? 76  HIS X C   1 
ATOM   607  O O   . HIS A 1 76  ? -10.655 0.811   -12.854 1.00 18.70  ? 76  HIS X O   1 
ATOM   608  C CB  . HIS A 1 76  ? -8.413  -1.166  -11.746 1.00 16.36  ? 76  HIS X CB  1 
ATOM   609  C CG  . HIS A 1 76  ? -7.016  -0.719  -11.464 1.00 15.59  ? 76  HIS X CG  1 
ATOM   610  N ND1 . HIS A 1 76  ? -6.424  -0.871  -10.233 1.00 15.48  ? 76  HIS X ND1 1 
ATOM   611  C CD2 . HIS A 1 76  ? -6.096  -0.114  -12.250 1.00 15.69  ? 76  HIS X CD2 1 
ATOM   612  C CE1 . HIS A 1 76  ? -5.194  -0.386  -10.273 1.00 16.20  ? 76  HIS X CE1 1 
ATOM   613  N NE2 . HIS A 1 76  ? -4.971  0.077   -11.489 1.00 16.35  ? 76  HIS X NE2 1 
ATOM   614  N N   . GLY A 1 77  ? -11.676 -0.951  -11.916 1.00 18.30  ? 77  GLY X N   1 
ATOM   615  C CA  . GLY A 1 77  ? -12.753 -0.970  -12.924 1.00 19.29  ? 77  GLY X CA  1 
ATOM   616  C C   . GLY A 1 77  ? -12.141 -1.080  -14.319 1.00 19.98  ? 77  GLY X C   1 
ATOM   617  O O   . GLY A 1 77  ? -11.222 -1.872  -14.533 1.00 19.43  ? 77  GLY X O   1 
ATOM   618  N N   . LEU A 1 78  ? -12.614 -0.255  -15.252 1.00 20.49  ? 78  LEU X N   1 
ATOM   619  C CA  . LEU A 1 78  ? -12.103 -0.272  -16.620 1.00 21.33  ? 78  LEU X CA  1 
ATOM   620  C C   . LEU A 1 78  ? -10.756 0.447   -16.821 1.00 21.93  ? 78  LEU X C   1 
ATOM   621  O O   . LEU A 1 78  ? -10.166 0.373   -17.910 1.00 22.50  ? 78  LEU X O   1 
ATOM   622  C CB  . LEU A 1 78  ? -13.140 0.303   -17.594 1.00 21.21  ? 78  LEU X CB  1 
ATOM   623  C CG  . LEU A 1 78  ? -14.288 -0.551  -18.158 1.00 21.48  ? 78  LEU X CG  1 
ATOM   624  C CD1 . LEU A 1 78  ? -13.843 -1.943  -18.648 1.00 19.10  ? 78  LEU X CD1 1 
ATOM   625  C CD2 . LEU A 1 78  ? -15.421 -0.681  -17.172 1.00 22.78  ? 78  LEU X CD2 1 
ATOM   626  N N   . GLU A 1 79  ? -10.264 1.124   -15.788 1.00 22.30  ? 79  GLU X N   1 
ATOM   627  C CA  . GLU A 1 79  ? -8.994  1.865   -15.877 1.00 23.21  ? 79  GLU X CA  1 
ATOM   628  C C   . GLU A 1 79  ? -7.803  0.977   -15.534 1.00 23.33  ? 79  GLU X C   1 
ATOM   629  O O   . GLU A 1 79  ? -7.807  0.291   -14.508 1.00 23.60  ? 79  GLU X O   1 
ATOM   630  C CB  . GLU A 1 79  ? -8.986  3.050   -14.898 1.00 23.39  ? 79  GLU X CB  1 
ATOM   631  C CG  . GLU A 1 79  ? -10.199 3.946   -14.957 1.00 25.56  ? 79  GLU X CG  1 
ATOM   632  C CD  . GLU A 1 79  ? -10.207 4.882   -16.156 1.00 30.37  ? 79  GLU X CD  1 
ATOM   633  O OE1 . GLU A 1 79  ? -9.112  5.260   -16.661 1.00 30.91  ? 79  GLU X OE1 1 
ATOM   634  O OE2 . GLU A 1 79  ? -11.332 5.257   -16.578 1.00 32.48  ? 79  GLU X OE2 1 
ATOM   635  N N   . ASP A 1 80  ? -6.769  1.001   -16.363 1.00 23.14  ? 80  ASP X N   1 
ATOM   636  C CA  . ASP A 1 80  ? -5.536  0.298   -16.008 1.00 23.51  ? 80  ASP X CA  1 
ATOM   637  C C   . ASP A 1 80  ? -4.620  1.170   -15.149 1.00 22.80  ? 80  ASP X C   1 
ATOM   638  O O   . ASP A 1 80  ? -3.801  0.662   -14.384 1.00 22.62  ? 80  ASP X O   1 
ATOM   639  C CB  . ASP A 1 80  ? -4.818  -0.261  -17.244 1.00 23.78  ? 80  ASP X CB  1 
ATOM   640  C CG  . ASP A 1 80  ? -4.665  0.758   -18.348 1.00 26.35  ? 80  ASP X CG  1 
ATOM   641  O OD1 . ASP A 1 80  ? -5.633  1.516   -18.633 1.00 28.84  ? 80  ASP X OD1 1 
ATOM   642  O OD2 . ASP A 1 80  ? -3.575  0.787   -18.953 1.00 29.67  ? 80  ASP X OD2 1 
ATOM   643  N N   . VAL A 1 81  ? -4.772  2.483   -15.282 1.00 22.29  ? 81  VAL X N   1 
ATOM   644  C CA  . VAL A 1 81  ? -4.082  3.442   -14.421 1.00 21.74  ? 81  VAL X CA  1 
ATOM   645  C C   . VAL A 1 81  ? -5.126  4.162   -13.567 1.00 21.56  ? 81  VAL X C   1 
ATOM   646  O O   . VAL A 1 81  ? -5.982  4.888   -14.083 1.00 21.46  ? 81  VAL X O   1 
ATOM   647  C CB  . VAL A 1 81  ? -3.226  4.439   -15.232 1.00 22.17  ? 81  VAL X CB  1 
ATOM   648  C CG1 . VAL A 1 81  ? -2.612  5.510   -14.320 1.00 22.04  ? 81  VAL X CG1 1 
ATOM   649  C CG2 . VAL A 1 81  ? -2.139  3.694   -16.012 1.00 21.12  ? 81  VAL X CG2 1 
ATOM   650  N N   . LEU A 1 82  ? -5.060  3.926   -12.259 1.00 21.10  ? 82  LEU X N   1 
ATOM   651  C CA  . LEU A 1 82  ? -6.061  4.424   -11.323 1.00 20.65  ? 82  LEU X CA  1 
ATOM   652  C C   . LEU A 1 82  ? -5.487  5.545   -10.479 1.00 20.69  ? 82  LEU X C   1 
ATOM   653  O O   . LEU A 1 82  ? -4.502  5.363   -9.788  1.00 20.78  ? 82  LEU X O   1 
ATOM   654  C CB  . LEU A 1 82  ? -6.591  3.288   -10.430 1.00 20.29  ? 82  LEU X CB  1 
ATOM   655  C CG  . LEU A 1 82  ? -7.521  3.606   -9.262  1.00 18.78  ? 82  LEU X CG  1 
ATOM   656  C CD1 . LEU A 1 82  ? -8.816  4.205   -9.747  1.00 18.32  ? 82  LEU X CD1 1 
ATOM   657  C CD2 . LEU A 1 82  ? -7.801  2.346   -8.477  1.00 17.52  ? 82  LEU X CD2 1 
ATOM   658  N N   . GLU A 1 83  ? -6.126  6.709   -10.550 1.00 20.87  ? 83  GLU X N   1 
ATOM   659  C CA  . GLU A 1 83  ? -5.656  7.903   -9.885  1.00 20.74  ? 83  GLU X CA  1 
ATOM   660  C C   . GLU A 1 83  ? -6.736  8.435   -8.969  1.00 20.44  ? 83  GLU X C   1 
ATOM   661  O O   . GLU A 1 83  ? -7.949  8.297   -9.232  1.00 20.21  ? 83  GLU X O   1 
ATOM   662  C CB  . GLU A 1 83  ? -5.226  8.960   -10.913 1.00 21.47  ? 83  GLU X CB  1 
ATOM   663  C CG  . GLU A 1 83  ? -4.101  8.448   -11.829 1.00 24.58  ? 83  GLU X CG  1 
ATOM   664  C CD  . GLU A 1 83  ? -3.429  9.519   -12.693 1.00 30.49  ? 83  GLU X CD  1 
ATOM   665  O OE1 . GLU A 1 83  ? -4.118  10.480  -13.116 1.00 32.57  ? 83  GLU X OE1 1 
ATOM   666  O OE2 . GLU A 1 83  ? -2.205  9.371   -12.980 1.00 31.69  ? 83  GLU X OE2 1 
ATOM   667  N N   . GLY A 1 84  ? -6.291  9.036   -7.878  1.00 19.19  ? 84  GLY X N   1 
ATOM   668  C CA  . GLY A 1 84  ? -7.209  9.589   -6.915  1.00 18.25  ? 84  GLY X CA  1 
ATOM   669  C C   . GLY A 1 84  ? -6.479  10.004  -5.672  1.00 17.64  ? 84  GLY X C   1 
ATOM   670  O O   . GLY A 1 84  ? -5.255  10.021  -5.631  1.00 17.30  ? 84  GLY X O   1 
ATOM   671  N N   . SER A 1 85  ? -7.239  10.346  -4.648  1.00 17.43  ? 85  SER X N   1 
ATOM   672  C CA  . SER A 1 85  ? -6.626  10.703  -3.398  1.00 17.76  ? 85  SER X CA  1 
ATOM   673  C C   . SER A 1 85  ? -7.432  10.164  -2.247  1.00 17.27  ? 85  SER X C   1 
ATOM   674  O O   . SER A 1 85  ? -8.601  9.808   -2.404  1.00 17.36  ? 85  SER X O   1 
ATOM   675  C CB  . SER A 1 85  ? -6.407  12.216  -3.291  1.00 17.83  ? 85  SER X CB  1 
ATOM   676  O OG  . SER A 1 85  ? -7.632  12.894  -3.309  1.00 19.26  ? 85  SER X OG  1 
ATOM   677  N N   . LEU A 1 86  ? -6.765  10.100  -1.103  1.00 17.11  ? 86  LEU X N   1 
ATOM   678  C CA  . LEU A 1 86  ? -7.261  9.488   0.121   1.00 17.60  ? 86  LEU X CA  1 
ATOM   679  C C   . LEU A 1 86  ? -6.880  10.354  1.309   1.00 16.64  ? 86  LEU X C   1 
ATOM   680  O O   . LEU A 1 86  ? -5.726  10.796  1.409   1.00 16.12  ? 86  LEU X O   1 
ATOM   681  C CB  . LEU A 1 86  ? -6.550  8.158   0.347   1.00 18.06  ? 86  LEU X CB  1 
ATOM   682  C CG  . LEU A 1 86  ? -7.216  6.813   0.171   1.00 21.47  ? 86  LEU X CG  1 
ATOM   683  C CD1 . LEU A 1 86  ? -6.332  5.857   0.948   1.00 21.71  ? 86  LEU X CD1 1 
ATOM   684  C CD2 . LEU A 1 86  ? -8.658  6.820   0.744   1.00 23.39  ? 86  LEU X CD2 1 
ATOM   685  N N   . ALA A 1 87  ? -7.814  10.535  2.232   1.00 15.60  ? 87  ALA X N   1 
ATOM   686  C CA  . ALA A 1 87  ? -7.505  11.220  3.472   1.00 15.79  ? 87  ALA X CA  1 
ATOM   687  C C   . ALA A 1 87  ? -6.663  10.303  4.360   1.00 15.34  ? 87  ALA X C   1 
ATOM   688  O O   . ALA A 1 87  ? -6.914  9.120   4.429   1.00 14.75  ? 87  ALA X O   1 
ATOM   689  C CB  . ALA A 1 87  ? -8.787  11.649  4.182   1.00 15.74  ? 87  ALA X CB  1 
ATOM   690  N N   . VAL A 1 88  ? -5.641  10.863  4.996   1.00 15.32  ? 88  VAL X N   1 
ATOM   691  C CA  . VAL A 1 88  ? -4.819  10.141  5.960   1.00 14.75  ? 88  VAL X CA  1 
ATOM   692  C C   . VAL A 1 88  ? -5.369  10.454  7.369   1.00 15.74  ? 88  VAL X C   1 
ATOM   693  O O   . VAL A 1 88  ? -5.517  11.624  7.731   1.00 15.69  ? 88  VAL X O   1 
ATOM   694  C CB  . VAL A 1 88  ? -3.318  10.548  5.828   1.00 14.86  ? 88  VAL X CB  1 
ATOM   695  C CG1 . VAL A 1 88  ? -2.462  9.798   6.821   1.00 12.84  ? 88  VAL X CG1 1 
ATOM   696  C CG2 . VAL A 1 88  ? -2.797  10.309  4.388   1.00 12.89  ? 88  VAL X CG2 1 
ATOM   697  N N   . PRO A 1 89  ? -5.711  9.413   8.158   1.00 16.63  ? 89  PRO X N   1 
ATOM   698  C CA  . PRO A 1 89  ? -6.236  9.616   9.514   1.00 17.39  ? 89  PRO X CA  1 
ATOM   699  C C   . PRO A 1 89  ? -5.283  10.433  10.399  1.00 18.56  ? 89  PRO X C   1 
ATOM   700  O O   . PRO A 1 89  ? -4.062  10.325  10.251  1.00 18.72  ? 89  PRO X O   1 
ATOM   701  C CB  . PRO A 1 89  ? -6.348  8.186   10.068  1.00 17.80  ? 89  PRO X CB  1 
ATOM   702  C CG  . PRO A 1 89  ? -6.442  7.304   8.879   1.00 15.89  ? 89  PRO X CG  1 
ATOM   703  C CD  . PRO A 1 89  ? -5.679  7.985   7.780   1.00 16.48  ? 89  PRO X CD  1 
ATOM   704  N N   . LYS A 1 90  ? -5.851  11.237  11.302  1.00 19.30  ? 90  LYS X N   1 
ATOM   705  C CA  . LYS A 1 90  ? -5.106  11.998  12.316  1.00 20.54  ? 90  LYS X CA  1 
ATOM   706  C C   . LYS A 1 90  ? -4.011  11.195  13.028  1.00 20.00  ? 90  LYS X C   1 
ATOM   707  O O   . LYS A 1 90  ? -2.889  11.683  13.227  1.00 20.41  ? 90  LYS X O   1 
ATOM   708  C CB  . LYS A 1 90  ? -6.093  12.560  13.377  1.00 21.27  ? 90  LYS X CB  1 
ATOM   709  C CG  . LYS A 1 90  ? -6.370  14.066  13.260  1.00 26.27  ? 90  LYS X CG  1 
ATOM   710  C CD  . LYS A 1 90  ? -7.398  14.593  14.309  1.00 30.50  ? 90  LYS X CD  1 
ATOM   711  C CE  . LYS A 1 90  ? -7.644  16.104  14.105  1.00 32.64  ? 90  LYS X CE  1 
ATOM   712  N NZ  . LYS A 1 90  ? -8.974  16.632  14.611  1.00 34.32  ? 90  LYS X NZ  1 
ATOM   713  N N   . ASP A 1 91  ? -4.355  9.974   13.428  1.00 19.78  ? 91  ASP X N   1 
ATOM   714  C CA  . ASP A 1 91  ? -3.463  9.095   14.211  1.00 19.42  ? 91  ASP X CA  1 
ATOM   715  C C   . ASP A 1 91  ? -2.660  8.088   13.380  1.00 18.41  ? 91  ASP X C   1 
ATOM   716  O O   . ASP A 1 91  ? -2.093  7.132   13.928  1.00 18.63  ? 91  ASP X O   1 
ATOM   717  C CB  . ASP A 1 91  ? -4.259  8.341   15.286  1.00 19.69  ? 91  ASP X CB  1 
ATOM   718  C CG  . ASP A 1 91  ? -5.545  7.753   14.754  1.00 21.54  ? 91  ASP X CG  1 
ATOM   719  O OD1 . ASP A 1 91  ? -6.013  8.182   13.678  1.00 23.13  ? 91  ASP X OD1 1 
ATOM   720  O OD2 . ASP A 1 91  ? -6.113  6.867   15.422  1.00 25.03  ? 91  ASP X OD2 1 
ATOM   721  N N   . ALA A 1 92  ? -2.612  8.292   12.068  1.00 16.78  ? 92  ALA X N   1 
ATOM   722  C CA  . ALA A 1 92  ? -1.837  7.420   11.204  1.00 15.53  ? 92  ALA X CA  1 
ATOM   723  C C   . ALA A 1 92  ? -0.352  7.687   11.389  1.00 14.71  ? 92  ALA X C   1 
ATOM   724  O O   . ALA A 1 92  ? 0.096   8.828   11.301  1.00 14.21  ? 92  ALA X O   1 
ATOM   725  C CB  . ALA A 1 92  ? -2.245  7.583   9.749   1.00 15.13  ? 92  ALA X CB  1 
ATOM   726  N N   . ALA A 1 93  ? 0.393   6.613   11.664  1.00 13.95  ? 93  ALA X N   1 
ATOM   727  C CA  . ALA A 1 93  ? 1.853   6.647   11.749  1.00 12.96  ? 93  ALA X CA  1 
ATOM   728  C C   . ALA A 1 93  ? 2.512   5.744   10.694  1.00 12.30  ? 93  ALA X C   1 
ATOM   729  O O   . ALA A 1 93  ? 3.732   5.808   10.489  1.00 11.42  ? 93  ALA X O   1 
ATOM   730  C CB  . ALA A 1 93  ? 2.303   6.245   13.143  1.00 13.10  ? 93  ALA X CB  1 
ATOM   731  N N   . TYR A 1 94  ? 1.698   4.914   10.032  1.00 11.48  ? 94  TYR X N   1 
ATOM   732  C CA  . TYR A 1 94  ? 2.154   3.947   9.019   1.00 11.60  ? 94  TYR X CA  1 
ATOM   733  C C   . TYR A 1 94  ? 1.118   3.768   7.944   1.00 11.58  ? 94  TYR X C   1 
ATOM   734  O O   . TYR A 1 94  ? -0.088  3.799   8.222   1.00 11.06  ? 94  TYR X O   1 
ATOM   735  C CB  . TYR A 1 94  ? 2.329   2.529   9.603   1.00 12.49  ? 94  TYR X CB  1 
ATOM   736  C CG  . TYR A 1 94  ? 3.317   2.372   10.713  1.00 12.25  ? 94  TYR X CG  1 
ATOM   737  C CD1 . TYR A 1 94  ? 4.621   1.976   10.453  1.00 13.26  ? 94  TYR X CD1 1 
ATOM   738  C CD2 . TYR A 1 94  ? 2.929   2.568   12.028  1.00 14.99  ? 94  TYR X CD2 1 
ATOM   739  C CE1 . TYR A 1 94  ? 5.531   1.796   11.488  1.00 16.18  ? 94  TYR X CE1 1 
ATOM   740  C CE2 . TYR A 1 94  ? 3.822   2.404   13.068  1.00 16.70  ? 94  TYR X CE2 1 
ATOM   741  C CZ  . TYR A 1 94  ? 5.118   2.019   12.796  1.00 17.29  ? 94  TYR X CZ  1 
ATOM   742  O OH  . TYR A 1 94  ? 5.999   1.858   13.843  1.00 21.17  ? 94  TYR X OH  1 
ATOM   743  N N   . ALA A 1 95  ? 1.593   3.520   6.727   1.00 11.60  ? 95  ALA X N   1 
ATOM   744  C CA  . ALA A 1 95  ? 0.728   3.127   5.629   1.00 11.69  ? 95  ALA X CA  1 
ATOM   745  C C   . ALA A 1 95  ? 1.204   1.781   5.092   1.00 11.35  ? 95  ALA X C   1 
ATOM   746  O O   . ALA A 1 95  ? 2.381   1.452   5.165   1.00 12.15  ? 95  ALA X O   1 
ATOM   747  C CB  . ALA A 1 95  ? 0.728   4.187   4.520   1.00 10.73  ? 95  ALA X CB  1 
ATOM   748  N N   . ARG A 1 96  ? 0.272   1.004   4.575   1.00 10.66  ? 96  ARG X N   1 
ATOM   749  C CA  . ARG A 1 96  ? 0.585   -0.233  3.905   1.00 10.05  ? 96  ARG X CA  1 
ATOM   750  C C   . ARG A 1 96  ? -0.298  -0.313  2.665   1.00 10.57  ? 96  ARG X C   1 
ATOM   751  O O   . ARG A 1 96  ? -1.467  0.108   2.684   1.00 10.84  ? 96  ARG X O   1 
ATOM   752  C CB  . ARG A 1 96  ? 0.375   -1.427  4.848   1.00 9.88   ? 96  ARG X CB  1 
ATOM   753  C CG  . ARG A 1 96  ? 0.556   -2.820  4.226   1.00 8.16   ? 96  ARG X CG  1 
ATOM   754  C CD  . ARG A 1 96  ? 0.686   -3.893  5.288   1.00 7.74   ? 96  ARG X CD  1 
ATOM   755  N NE  . ARG A 1 96  ? 1.925   -3.739  6.056   1.00 8.11   ? 96  ARG X NE  1 
ATOM   756  C CZ  . ARG A 1 96  ? 2.119   -4.207  7.289   1.00 7.35   ? 96  ARG X CZ  1 
ATOM   757  N NH1 . ARG A 1 96  ? 1.148   -4.857  7.940   1.00 4.89   ? 96  ARG X NH1 1 
ATOM   758  N NH2 . ARG A 1 96  ? 3.289   -4.019  7.876   1.00 7.76   ? 96  ARG X NH2 1 
ATOM   759  N N   . ILE A 1 97  ? 0.278   -0.805  1.575   1.00 10.10  ? 97  ILE X N   1 
ATOM   760  C CA  . ILE A 1 97  ? -0.496  -1.136  0.392   1.00 10.65  ? 97  ILE X CA  1 
ATOM   761  C C   . ILE A 1 97  ? -0.370  -2.635  0.157   1.00 11.06  ? 97  ILE X C   1 
ATOM   762  O O   . ILE A 1 97  ? 0.748   -3.163  0.128   1.00 11.37  ? 97  ILE X O   1 
ATOM   763  C CB  . ILE A 1 97  ? -0.011  -0.321  -0.846  1.00 10.68  ? 97  ILE X CB  1 
ATOM   764  C CG1 . ILE A 1 97  ? -0.243  1.182   -0.611  1.00 10.86  ? 97  ILE X CG1 1 
ATOM   765  C CG2 . ILE A 1 97  ? -0.678  -0.805  -2.114  1.00 10.46  ? 97  ILE X CG2 1 
ATOM   766  C CD1 . ILE A 1 97  ? 0.290   2.123   -1.697  1.00 12.74  ? 97  ILE X CD1 1 
ATOM   767  N N   . HIS A 1 98  ? -1.503  -3.331  0.052   1.00 10.68  ? 98  HIS X N   1 
ATOM   768  C CA  . HIS A 1 98  ? -1.516  -4.686  -0.491  1.00 10.49  ? 98  HIS X CA  1 
ATOM   769  C C   . HIS A 1 98  ? -1.926  -4.524  -1.947  1.00 11.13  ? 98  HIS X C   1 
ATOM   770  O O   . HIS A 1 98  ? -3.091  -4.213  -2.225  1.00 10.86  ? 98  HIS X O   1 
ATOM   771  C CB  . HIS A 1 98  ? -2.533  -5.596  0.225   1.00 10.61  ? 98  HIS X CB  1 
ATOM   772  C CG  . HIS A 1 98  ? -2.160  -5.958  1.636   1.00 10.68  ? 98  HIS X CG  1 
ATOM   773  N ND1 . HIS A 1 98  ? -2.226  -5.059  2.681   1.00 10.02  ? 98  HIS X ND1 1 
ATOM   774  C CD2 . HIS A 1 98  ? -1.733  -7.125  2.174   1.00 8.27   ? 98  HIS X CD2 1 
ATOM   775  C CE1 . HIS A 1 98  ? -1.839  -5.652  3.797   1.00 10.86  ? 98  HIS X CE1 1 
ATOM   776  N NE2 . HIS A 1 98  ? -1.545  -6.910  3.518   1.00 8.59   ? 98  HIS X NE2 1 
ATOM   777  N N   . ALA A 1 99  ? -0.978  -4.723  -2.863  1.00 10.87  ? 99  ALA X N   1 
ATOM   778  C CA  . ALA A 1 99  ? -1.226  -4.638  -4.302  1.00 11.75  ? 99  ALA X CA  1 
ATOM   779  C C   . ALA A 1 99  ? -1.846  -5.911  -4.885  1.00 12.33  ? 99  ALA X C   1 
ATOM   780  O O   . ALA A 1 99  ? -1.409  -7.018  -4.585  1.00 12.93  ? 99  ALA X O   1 
ATOM   781  C CB  . ALA A 1 99  ? 0.067   -4.318  -5.024  1.00 12.05  ? 99  ALA X CB  1 
ATOM   782  N N   . ALA A 1 100 ? -2.858  -5.735  -5.733  1.00 13.09  ? 100 ALA X N   1 
ATOM   783  C CA  . ALA A 1 100 ? -3.661  -6.823  -6.288  1.00 13.68  ? 100 ALA X CA  1 
ATOM   784  C C   . ALA A 1 100 ? -4.108  -7.767  -5.182  1.00 14.23  ? 100 ALA X C   1 
ATOM   785  O O   . ALA A 1 100 ? -3.827  -8.965  -5.223  1.00 14.24  ? 100 ALA X O   1 
ATOM   786  C CB  . ALA A 1 100 ? -2.910  -7.580  -7.391  1.00 13.61  ? 100 ALA X CB  1 
ATOM   787  N N   . ILE A 1 101 ? -4.798  -7.208  -4.187  1.00 14.80  ? 101 ILE X N   1 
ATOM   788  C CA  . ILE A 1 101 ? -5.381  -8.002  -3.108  1.00 15.12  ? 101 ILE X CA  1 
ATOM   789  C C   . ILE A 1 101 ? -6.539  -8.849  -3.647  1.00 16.07  ? 101 ILE X C   1 
ATOM   790  O O   . ILE A 1 101 ? -7.057  -9.716  -2.940  1.00 16.05  ? 101 ILE X O   1 
ATOM   791  C CB  . ILE A 1 101 ? -5.844  -7.137  -1.911  1.00 14.82  ? 101 ILE X CB  1 
ATOM   792  C CG1 . ILE A 1 101 ? -6.096  -8.029  -0.679  1.00 15.43  ? 101 ILE X CG1 1 
ATOM   793  C CG2 . ILE A 1 101 ? -7.084  -6.318  -2.284  1.00 13.67  ? 101 ILE X CG2 1 
ATOM   794  C CD1 . ILE A 1 101 ? -5.889  -7.360  0.638   1.00 15.33  ? 101 ILE X CD1 1 
ATOM   795  N N   . ASN A 1 102 ? -6.942  -8.584  -4.894  1.00 16.85  ? 102 ASN X N   1 
ATOM   796  C CA  . ASN A 1 102 ? -7.922  -9.435  -5.591  1.00 17.95  ? 102 ASN X CA  1 
ATOM   797  C C   . ASN A 1 102 ? -7.362  -10.820 -5.867  1.00 18.57  ? 102 ASN X C   1 
ATOM   798  O O   . ASN A 1 102 ? -8.126  -11.770 -6.021  1.00 19.54  ? 102 ASN X O   1 
ATOM   799  C CB  . ASN A 1 102 ? -8.485  -8.793  -6.873  1.00 17.41  ? 102 ASN X CB  1 
ATOM   800  C CG  . ASN A 1 102 ? -7.424  -8.446  -7.878  1.00 18.20  ? 102 ASN X CG  1 
ATOM   801  O OD1 . ASN A 1 102 ? -7.373  -9.027  -8.976  1.00 21.83  ? 102 ASN X OD1 1 
ATOM   802  N ND2 . ASN A 1 102 ? -6.571  -7.495  -7.535  1.00 16.09  ? 102 ASN X ND2 1 
ATOM   803  N N   . VAL A 1 103 ? -6.030  -10.912 -5.920  1.00 18.90  ? 103 VAL X N   1 
ATOM   804  C CA  . VAL A 1 103 ? -5.307  -12.170 -6.079  1.00 19.04  ? 103 VAL X CA  1 
ATOM   805  C C   . VAL A 1 103 ? -4.802  -12.715 -4.722  1.00 18.91  ? 103 VAL X C   1 
ATOM   806  O O   . VAL A 1 103 ? -5.166  -13.816 -4.329  1.00 18.79  ? 103 VAL X O   1 
ATOM   807  C CB  . VAL A 1 103 ? -4.134  -12.001 -7.072  1.00 19.45  ? 103 VAL X CB  1 
ATOM   808  C CG1 . VAL A 1 103 ? -3.214  -13.226 -7.074  1.00 20.44  ? 103 VAL X CG1 1 
ATOM   809  C CG2 . VAL A 1 103 ? -4.667  -11.729 -8.493  1.00 20.38  ? 103 VAL X CG2 1 
ATOM   810  N N   . SER A 1 104 ? -4.002  -11.923 -4.003  1.00 18.23  ? 104 SER X N   1 
ATOM   811  C CA  . SER A 1 104 ? -3.318  -12.385 -2.795  1.00 17.69  ? 104 SER X CA  1 
ATOM   812  C C   . SER A 1 104 ? -4.227  -12.738 -1.615  1.00 17.60  ? 104 SER X C   1 
ATOM   813  O O   . SER A 1 104 ? -3.841  -13.533 -0.757  1.00 17.73  ? 104 SER X O   1 
ATOM   814  C CB  . SER A 1 104 ? -2.256  -11.369 -2.347  1.00 17.65  ? 104 SER X CB  1 
ATOM   815  O OG  . SER A 1 104 ? -2.828  -10.169 -1.870  1.00 15.91  ? 104 SER X OG  1 
ATOM   816  N N   . LEU A 1 105 ? -5.427  -12.173 -1.562  1.00 17.41  ? 105 LEU X N   1 
ATOM   817  C CA  . LEU A 1 105 ? -6.309  -12.441 -0.416  1.00 17.59  ? 105 LEU X CA  1 
ATOM   818  C C   . LEU A 1 105 ? -6.757  -13.893 -0.384  1.00 17.67  ? 105 LEU X C   1 
ATOM   819  O O   . LEU A 1 105 ? -6.846  -14.493 0.684   1.00 17.29  ? 105 LEU X O   1 
ATOM   820  C CB  . LEU A 1 105 ? -7.528  -11.513 -0.386  1.00 17.23  ? 105 LEU X CB  1 
ATOM   821  C CG  . LEU A 1 105 ? -8.540  -11.704 0.745   1.00 17.21  ? 105 LEU X CG  1 
ATOM   822  C CD1 . LEU A 1 105 ? -7.904  -11.527 2.132   1.00 16.75  ? 105 LEU X CD1 1 
ATOM   823  C CD2 . LEU A 1 105 ? -9.739  -10.777 0.568   1.00 16.94  ? 105 LEU X CD2 1 
ATOM   824  N N   . THR A 1 106 ? -7.017  -14.449 -1.563  1.00 18.30  ? 106 THR X N   1 
ATOM   825  C CA  . THR A 1 106 ? -7.422  -15.844 -1.684  1.00 18.59  ? 106 THR X CA  1 
ATOM   826  C C   . THR A 1 106 ? -6.221  -16.754 -1.942  1.00 18.93  ? 106 THR X C   1 
ATOM   827  O O   . THR A 1 106 ? -6.268  -17.943 -1.629  1.00 18.45  ? 106 THR X O   1 
ATOM   828  C CB  . THR A 1 106 ? -8.488  -16.013 -2.768  1.00 18.40  ? 106 THR X CB  1 
ATOM   829  O OG1 . THR A 1 106 ? -8.202  -15.109 -3.832  1.00 20.10  ? 106 THR X OG1 1 
ATOM   830  C CG2 . THR A 1 106 ? -9.860  -15.662 -2.211  1.00 19.20  ? 106 THR X CG2 1 
ATOM   831  N N   . ASN A 1 107 ? -5.142  -16.186 -2.493  1.00 19.77  ? 107 ASN X N   1 
ATOM   832  C CA  . ASN A 1 107 ? -3.885  -16.919 -2.750  1.00 20.41  ? 107 ASN X CA  1 
ATOM   833  C C   . ASN A 1 107 ? -2.699  -16.234 -2.094  1.00 20.12  ? 107 ASN X C   1 
ATOM   834  O O   . ASN A 1 107 ? -1.849  -15.683 -2.798  1.00 20.11  ? 107 ASN X O   1 
ATOM   835  C CB  . ASN A 1 107 ? -3.572  -16.988 -4.249  1.00 21.16  ? 107 ASN X CB  1 
ATOM   836  C CG  . ASN A 1 107 ? -4.721  -17.495 -5.064  1.00 23.70  ? 107 ASN X CG  1 
ATOM   837  O OD1 . ASN A 1 107 ? -5.166  -18.625 -4.889  1.00 25.42  ? 107 ASN X OD1 1 
ATOM   838  N ND2 . ASN A 1 107 ? -5.205  -16.663 -5.985  1.00 29.12  ? 107 ASN X ND2 1 
ATOM   839  N N   . PRO A 1 108 ? -2.620  -16.270 -0.757  1.00 19.79  ? 108 PRO X N   1 
ATOM   840  C CA  . PRO A 1 108 ? -1.593  -15.473 -0.107  1.00 19.98  ? 108 PRO X CA  1 
ATOM   841  C C   . PRO A 1 108 ? -0.199  -15.961 -0.467  1.00 20.56  ? 108 PRO X C   1 
ATOM   842  O O   . PRO A 1 108 ? 0.783   -15.218 -0.310  1.00 20.42  ? 108 PRO X O   1 
ATOM   843  C CB  . PRO A 1 108 ? -1.887  -15.664 1.372   1.00 19.54  ? 108 PRO X CB  1 
ATOM   844  C CG  . PRO A 1 108 ? -2.666  -16.892 1.454   1.00 19.59  ? 108 PRO X CG  1 
ATOM   845  C CD  . PRO A 1 108 ? -3.432  -17.024 0.210   1.00 19.36  ? 108 PRO X CD  1 
ATOM   846  N N   . GLY A 1 109 ? -0.134  -17.198 -0.965  1.00 21.63  ? 109 GLY X N   1 
ATOM   847  C CA  . GLY A 1 109 ? 1.104   -17.783 -1.492  1.00 22.50  ? 109 GLY X CA  1 
ATOM   848  C C   . GLY A 1 109 ? 1.664   -17.096 -2.740  1.00 23.28  ? 109 GLY X C   1 
ATOM   849  O O   . GLY A 1 109 ? 2.822   -17.325 -3.097  1.00 24.09  ? 109 GLY X O   1 
ATOM   850  N N   . ASP A 1 110 ? 0.844   -16.274 -3.402  1.00 23.19  ? 110 ASP X N   1 
ATOM   851  C CA  . ASP A 1 110 ? 1.246   -15.541 -4.612  1.00 23.58  ? 110 ASP X CA  1 
ATOM   852  C C   . ASP A 1 110 ? 2.037   -14.246 -4.298  1.00 23.31  ? 110 ASP X C   1 
ATOM   853  O O   . ASP A 1 110 ? 2.624   -13.645 -5.195  1.00 22.96  ? 110 ASP X O   1 
ATOM   854  C CB  . ASP A 1 110 ? 0.015   -15.223 -5.497  1.00 23.86  ? 110 ASP X CB  1 
ATOM   855  C CG  . ASP A 1 110 ? -0.549  -16.472 -6.249  1.00 25.65  ? 110 ASP X CG  1 
ATOM   856  O OD1 . ASP A 1 110 ? -0.064  -17.619 -6.068  1.00 25.37  ? 110 ASP X OD1 1 
ATOM   857  O OD2 . ASP A 1 110 ? -1.512  -16.296 -7.028  1.00 27.96  ? 110 ASP X OD2 1 
ATOM   858  N N   . VAL A 1 111 ? 2.033   -13.810 -3.036  1.00 23.03  ? 111 VAL X N   1 
ATOM   859  C CA  . VAL A 1 111 ? 2.852   -12.668 -2.617  1.00 22.78  ? 111 VAL X CA  1 
ATOM   860  C C   . VAL A 1 111 ? 4.288   -13.137 -2.433  1.00 23.19  ? 111 VAL X C   1 
ATOM   861  O O   . VAL A 1 111 ? 4.539   -14.044 -1.648  1.00 22.89  ? 111 VAL X O   1 
ATOM   862  C CB  . VAL A 1 111 ? 2.396   -12.072 -1.261  1.00 22.54  ? 111 VAL X CB  1 
ATOM   863  C CG1 . VAL A 1 111 ? 3.285   -10.885 -0.878  1.00 22.48  ? 111 VAL X CG1 1 
ATOM   864  C CG2 . VAL A 1 111 ? 0.958   -11.655 -1.301  1.00 21.65  ? 111 VAL X CG2 1 
ATOM   865  N N   . HIS A 1 112 ? 5.230   -12.522 -3.141  1.00 23.90  ? 112 HIS X N   1 
ATOM   866  C CA  . HIS A 1 112 ? 6.644   -12.873 -2.953  1.00 24.95  ? 112 HIS X CA  1 
ATOM   867  C C   . HIS A 1 112 ? 7.556   -11.728 -2.570  1.00 24.43  ? 112 HIS X C   1 
ATOM   868  O O   . HIS A 1 112 ? 8.756   -11.931 -2.383  1.00 24.63  ? 112 HIS X O   1 
ATOM   869  C CB  . HIS A 1 112 ? 7.208   -13.624 -4.168  1.00 25.95  ? 112 HIS X CB  1 
ATOM   870  C CG  . HIS A 1 112 ? 6.799   -15.064 -4.214  1.00 28.15  ? 112 HIS X CG  1 
ATOM   871  N ND1 . HIS A 1 112 ? 6.621   -15.753 -5.393  1.00 30.44  ? 112 HIS X ND1 1 
ATOM   872  C CD2 . HIS A 1 112 ? 6.496   -15.933 -3.220  1.00 29.19  ? 112 HIS X CD2 1 
ATOM   873  C CE1 . HIS A 1 112 ? 6.247   -16.989 -5.123  1.00 31.19  ? 112 HIS X CE1 1 
ATOM   874  N NE2 . HIS A 1 112 ? 6.158   -17.122 -3.811  1.00 30.48  ? 112 HIS X NE2 1 
ATOM   875  N N   . MET A 1 113 ? 6.987   -10.537 -2.435  1.00 24.00  ? 113 MET X N   1 
ATOM   876  C CA  . MET A 1 113 ? 7.776   -9.328  -2.171  1.00 23.57  ? 113 MET X CA  1 
ATOM   877  C C   . MET A 1 113 ? 7.106   -8.456  -1.113  1.00 22.62  ? 113 MET X C   1 
ATOM   878  O O   . MET A 1 113 ? 5.907   -8.203  -1.191  1.00 21.39  ? 113 MET X O   1 
ATOM   879  C CB  . MET A 1 113 ? 7.931   -8.542  -3.475  1.00 23.86  ? 113 MET X CB  1 
ATOM   880  C CG  . MET A 1 113 ? 8.746   -7.277  -3.380  1.00 26.64  ? 113 MET X CG  1 
ATOM   881  S SD  . MET A 1 113 ? 10.504  -7.526  -3.093  1.00 31.86  ? 113 MET X SD  1 
ATOM   882  C CE  . MET A 1 113 ? 10.941  -8.609  -4.466  1.00 32.20  ? 113 MET X CE  1 
ATOM   883  N N   . HIS A 1 114 ? 7.883   -8.029  -0.115  1.00 22.42  ? 114 HIS X N   1 
ATOM   884  C CA  . HIS A 1 114 ? 7.472   -6.975  0.800   1.00 22.36  ? 114 HIS X CA  1 
ATOM   885  C C   . HIS A 1 114 ? 8.468   -5.829  0.703   1.00 22.82  ? 114 HIS X C   1 
ATOM   886  O O   . HIS A 1 114 ? 9.665   -6.016  0.948   1.00 22.90  ? 114 HIS X O   1 
ATOM   887  C CB  . HIS A 1 114 ? 7.350   -7.480  2.248   1.00 22.09  ? 114 HIS X CB  1 
ATOM   888  C CG  . HIS A 1 114 ? 7.146   -6.389  3.260   1.00 22.44  ? 114 HIS X CG  1 
ATOM   889  N ND1 . HIS A 1 114 ? 6.009   -5.605  3.298   1.00 22.84  ? 114 HIS X ND1 1 
ATOM   890  C CD2 . HIS A 1 114 ? 7.934   -5.952  4.273   1.00 21.93  ? 114 HIS X CD2 1 
ATOM   891  C CE1 . HIS A 1 114 ? 6.106   -4.739  4.288   1.00 20.65  ? 114 HIS X CE1 1 
ATOM   892  N NE2 . HIS A 1 114 ? 7.262   -4.931  4.898   1.00 22.28  ? 114 HIS X NE2 1 
ATOM   893  N N   . TYR A 1 115 ? 7.975   -4.653  0.335   1.00 22.70  ? 115 TYR X N   1 
ATOM   894  C CA  . TYR A 1 115 ? 8.806   -3.458  0.308   1.00 23.86  ? 115 TYR X CA  1 
ATOM   895  C C   . TYR A 1 115 ? 8.699   -2.711  1.628   1.00 24.84  ? 115 TYR X C   1 
ATOM   896  O O   . TYR A 1 115 ? 7.627   -2.256  2.004   1.00 24.08  ? 115 TYR X O   1 
ATOM   897  C CB  . TYR A 1 115 ? 8.406   -2.530  -0.843  1.00 23.18  ? 115 TYR X CB  1 
ATOM   898  C CG  . TYR A 1 115 ? 8.661   -3.077  -2.229  1.00 24.01  ? 115 TYR X CG  1 
ATOM   899  C CD1 . TYR A 1 115 ? 9.963   -3.264  -2.708  1.00 24.68  ? 115 TYR X CD1 1 
ATOM   900  C CD2 . TYR A 1 115 ? 7.603   -3.381  -3.076  1.00 25.30  ? 115 TYR X CD2 1 
ATOM   901  C CE1 . TYR A 1 115 ? 10.197  -3.756  -3.998  1.00 26.20  ? 115 TYR X CE1 1 
ATOM   902  C CE2 . TYR A 1 115 ? 7.822   -3.872  -4.370  1.00 27.07  ? 115 TYR X CE2 1 
ATOM   903  C CZ  . TYR A 1 115 ? 9.124   -4.056  -4.822  1.00 27.85  ? 115 TYR X CZ  1 
ATOM   904  O OH  . TYR A 1 115 ? 9.344   -4.543  -6.095  1.00 29.99  ? 115 TYR X OH  1 
ATOM   905  N N   . ASP A 1 116 ? 9.806   -2.608  2.351   1.00 27.05  ? 116 ASP X N   1 
ATOM   906  C CA  . ASP A 1 116 ? 9.811   -1.774  3.540   1.00 29.40  ? 116 ASP X CA  1 
ATOM   907  C C   . ASP A 1 116 ? 10.514  -0.508  3.160   1.00 30.69  ? 116 ASP X C   1 
ATOM   908  O O   . ASP A 1 116 ? 11.678  -0.536  2.779   1.00 31.22  ? 116 ASP X O   1 
ATOM   909  C CB  . ASP A 1 116 ? 10.495  -2.427  4.736   1.00 29.52  ? 116 ASP X CB  1 
ATOM   910  C CG  . ASP A 1 116 ? 10.240  -1.662  6.033   1.00 30.93  ? 116 ASP X CG  1 
ATOM   911  O OD1 . ASP A 1 116 ? 10.790  -0.542  6.190   1.00 32.02  ? 116 ASP X OD1 1 
ATOM   912  O OD2 . ASP A 1 116 ? 9.469   -2.169  6.887   1.00 31.99  ? 116 ASP X OD2 1 
ATOM   913  N N   . GLU A 1 117 ? 9.800   0.601   3.288   1.00 32.52  ? 117 GLU X N   1 
ATOM   914  C CA  . GLU A 1 117 ? 10.194  1.862   2.667   1.00 34.51  ? 117 GLU X CA  1 
ATOM   915  C C   . GLU A 1 117 ? 11.598  2.378   2.986   1.00 35.83  ? 117 GLU X C   1 
ATOM   916  O O   . GLU A 1 117 ? 12.257  2.953   2.111   1.00 36.45  ? 117 GLU X O   1 
ATOM   917  C CB  . GLU A 1 117 ? 9.139   2.936   2.910   1.00 34.10  ? 117 GLU X CB  1 
ATOM   918  C CG  . GLU A 1 117 ? 9.295   4.148   2.025   1.00 35.89  ? 117 GLU X CG  1 
ATOM   919  C CD  . GLU A 1 117 ? 9.700   3.807   0.597   1.00 36.77  ? 117 GLU X CD  1 
ATOM   920  O OE1 . GLU A 1 117 ? 9.009   2.991   -0.057  1.00 36.27  ? 117 GLU X OE1 1 
ATOM   921  O OE2 . GLU A 1 117 ? 10.714  4.373   0.134   1.00 37.73  ? 117 GLU X OE2 1 
ATOM   922  N N   . THR A 1 118 ? 12.065  2.188   4.213   1.00 37.13  ? 118 THR X N   1 
ATOM   923  C CA  . THR A 1 118 ? 13.413  2.667   4.549   1.00 38.86  ? 118 THR X CA  1 
ATOM   924  C C   . THR A 1 118 ? 14.393  1.566   5.021   1.00 39.07  ? 118 THR X C   1 
ATOM   925  O O   . THR A 1 118 ? 15.597  1.813   5.179   1.00 39.36  ? 118 THR X O   1 
ATOM   926  C CB  . THR A 1 118 ? 13.379  3.921   5.474   1.00 39.28  ? 118 THR X CB  1 
ATOM   927  O OG1 . THR A 1 118 ? 12.395  3.742   6.508   1.00 40.11  ? 118 THR X OG1 1 
ATOM   928  C CG2 . THR A 1 118 ? 13.021  5.178   4.654   1.00 40.38  ? 118 THR X CG2 1 
ATOM   929  N N   . GLU A 1 119 ? 13.864  0.355   5.209   1.00 39.27  ? 119 GLU X N   1 
ATOM   930  C CA  . GLU A 1 119 ? 14.661  -0.820  5.566   1.00 39.13  ? 119 GLU X CA  1 
ATOM   931  C C   . GLU A 1 119 ? 14.742  -1.899  4.465   1.00 38.17  ? 119 GLU X C   1 
ATOM   932  O O   . GLU A 1 119 ? 15.105  -3.042  4.739   1.00 38.12  ? 119 GLU X O   1 
ATOM   933  C CB  . GLU A 1 119 ? 14.156  -1.422  6.879   1.00 39.74  ? 119 GLU X CB  1 
ATOM   934  C CG  . GLU A 1 119 ? 14.517  -0.589  8.105   1.00 42.59  ? 119 GLU X CG  1 
ATOM   935  C CD  . GLU A 1 119 ? 13.581  -0.840  9.275   1.00 45.78  ? 119 GLU X CD  1 
ATOM   936  O OE1 . GLU A 1 119 ? 13.528  -1.993  9.764   1.00 46.62  ? 119 GLU X OE1 1 
ATOM   937  O OE2 . GLU A 1 119 ? 12.895  0.118   9.702   1.00 47.42  ? 119 GLU X OE2 1 
ATOM   938  N N   . GLY A 1 120 ? 14.403  -1.524  3.231   1.00 37.21  ? 120 GLY X N   1 
ATOM   939  C CA  . GLY A 1 120 ? 14.643  -2.358  2.051   1.00 35.88  ? 120 GLY X CA  1 
ATOM   940  C C   . GLY A 1 120 ? 13.609  -3.419  1.691   1.00 35.03  ? 120 GLY X C   1 
ATOM   941  O O   . GLY A 1 120 ? 12.686  -3.716  2.456   1.00 35.12  ? 120 GLY X O   1 
ATOM   942  N N   . GLU A 1 121 ? 13.787  -3.998  0.511   1.00 33.70  ? 121 GLU X N   1 
ATOM   943  C CA  . GLU A 1 121 ? 12.928  -5.070  0.027   1.00 32.71  ? 121 GLU X CA  1 
ATOM   944  C C   . GLU A 1 121 ? 13.217  -6.424  0.703   1.00 31.41  ? 121 GLU X C   1 
ATOM   945  O O   . GLU A 1 121 ? 14.372  -6.790  0.952   1.00 30.99  ? 121 GLU X O   1 
ATOM   946  C CB  . GLU A 1 121 ? 13.008  -5.122  -1.507  1.00 32.90  ? 121 GLU X CB  1 
ATOM   947  C CG  . GLU A 1 121 ? 13.483  -6.423  -2.119  1.00 35.46  ? 121 GLU X CG  1 
ATOM   948  C CD  . GLU A 1 121 ? 13.961  -6.247  -3.558  1.00 39.54  ? 121 GLU X CD  1 
ATOM   949  O OE1 . GLU A 1 121 ? 14.748  -5.306  -3.806  1.00 39.42  ? 121 GLU X OE1 1 
ATOM   950  O OE2 . GLU A 1 121 ? 13.553  -7.050  -4.442  1.00 41.63  ? 121 GLU X OE2 1 
ATOM   951  N N   . GLN A 1 122 ? 12.152  -7.140  1.036   1.00 29.81  ? 122 GLN X N   1 
ATOM   952  C CA  . GLN A 1 122 ? 12.274  -8.467  1.602   1.00 28.96  ? 122 GLN X CA  1 
ATOM   953  C C   . GLN A 1 122 ? 11.586  -9.485  0.694   1.00 27.74  ? 122 GLN X C   1 
ATOM   954  O O   . GLN A 1 122 ? 10.406  -9.345  0.374   1.00 27.45  ? 122 GLN X O   1 
ATOM   955  C CB  . GLN A 1 122 ? 11.660  -8.532  3.006   1.00 29.73  ? 122 GLN X CB  1 
ATOM   956  C CG  . GLN A 1 122 ? 12.533  -7.984  4.161   1.00 32.34  ? 122 GLN X CG  1 
ATOM   957  C CD  . GLN A 1 122 ? 12.269  -6.510  4.487   1.00 35.65  ? 122 GLN X CD  1 
ATOM   958  O OE1 . GLN A 1 122 ? 11.345  -5.891  3.953   1.00 37.98  ? 122 GLN X OE1 1 
ATOM   959  N NE2 . GLN A 1 122 ? 13.089  -5.943  5.370   1.00 36.30  ? 122 GLN X NE2 1 
ATOM   960  N N   . ILE A 1 123 ? 12.323  -10.505 0.276   1.00 26.05  ? 123 ILE X N   1 
ATOM   961  C CA  . ILE A 1 123 ? 11.727  -11.595 -0.477  1.00 25.23  ? 123 ILE X CA  1 
ATOM   962  C C   . ILE A 1 123 ? 11.226  -12.644 0.505   1.00 24.49  ? 123 ILE X C   1 
ATOM   963  O O   . ILE A 1 123 ? 11.997  -13.229 1.276   1.00 24.24  ? 123 ILE X O   1 
ATOM   964  C CB  . ILE A 1 123 ? 12.686  -12.205 -1.532  1.00 25.28  ? 123 ILE X CB  1 
ATOM   965  C CG1 . ILE A 1 123 ? 12.844  -11.256 -2.717  1.00 25.33  ? 123 ILE X CG1 1 
ATOM   966  C CG2 . ILE A 1 123 ? 12.142  -13.542 -2.061  1.00 25.74  ? 123 ILE X CG2 1 
ATOM   967  C CD1 . ILE A 1 123 ? 13.829  -10.155 -2.508  1.00 27.13  ? 123 ILE X CD1 1 
ATOM   968  N N   . ARG A 1 124 ? 9.916   -12.854 0.486   1.00 23.69  ? 124 ARG X N   1 
ATOM   969  C CA  . ARG A 1 124 ? 9.292   -13.807 1.378   1.00 23.86  ? 124 ARG X CA  1 
ATOM   970  C C   . ARG A 1 124 ? 7.928   -14.229 0.875   1.00 23.32  ? 124 ARG X C   1 
ATOM   971  O O   . ARG A 1 124 ? 7.297   -13.524 0.099   1.00 22.75  ? 124 ARG X O   1 
ATOM   972  C CB  . ARG A 1 124 ? 9.185   -13.243 2.806   1.00 24.13  ? 124 ARG X CB  1 
ATOM   973  C CG  . ARG A 1 124 ? 8.422   -11.925 2.936   1.00 24.81  ? 124 ARG X CG  1 
ATOM   974  C CD  . ARG A 1 124 ? 7.952   -11.715 4.369   1.00 27.14  ? 124 ARG X CD  1 
ATOM   975  N NE  . ARG A 1 124 ? 7.061   -12.796 4.809   1.00 28.36  ? 124 ARG X NE  1 
ATOM   976  C CZ  . ARG A 1 124 ? 6.772   -13.075 6.077   1.00 28.99  ? 124 ARG X CZ  1 
ATOM   977  N NH1 . ARG A 1 124 ? 7.295   -12.361 7.068   1.00 30.72  ? 124 ARG X NH1 1 
ATOM   978  N NH2 . ARG A 1 124 ? 5.967   -14.084 6.357   1.00 28.56  ? 124 ARG X NH2 1 
ATOM   979  N N   . SER A 1 125 ? 7.489   -15.387 1.346   1.00 23.16  ? 125 SER X N   1 
ATOM   980  C CA  . SER A 1 125 ? 6.137   -15.848 1.128   1.00 23.62  ? 125 SER X CA  1 
ATOM   981  C C   . SER A 1 125 ? 5.333   -15.719 2.429   1.00 22.82  ? 125 SER X C   1 
ATOM   982  O O   . SER A 1 125 ? 5.897   -15.534 3.512   1.00 23.42  ? 125 SER X O   1 
ATOM   983  C CB  . SER A 1 125 ? 6.155   -17.291 0.638   1.00 23.99  ? 125 SER X CB  1 
ATOM   984  O OG  . SER A 1 125 ? 5.134   -17.509 -0.325  1.00 27.13  ? 125 SER X OG  1 
ATOM   985  N N   . TYR A 1 126 ? 4.019   -15.815 2.314   1.00 21.59  ? 126 TYR X N   1 
ATOM   986  C CA  . TYR A 1 126 ? 3.120   -15.657 3.432   1.00 21.05  ? 126 TYR X CA  1 
ATOM   987  C C   . TYR A 1 126 ? 2.130   -16.791 3.386   1.00 20.50  ? 126 TYR X C   1 
ATOM   988  O O   . TYR A 1 126 ? 1.519   -17.021 2.349   1.00 19.90  ? 126 TYR X O   1 
ATOM   989  C CB  . TYR A 1 126 ? 2.322   -14.355 3.296   1.00 21.24  ? 126 TYR X CB  1 
ATOM   990  C CG  . TYR A 1 126 ? 3.122   -13.096 3.498   1.00 22.10  ? 126 TYR X CG  1 
ATOM   991  C CD1 . TYR A 1 126 ? 3.157   -12.474 4.735   1.00 22.55  ? 126 TYR X CD1 1 
ATOM   992  C CD2 . TYR A 1 126 ? 3.828   -12.514 2.443   1.00 22.84  ? 126 TYR X CD2 1 
ATOM   993  C CE1 . TYR A 1 126 ? 3.892   -11.311 4.941   1.00 22.84  ? 126 TYR X CE1 1 
ATOM   994  C CE2 . TYR A 1 126 ? 4.572   -11.340 2.635   1.00 23.02  ? 126 TYR X CE2 1 
ATOM   995  C CZ  . TYR A 1 126 ? 4.591   -10.752 3.893   1.00 23.08  ? 126 TYR X CZ  1 
ATOM   996  O OH  . TYR A 1 126 ? 5.307   -9.605  4.111   1.00 24.72  ? 126 TYR X OH  1 
ATOM   997  N N   . ASP A 1 127 ? 1.954   -17.490 4.505   1.00 19.89  ? 127 ASP X N   1 
ATOM   998  C CA  . ASP A 1 127 ? 0.801   -18.376 4.620   1.00 19.44  ? 127 ASP X CA  1 
ATOM   999  C C   . ASP A 1 127 ? -0.437  -17.570 5.001   1.00 18.45  ? 127 ASP X C   1 
ATOM   1000 O O   . ASP A 1 127 ? -0.347  -16.358 5.208   1.00 17.91  ? 127 ASP X O   1 
ATOM   1001 C CB  . ASP A 1 127 ? 1.073   -19.607 5.516   1.00 19.45  ? 127 ASP X CB  1 
ATOM   1002 C CG  . ASP A 1 127 ? 1.221   -19.279 6.997   1.00 20.89  ? 127 ASP X CG  1 
ATOM   1003 O OD1 . ASP A 1 127 ? 0.779   -18.207 7.478   1.00 21.06  ? 127 ASP X OD1 1 
ATOM   1004 O OD2 . ASP A 1 127 ? 1.768   -20.151 7.705   1.00 21.46  ? 127 ASP X OD2 1 
ATOM   1005 N N   . ALA A 1 128 ? -1.590  -18.234 5.083   1.00 17.64  ? 128 ALA X N   1 
ATOM   1006 C CA  . ALA A 1 128 ? -2.849  -17.556 5.371   1.00 17.06  ? 128 ALA X CA  1 
ATOM   1007 C C   . ALA A 1 128 ? -2.762  -16.709 6.641   1.00 16.53  ? 128 ALA X C   1 
ATOM   1008 O O   . ALA A 1 128 ? -3.269  -15.584 6.655   1.00 16.74  ? 128 ALA X O   1 
ATOM   1009 C CB  . ALA A 1 128 ? -4.009  -18.567 5.475   1.00 16.34  ? 128 ALA X CB  1 
ATOM   1010 N N   . ALA A 1 129 ? -2.124  -17.255 7.686   1.00 15.53  ? 129 ALA X N   1 
ATOM   1011 C CA  . ALA A 1 129 ? -2.002  -16.592 8.997   1.00 15.14  ? 129 ALA X CA  1 
ATOM   1012 C C   . ALA A 1 129 ? -1.064  -15.385 8.984   1.00 14.61  ? 129 ALA X C   1 
ATOM   1013 O O   . ALA A 1 129 ? -1.385  -14.344 9.547   1.00 14.18  ? 129 ALA X O   1 
ATOM   1014 C CB  . ALA A 1 129 ? -1.558  -17.587 10.074  1.00 15.35  ? 129 ALA X CB  1 
ATOM   1015 N N   . GLU A 1 130 ? 0.088   -15.534 8.347   1.00 14.24  ? 130 GLU X N   1 
ATOM   1016 C CA  . GLU A 1 130 ? 1.047   -14.431 8.205   1.00 14.25  ? 130 GLU X CA  1 
ATOM   1017 C C   . GLU A 1 130 ? 0.457   -13.316 7.333   1.00 13.96  ? 130 GLU X C   1 
ATOM   1018 O O   . GLU A 1 130 ? 0.688   -12.135 7.576   1.00 13.56  ? 130 GLU X O   1 
ATOM   1019 C CB  . GLU A 1 130 ? 2.352   -14.941 7.593   1.00 14.50  ? 130 GLU X CB  1 
ATOM   1020 C CG  . GLU A 1 130 ? 3.099   -15.962 8.467   1.00 16.15  ? 130 GLU X CG  1 
ATOM   1021 C CD  . GLU A 1 130 ? 4.272   -16.637 7.747   1.00 19.21  ? 130 GLU X CD  1 
ATOM   1022 O OE1 . GLU A 1 130 ? 4.165   -16.924 6.529   1.00 20.58  ? 130 GLU X OE1 1 
ATOM   1023 O OE2 . GLU A 1 130 ? 5.304   -16.891 8.410   1.00 20.03  ? 130 GLU X OE2 1 
ATOM   1024 N N   . PHE A 1 131 ? -0.319  -13.700 6.324   1.00 13.50  ? 131 PHE X N   1 
ATOM   1025 C CA  . PHE A 1 131 ? -0.942  -12.732 5.444   1.00 13.07  ? 131 PHE X CA  1 
ATOM   1026 C C   . PHE A 1 131 ? -2.000  -11.974 6.220   1.00 13.36  ? 131 PHE X C   1 
ATOM   1027 O O   . PHE A 1 131 ? -2.015  -10.753 6.195   1.00 13.34  ? 131 PHE X O   1 
ATOM   1028 C CB  . PHE A 1 131 ? -1.558  -13.399 4.210   1.00 12.67  ? 131 PHE X CB  1 
ATOM   1029 C CG  . PHE A 1 131 ? -2.121  -12.424 3.221   1.00 12.25  ? 131 PHE X CG  1 
ATOM   1030 C CD1 . PHE A 1 131 ? -1.324  -11.911 2.202   1.00 12.42  ? 131 PHE X CD1 1 
ATOM   1031 C CD2 . PHE A 1 131 ? -3.435  -11.999 3.319   1.00 11.08  ? 131 PHE X CD2 1 
ATOM   1032 C CE1 . PHE A 1 131 ? -1.837  -11.004 1.284   1.00 12.10  ? 131 PHE X CE1 1 
ATOM   1033 C CE2 . PHE A 1 131 ? -3.960  -11.089 2.414   1.00 11.29  ? 131 PHE X CE2 1 
ATOM   1034 C CZ  . PHE A 1 131 ? -3.162  -10.595 1.385   1.00 11.01  ? 131 PHE X CZ  1 
ATOM   1035 N N   . ALA A 1 132 ? -2.891  -12.698 6.898   1.00 13.66  ? 132 ALA X N   1 
ATOM   1036 C CA  . ALA A 1 132 ? -3.951  -12.064 7.694   1.00 13.65  ? 132 ALA X CA  1 
ATOM   1037 C C   . ALA A 1 132 ? -3.409  -11.055 8.714   1.00 13.83  ? 132 ALA X C   1 
ATOM   1038 O O   . ALA A 1 132 ? -3.985  -9.967  8.905   1.00 13.13  ? 132 ALA X O   1 
ATOM   1039 C CB  . ALA A 1 132 ? -4.768  -13.104 8.397   1.00 13.97  ? 132 ALA X CB  1 
ATOM   1040 N N   . ARG A 1 133 ? -2.295  -11.408 9.347   1.00 13.63  ? 133 ARG X N   1 
ATOM   1041 C CA  . ARG A 1 133 ? -1.642  -10.516 10.290  1.00 14.31  ? 133 ARG X CA  1 
ATOM   1042 C C   . ARG A 1 133 ? -1.338  -9.141  9.658   1.00 14.04  ? 133 ARG X C   1 
ATOM   1043 O O   . ARG A 1 133 ? -1.541  -8.093  10.296  1.00 13.73  ? 133 ARG X O   1 
ATOM   1044 C CB  . ARG A 1 133 ? -0.366  -11.149 10.841  1.00 14.15  ? 133 ARG X CB  1 
ATOM   1045 C CG  . ARG A 1 133 ? 0.223   -10.356 11.989  1.00 16.21  ? 133 ARG X CG  1 
ATOM   1046 C CD  . ARG A 1 133 ? 1.739   -10.316 11.920  1.00 19.90  ? 133 ARG X CD  1 
ATOM   1047 N NE  . ARG A 1 133 ? 2.186   -9.037  12.450  1.00 25.89  ? 133 ARG X NE  1 
ATOM   1048 C CZ  . ARG A 1 133 ? 2.677   -8.028  11.737  1.00 27.87  ? 133 ARG X CZ  1 
ATOM   1049 N NH1 . ARG A 1 133 ? 2.843   -8.126  10.420  1.00 25.81  ? 133 ARG X NH1 1 
ATOM   1050 N NH2 . ARG A 1 133 ? 3.035   -6.909  12.366  1.00 31.44  ? 133 ARG X NH2 1 
ATOM   1051 N N   . THR A 1 134 ? -0.884  -9.136  8.403   1.00 13.41  ? 134 THR X N   1 
ATOM   1052 C CA  . THR A 1 134 ? -0.506  -7.880  7.740   1.00 12.49  ? 134 THR X CA  1 
ATOM   1053 C C   . THR A 1 134 ? -1.704  -6.966  7.445   1.00 12.35  ? 134 THR X C   1 
ATOM   1054 O O   . THR A 1 134 ? -1.516  -5.807  7.145   1.00 12.14  ? 134 THR X O   1 
ATOM   1055 C CB  . THR A 1 134 ? 0.284   -8.099  6.421   1.00 12.90  ? 134 THR X CB  1 
ATOM   1056 O OG1 . THR A 1 134 ? -0.592  -8.597  5.402   1.00 10.82  ? 134 THR X OG1 1 
ATOM   1057 C CG2 . THR A 1 134 ? 1.472   -9.040  6.625   1.00 12.24  ? 134 THR X CG2 1 
ATOM   1058 N N   . LEU A 1 135 ? -2.923  -7.505  7.508   1.00 12.47  ? 135 LEU X N   1 
ATOM   1059 C CA  . LEU A 1 135 ? -4.148  -6.723  7.349   1.00 12.24  ? 135 LEU X CA  1 
ATOM   1060 C C   . LEU A 1 135 ? -4.533  -5.987  8.622   1.00 13.02  ? 135 LEU X C   1 
ATOM   1061 O O   . LEU A 1 135 ? -5.218  -4.954  8.570   1.00 12.34  ? 135 LEU X O   1 
ATOM   1062 C CB  . LEU A 1 135 ? -5.317  -7.636  6.952   1.00 12.23  ? 135 LEU X CB  1 
ATOM   1063 C CG  . LEU A 1 135 ? -5.146  -8.499  5.699   1.00 12.09  ? 135 LEU X CG  1 
ATOM   1064 C CD1 . LEU A 1 135 ? -6.265  -9.492  5.574   1.00 10.46  ? 135 LEU X CD1 1 
ATOM   1065 C CD2 . LEU A 1 135 ? -5.045  -7.628  4.442   1.00 12.16  ? 135 LEU X CD2 1 
ATOM   1066 N N   . ALA A 1 136 ? -4.093  -6.521  9.763   1.00 13.49  ? 136 ALA X N   1 
ATOM   1067 C CA  . ALA A 1 136 ? -4.537  -6.046  11.079  1.00 14.15  ? 136 ALA X CA  1 
ATOM   1068 C C   . ALA A 1 136 ? -3.482  -5.278  11.911  1.00 14.69  ? 136 ALA X C   1 
ATOM   1069 O O   . ALA A 1 136 ? -3.838  -4.483  12.777  1.00 15.01  ? 136 ALA X O   1 
ATOM   1070 C CB  . ALA A 1 136 ? -5.096  -7.213  11.879  1.00 13.98  ? 136 ALA X CB  1 
ATOM   1071 N N   . ALA A 1 137 ? -2.198  -5.512  11.667  1.00 15.36  ? 137 ALA X N   1 
ATOM   1072 C CA  . ALA A 1 137 ? -1.152  -4.882  12.473  1.00 15.69  ? 137 ALA X CA  1 
ATOM   1073 C C   . ALA A 1 137 ? 0.035   -4.543  11.618  1.00 16.02  ? 137 ALA X C   1 
ATOM   1074 O O   . ALA A 1 137 ? 0.259   -5.221  10.608  1.00 15.20  ? 137 ALA X O   1 
ATOM   1075 C CB  . ALA A 1 137 ? -0.722  -5.796  13.641  1.00 15.97  ? 137 ALA X CB  1 
HETATM 1076 O O   . HOH B 2 .   ? -0.844  -8.153  -2.095  1.00 22.83  ? 139 HOH X O   1 
HETATM 1077 O O   . HOH B 2 .   ? 4.178   -5.894  -9.473  1.00 15.46  ? 140 HOH X O   1 
HETATM 1078 O O   . HOH B 2 .   ? -12.539 -3.024  -10.108 1.00 16.87  ? 141 HOH X O   1 
HETATM 1079 O O   . HOH B 2 .   ? -0.287  11.105  9.932   1.00 15.76  ? 142 HOH X O   1 
HETATM 1080 O O   . HOH B 2 .   ? -5.567  -20.459 -1.377  1.00 15.58  ? 143 HOH X O   1 
HETATM 1081 O O   . HOH B 2 .   ? 0.957   -19.424 1.328   1.00 26.71  ? 144 HOH X O   1 
HETATM 1082 O O   . HOH B 2 .   ? 1.041   5.952   -12.460 1.00 22.99  ? 145 HOH X O   1 
HETATM 1083 O O   . HOH B 2 .   ? -11.485 2.939   -5.972  1.00 22.11  ? 146 HOH X O   1 
HETATM 1084 O O   . HOH B 2 .   ? -13.147 0.660   0.518   1.00 23.47  ? 147 HOH X O   1 
HETATM 1085 O O   . HOH B 2 .   ? -8.484  7.399   -12.568 1.00 24.50  ? 148 HOH X O   1 
HETATM 1086 O O   . HOH B 2 .   ? -12.131 -4.581  -8.108  1.00 18.96  ? 149 HOH X O   1 
HETATM 1087 O O   . HOH B 2 .   ? 2.459   4.690   -11.293 1.00 29.52  ? 150 HOH X O   1 
HETATM 1088 O O   . HOH B 2 .   ? 5.396   7.198   11.936  1.00 16.91  ? 151 HOH X O   1 
HETATM 1089 O O   . HOH B 2 .   ? 9.291   2.782   6.472   1.00 26.97  ? 152 HOH X O   1 
HETATM 1090 O O   . HOH B 2 .   ? -8.644  11.391  11.534  1.00 24.57  ? 153 HOH X O   1 
HETATM 1091 O O   . HOH B 2 .   ? 1.977   26.326  2.813   1.00 20.64  ? 154 HOH X O   1 
HETATM 1092 O O   . HOH B 2 .   ? 5.736   4.019   15.803  1.00 31.34  ? 155 HOH X O   1 
HETATM 1093 O O   . HOH B 2 .   ? 5.432   15.923  2.858   1.00 15.67  ? 156 HOH X O   1 
HETATM 1094 O O   . HOH B 2 .   ? 10.494  6.594   -4.280  1.00 30.26  ? 157 HOH X O   1 
HETATM 1095 O O   . HOH B 2 .   ? 8.502   0.076   8.310   1.00 30.50  ? 158 HOH X O   1 
HETATM 1096 O O   . HOH B 2 .   ? -14.218 -2.821  -2.496  1.00 26.25  ? 159 HOH X O   1 
HETATM 1097 O O   . HOH B 2 .   ? -5.677  -4.007  -18.155 1.00 26.62  ? 160 HOH X O   1 
HETATM 1098 O O   . HOH B 2 .   ? 11.756  2.151   7.489   1.00 40.09  ? 161 HOH X O   1 
HETATM 1099 O O   . HOH B 2 .   ? -9.333  -5.993  2.520   1.00 33.61  ? 162 HOH X O   1 
HETATM 1100 O O   . HOH B 2 .   ? -0.736  7.246   16.554  1.00 43.30  ? 163 HOH X O   1 
HETATM 1101 O O   . HOH B 2 .   ? -12.366 0.000   8.968   1.00 28.79  ? 164 HOH X O   1 
HETATM 1102 O O   . HOH B 2 .   ? 4.500   17.281  9.366   1.00 38.37  ? 165 HOH X O   1 
HETATM 1103 O O   . HOH B 2 .   ? -8.721  6.905   5.169   1.00 33.53  ? 166 HOH X O   1 
HETATM 1104 O O   . HOH B 2 .   ? 1.591   17.556  9.088   1.00 34.79  ? 167 HOH X O   1 
HETATM 1105 O O   . HOH B 2 .   ? 7.922   18.267  8.657   1.00 45.29  ? 168 HOH X O   1 
HETATM 1106 O O   . HOH B 2 .   ? 0.828   -4.622  -15.604 1.00 31.07  ? 169 HOH X O   1 
HETATM 1107 O O   . HOH B 2 .   ? -12.240 3.085   -11.769 1.00 34.85  ? 170 HOH X O   1 
HETATM 1108 O O   . HOH B 2 .   ? 4.683   16.124  11.674  1.00 27.81  ? 171 HOH X O   1 
HETATM 1109 O O   . HOH B 2 .   ? 12.700  -4.935  -5.858  1.00 36.34  ? 172 HOH X O   1 
HETATM 1110 O O   . HOH B 2 .   ? -9.042  -11.127 -9.974  1.00 38.13  ? 173 HOH X O   1 
HETATM 1111 O O   . HOH B 2 .   ? 8.108   13.324  4.569   1.00 22.42  ? 174 HOH X O   1 
HETATM 1112 O O   . HOH B 2 .   ? 0.811   -4.925  16.933  1.00 36.38  ? 175 HOH X O   1 
HETATM 1113 O O   . HOH B 2 .   ? 3.630   -19.823 1.148   1.00 26.90  ? 176 HOH X O   1 
HETATM 1114 O O   . HOH B 2 .   ? -9.765  -9.152  -2.574  1.00 26.06  ? 177 HOH X O   1 
HETATM 1115 O O   . HOH B 2 .   ? 0.184   -13.891 -9.128  1.00 30.39  ? 178 HOH X O   1 
HETATM 1116 O O   . HOH B 2 .   ? 4.628   4.684   -13.190 1.00 46.04  ? 179 HOH X O   1 
HETATM 1117 O O   . HOH B 2 .   ? -13.555 1.969   -1.516  1.00 36.88  ? 180 HOH X O   1 
HETATM 1118 O O   . HOH B 2 .   ? 0.812   18.520  11.229  1.00 40.00  ? 181 HOH X O   1 
HETATM 1119 O O   . HOH B 2 .   ? -2.176  -4.657  17.357  1.00 34.70  ? 182 HOH X O   1 
HETATM 1120 O O   . HOH B 2 .   ? 14.814  4.688   -0.461  1.00 36.78  ? 183 HOH X O   1 
HETATM 1121 O O   . HOH B 2 .   ? -9.960  -7.263  -0.695  1.00 27.65  ? 184 HOH X O   1 
HETATM 1122 O O   . HOH B 2 .   ? 1.894   -15.641 -10.532 1.00 29.92  ? 185 HOH X O   1 
HETATM 1123 O O   . HOH B 2 .   ? 2.471   -19.713 10.155  1.00 29.59  ? 186 HOH X O   1 
HETATM 1124 O O   . HOH B 2 .   ? -6.636  -17.155 0.978   1.00 420.00 ? 187 HOH X O   1 
HETATM 1125 O O   . HOH B 2 .   ? 2.859   19.913  8.803   1.00 38.64  ? 188 HOH X O   1 
HETATM 1126 O O   . HOH B 2 .   ? -6.120  3.782   -18.019 1.00 29.36  ? 189 HOH X O   1 
HETATM 1127 O O   . HOH B 2 .   ? 4.980   -8.664  6.590   1.00 32.42  ? 190 HOH X O   1 
HETATM 1128 O O   . HOH B 2 .   ? -15.412 -1.683  -10.253 1.00 34.67  ? 191 HOH X O   1 
HETATM 1129 O O   . HOH B 2 .   ? -14.256 0.812   -9.973  1.00 26.90  ? 192 HOH X O   1 
HETATM 1130 O O   . HOH B 2 .   ? -2.978  -2.498  3.080   1.00 8.21   ? 193 HOH X O   1 
HETATM 1131 O O   . HOH B 2 .   ? 12.858  2.878   -0.525  1.00 40.79  ? 194 HOH X O   1 
HETATM 1132 O O   . HOH B 2 .   ? 0.900   -8.611  -14.843 1.00 31.92  ? 195 HOH X O   1 
HETATM 1133 O O   . HOH B 2 .   ? 6.530   19.684  -1.945  1.00 31.98  ? 196 HOH X O   1 
HETATM 1134 O O   . HOH B 2 .   ? -9.090  5.579   15.167  1.00 39.33  ? 197 HOH X O   1 
HETATM 1135 O O   . HOH B 2 .   ? 9.824   -0.142  -3.430  1.00 29.72  ? 198 HOH X O   1 
HETATM 1136 O O   . HOH B 2 .   ? -10.285 7.633   16.308  1.00 43.62  ? 199 HOH X O   1 
HETATM 1137 O O   . HOH B 2 .   ? -7.921  -8.139  -12.541 1.00 38.60  ? 200 HOH X O   1 
HETATM 1138 O O   . HOH B 2 .   ? 3.049   -11.640 9.038   1.00 13.83  ? 201 HOH X O   1 
HETATM 1139 O O   . HOH B 2 .   ? 9.892   2.286   -2.265  1.00 34.66  ? 202 HOH X O   1 
HETATM 1140 O O   . HOH B 2 .   ? -8.884  4.474   4.560   1.00 24.97  ? 203 HOH X O   1 
HETATM 1141 O O   . HOH B 2 .   ? 4.635   0.565   -15.500 1.00 46.78  ? 204 HOH X O   1 
HETATM 1142 O O   . HOH B 2 .   ? 9.617   13.720  -2.612  1.00 32.87  ? 205 HOH X O   1 
HETATM 1143 O O   . HOH B 2 .   ? 2.830   -1.861  11.549  1.00 28.77  ? 206 HOH X O   1 
HETATM 1144 O O   . HOH B 2 .   ? -2.847  7.001   18.964  1.00 22.84  ? 207 HOH X O   1 
# 
